data_1YUD
#
_entry.id   1YUD
#
_cell.length_a   98.441
_cell.length_b   94.100
_cell.length_c   117.100
_cell.angle_alpha   90.00
_cell.angle_beta   111.80
_cell.angle_gamma   90.00
#
_symmetry.space_group_name_H-M   'P 1 21 1'
#
loop_
_entity.id
_entity.type
_entity.pdbx_description
1 polymer 'hypothetical protein SO0799'
2 water water
#
_entity_poly.entity_id   1
_entity_poly.type   'polypeptide(L)'
_entity_poly.pdbx_seq_one_letter_code
;(MSE)GHHHHHHSH(MSE)QNADDFIKFLELEQHVEGGFYRSSYRSETAFDPSRQLWSSIYFLLRTGEVSHFHRLTADE
(MSE)WYFHAGQSLTIY(MSE)ISPEGELTTAQLGLDLAAGERPQFLVPKGCIFGSA(MSE)NQDGFSLVGC(MSE)VSP
GFTFDDFELFSQEALLA(MSE)YPQHKAVVQKLSRPEVN
;
_entity_poly.pdbx_strand_id   A,B,C,D,E,F,G,H,I,J
#
# COMPACT_ATOMS: atom_id res chain seq x y z
N GLN A 12 -19.15 -35.63 12.06
CA GLN A 12 -19.96 -35.86 13.25
C GLN A 12 -21.45 -35.83 12.96
N ASN A 13 -22.22 -36.54 13.78
CA ASN A 13 -23.66 -36.58 13.61
C ASN A 13 -24.37 -36.38 14.95
N ALA A 14 -25.68 -36.18 14.90
CA ALA A 14 -26.46 -35.94 16.10
C ALA A 14 -26.19 -36.93 17.23
N ASP A 15 -25.77 -38.14 16.89
CA ASP A 15 -25.51 -39.14 17.91
C ASP A 15 -24.28 -38.81 18.75
N ASP A 16 -23.28 -38.23 18.11
CA ASP A 16 -22.04 -37.84 18.78
C ASP A 16 -22.32 -36.72 19.77
N PHE A 17 -23.09 -35.74 19.32
CA PHE A 17 -23.44 -34.59 20.14
C PHE A 17 -24.28 -34.96 21.34
N ILE A 18 -25.38 -35.67 21.12
CA ILE A 18 -26.22 -36.04 22.24
C ILE A 18 -25.41 -36.82 23.27
N LYS A 19 -24.45 -37.61 22.79
CA LYS A 19 -23.60 -38.42 23.67
C LYS A 19 -22.57 -37.60 24.42
N PHE A 20 -21.64 -36.98 23.70
CA PHE A 20 -20.60 -36.18 24.33
C PHE A 20 -21.13 -35.05 25.18
N LEU A 21 -22.21 -34.41 24.72
CA LEU A 21 -22.80 -33.31 25.47
C LEU A 21 -23.90 -33.78 26.42
N GLU A 22 -24.14 -35.09 26.44
CA GLU A 22 -25.14 -35.70 27.34
C GLU A 22 -26.51 -35.07 27.22
N LEU A 23 -27.05 -35.03 26.01
CA LEU A 23 -28.37 -34.43 25.75
C LEU A 23 -29.59 -35.31 26.01
N GLU A 24 -30.47 -34.85 26.90
CA GLU A 24 -31.68 -35.58 27.25
C GLU A 24 -32.89 -34.85 26.66
N GLN A 25 -33.90 -35.59 26.24
CA GLN A 25 -35.12 -35.02 25.65
C GLN A 25 -35.66 -33.83 26.42
N HIS A 26 -36.20 -32.86 25.69
CA HIS A 26 -36.77 -31.67 26.31
C HIS A 26 -38.28 -31.80 26.21
N VAL A 27 -39.00 -31.37 27.23
CA VAL A 27 -40.45 -31.50 27.21
C VAL A 27 -41.10 -30.89 25.98
N GLU A 28 -40.44 -29.88 25.40
CA GLU A 28 -40.98 -29.21 24.23
C GLU A 28 -40.51 -29.88 22.95
N GLY A 29 -39.69 -30.92 23.08
CA GLY A 29 -39.17 -31.60 21.92
C GLY A 29 -37.65 -31.45 21.85
N GLY A 30 -37.04 -32.09 20.87
CA GLY A 30 -35.60 -31.99 20.71
C GLY A 30 -34.79 -32.54 21.88
N PHE A 31 -33.50 -32.20 21.88
CA PHE A 31 -32.57 -32.63 22.91
C PHE A 31 -31.87 -31.44 23.55
N TYR A 32 -31.51 -31.56 24.82
CA TYR A 32 -30.85 -30.46 25.52
C TYR A 32 -30.00 -30.88 26.71
N ARG A 33 -29.27 -29.91 27.27
CA ARG A 33 -28.39 -30.11 28.42
C ARG A 33 -27.93 -28.72 28.83
N SER A 34 -28.14 -28.34 30.09
CA SER A 34 -27.68 -27.02 30.53
C SER A 34 -26.17 -27.01 30.45
N SER A 35 -25.64 -25.87 30.02
CA SER A 35 -24.20 -25.70 29.89
C SER A 35 -23.73 -24.99 31.15
N TYR A 36 -24.23 -23.78 31.36
CA TYR A 36 -23.87 -23.00 32.55
C TYR A 36 -25.07 -22.18 33.01
N ARG A 37 -25.08 -21.85 34.29
CA ARG A 37 -26.13 -21.01 34.86
C ARG A 37 -25.29 -19.86 35.43
N SER A 38 -25.91 -18.75 35.77
CA SER A 38 -25.16 -17.65 36.31
C SER A 38 -25.16 -17.75 37.82
N GLU A 39 -23.98 -17.70 38.43
CA GLU A 39 -23.89 -17.80 39.88
C GLU A 39 -24.41 -16.54 40.56
N THR A 40 -24.75 -15.53 39.78
CA THR A 40 -25.28 -14.27 40.29
C THR A 40 -26.81 -14.29 40.21
N ALA A 41 -27.46 -13.74 41.23
CA ALA A 41 -28.91 -13.73 41.27
C ALA A 41 -29.47 -12.47 40.69
N PHE A 42 -30.65 -12.60 40.10
CA PHE A 42 -31.36 -11.49 39.52
C PHE A 42 -32.36 -11.12 40.58
N ASP A 43 -33.31 -12.01 40.80
CA ASP A 43 -34.33 -11.84 41.83
C ASP A 43 -34.05 -12.95 42.83
N PRO A 44 -34.66 -12.86 44.02
CA PRO A 44 -34.41 -13.94 44.97
C PRO A 44 -34.93 -15.27 44.41
N SER A 45 -35.77 -15.16 43.39
CA SER A 45 -36.37 -16.30 42.74
C SER A 45 -35.50 -16.95 41.67
N ARG A 46 -35.33 -16.24 40.55
CA ARG A 46 -34.55 -16.71 39.40
C ARG A 46 -33.08 -16.28 39.44
N GLN A 47 -32.35 -16.59 38.37
CA GLN A 47 -30.92 -16.23 38.25
C GLN A 47 -30.68 -15.21 37.15
N LEU A 48 -29.47 -14.65 37.13
CA LEU A 48 -29.11 -13.64 36.14
C LEU A 48 -29.24 -14.20 34.71
N TRP A 49 -28.80 -15.44 34.51
CA TRP A 49 -28.89 -16.08 33.18
C TRP A 49 -28.67 -17.60 33.19
N SER A 50 -28.83 -18.20 32.02
CA SER A 50 -28.67 -19.64 31.85
C SER A 50 -28.49 -20.01 30.37
N SER A 51 -27.67 -21.01 30.08
CA SER A 51 -27.45 -21.46 28.71
C SER A 51 -27.58 -22.98 28.66
N ILE A 52 -28.10 -23.49 27.57
CA ILE A 52 -28.26 -24.91 27.39
C ILE A 52 -27.91 -25.23 25.96
N TYR A 53 -27.56 -26.47 25.70
CA TYR A 53 -27.27 -26.88 24.35
C TYR A 53 -28.68 -27.27 23.89
N PHE A 54 -28.87 -27.53 22.59
CA PHE A 54 -30.19 -27.92 22.11
C PHE A 54 -30.07 -28.45 20.70
N LEU A 55 -30.32 -29.76 20.55
CA LEU A 55 -30.18 -30.40 19.26
C LEU A 55 -31.48 -30.76 18.58
N LEU A 56 -31.43 -30.85 17.26
CA LEU A 56 -32.60 -31.18 16.48
C LEU A 56 -32.26 -32.18 15.37
N ARG A 57 -33.02 -33.28 15.32
CA ARG A 57 -32.84 -34.31 14.29
C ARG A 57 -34.07 -34.34 13.39
N THR A 58 -33.88 -34.87 12.20
CA THR A 58 -34.94 -34.98 11.19
C THR A 58 -36.34 -35.38 11.68
N GLY A 59 -36.43 -35.95 12.88
CA GLY A 59 -37.73 -36.33 13.39
C GLY A 59 -38.25 -35.37 14.44
N GLU A 60 -37.37 -34.48 14.90
CA GLU A 60 -37.72 -33.52 15.92
C GLU A 60 -37.88 -32.07 15.46
N VAL A 61 -38.80 -31.36 16.12
CA VAL A 61 -39.05 -29.95 15.88
C VAL A 61 -39.37 -29.41 17.27
N SER A 62 -39.10 -28.12 17.48
CA SER A 62 -39.38 -27.50 18.78
C SER A 62 -40.80 -26.96 18.75
N HIS A 63 -41.72 -27.66 19.39
CA HIS A 63 -43.13 -27.26 19.40
C HIS A 63 -43.46 -25.94 20.09
N PHE A 64 -44.32 -25.15 19.44
CA PHE A 64 -44.76 -23.88 19.95
C PHE A 64 -44.85 -23.88 21.48
N HIS A 65 -44.23 -22.87 22.08
CA HIS A 65 -44.20 -22.68 23.54
C HIS A 65 -43.89 -21.21 23.82
N ARG A 66 -44.18 -20.75 25.02
CA ARG A 66 -43.93 -19.36 25.36
C ARG A 66 -43.05 -19.17 26.59
N LEU A 67 -42.14 -18.20 26.52
CA LEU A 67 -41.24 -17.89 27.61
C LEU A 67 -41.58 -16.56 28.27
N THR A 68 -41.08 -16.38 29.49
CA THR A 68 -41.30 -15.18 30.27
C THR A 68 -40.14 -14.24 30.04
N ALA A 69 -39.04 -14.77 29.53
CA ALA A 69 -37.86 -13.96 29.30
C ALA A 69 -37.36 -14.12 27.87
N ASP A 70 -36.50 -13.20 27.45
CA ASP A 70 -35.95 -13.28 26.12
C ASP A 70 -35.03 -14.48 26.02
N GLU A 71 -34.70 -14.87 24.79
CA GLU A 71 -33.83 -16.00 24.62
C GLU A 71 -32.92 -15.74 23.44
N TRP A 73 -30.27 -16.96 20.61
CA TRP A 73 -30.00 -18.19 19.92
C TRP A 73 -28.68 -18.10 19.19
N TYR A 74 -27.77 -19.03 19.49
CA TYR A 74 -26.48 -19.04 18.84
C TYR A 74 -26.48 -20.25 17.92
N PHE A 75 -25.60 -20.26 16.93
CA PHE A 75 -25.54 -21.39 16.02
C PHE A 75 -24.18 -22.05 16.07
N HIS A 76 -24.16 -23.32 16.47
CA HIS A 76 -22.90 -24.06 16.55
C HIS A 76 -22.58 -24.81 15.27
N ALA A 77 -23.52 -25.65 14.82
CA ALA A 77 -23.28 -26.42 13.61
C ALA A 77 -24.52 -27.20 13.18
N GLY A 78 -24.44 -27.79 11.99
CA GLY A 78 -25.57 -28.56 11.50
C GLY A 78 -26.42 -27.92 10.43
N GLN A 79 -27.75 -27.91 10.65
CA GLN A 79 -28.70 -27.40 9.67
C GLN A 79 -29.42 -26.13 10.04
N SER A 80 -29.33 -25.12 9.18
CA SER A 80 -30.01 -23.86 9.42
C SER A 80 -31.43 -24.16 9.90
N LEU A 81 -31.91 -23.41 10.88
CA LEU A 81 -33.26 -23.61 11.40
C LEU A 81 -34.21 -22.52 10.91
N THR A 82 -35.35 -22.40 11.56
CA THR A 82 -36.32 -21.39 11.19
C THR A 82 -37.17 -21.16 12.40
N ILE A 83 -37.14 -19.94 12.91
CA ILE A 83 -37.92 -19.64 14.09
C ILE A 83 -39.27 -19.08 13.68
N TYR A 84 -40.32 -19.82 13.99
CA TYR A 84 -41.65 -19.38 13.67
C TYR A 84 -42.18 -18.75 14.94
N ILE A 86 -45.26 -16.14 16.75
CA ILE A 86 -46.61 -15.61 16.64
C ILE A 86 -46.84 -14.54 17.71
N SER A 87 -46.93 -13.29 17.29
CA SER A 87 -47.14 -12.16 18.21
C SER A 87 -48.43 -12.35 19.00
N PRO A 88 -48.51 -11.73 20.18
CA PRO A 88 -49.76 -11.90 20.95
C PRO A 88 -50.96 -11.38 20.16
N GLU A 89 -50.68 -10.59 19.13
CA GLU A 89 -51.72 -10.02 18.30
C GLU A 89 -52.00 -10.88 17.05
N GLY A 90 -51.53 -12.13 17.08
CA GLY A 90 -51.74 -13.04 15.96
C GLY A 90 -51.08 -12.56 14.69
N GLU A 91 -49.74 -12.55 14.71
CA GLU A 91 -48.93 -12.11 13.57
C GLU A 91 -47.72 -13.04 13.49
N LEU A 92 -47.62 -13.77 12.39
CA LEU A 92 -46.52 -14.73 12.21
C LEU A 92 -45.29 -14.16 11.53
N THR A 93 -44.16 -14.19 12.24
CA THR A 93 -42.88 -13.70 11.69
C THR A 93 -41.87 -14.86 11.64
N THR A 94 -40.89 -14.78 10.76
CA THR A 94 -39.90 -15.84 10.65
C THR A 94 -38.51 -15.29 10.57
N ALA A 95 -37.52 -16.11 10.89
CA ALA A 95 -36.13 -15.70 10.86
C ALA A 95 -35.25 -16.88 10.46
N GLN A 96 -34.13 -16.62 9.80
CA GLN A 96 -33.26 -17.72 9.39
C GLN A 96 -31.96 -17.85 10.14
N LEU A 97 -31.92 -18.78 11.10
CA LEU A 97 -30.70 -19.01 11.88
C LEU A 97 -29.81 -19.91 11.04
N GLY A 98 -28.50 -19.74 11.10
CA GLY A 98 -27.63 -20.59 10.30
C GLY A 98 -26.39 -19.87 9.83
N LEU A 99 -25.58 -20.52 9.01
CA LEU A 99 -24.32 -19.93 8.54
C LEU A 99 -24.22 -19.48 7.07
N ASP A 100 -25.33 -19.37 6.36
CA ASP A 100 -25.27 -18.93 4.95
C ASP A 100 -25.60 -17.44 4.88
N LEU A 101 -24.56 -16.62 4.69
CA LEU A 101 -24.76 -15.18 4.62
C LEU A 101 -25.38 -14.75 3.30
N ALA A 102 -25.26 -15.59 2.28
CA ALA A 102 -25.84 -15.31 0.97
C ALA A 102 -27.33 -15.04 1.18
N ALA A 103 -28.05 -16.04 1.67
CA ALA A 103 -29.48 -15.91 1.96
C ALA A 103 -29.50 -15.10 3.25
N GLY A 104 -30.70 -14.80 3.75
CA GLY A 104 -30.77 -14.02 4.98
C GLY A 104 -30.44 -14.77 6.26
N GLU A 105 -29.49 -15.70 6.21
CA GLU A 105 -29.14 -16.47 7.41
C GLU A 105 -28.17 -15.73 8.33
N ARG A 106 -28.46 -15.77 9.62
CA ARG A 106 -27.68 -15.09 10.64
C ARG A 106 -27.39 -16.01 11.85
N PRO A 107 -26.11 -16.11 12.28
CA PRO A 107 -25.74 -16.97 13.40
C PRO A 107 -26.45 -16.71 14.73
N GLN A 108 -26.92 -15.49 14.95
CA GLN A 108 -27.62 -15.20 16.20
C GLN A 108 -29.01 -14.65 15.97
N PHE A 109 -29.90 -14.92 16.88
CA PHE A 109 -31.22 -14.39 16.75
C PHE A 109 -31.82 -14.24 18.12
N LEU A 110 -32.68 -13.23 18.27
CA LEU A 110 -33.29 -12.96 19.55
C LEU A 110 -34.80 -13.15 19.49
N VAL A 111 -35.29 -14.18 20.17
CA VAL A 111 -36.72 -14.45 20.21
C VAL A 111 -37.31 -13.73 21.42
N PRO A 112 -37.98 -12.60 21.17
CA PRO A 112 -38.62 -11.75 22.20
C PRO A 112 -39.55 -12.49 23.12
N LYS A 113 -39.47 -12.17 24.41
CA LYS A 113 -40.34 -12.81 25.39
C LYS A 113 -41.81 -12.51 25.14
N GLY A 114 -42.67 -13.25 25.83
CA GLY A 114 -44.10 -13.05 25.71
C GLY A 114 -44.70 -13.52 24.39
N CYS A 115 -43.88 -14.04 23.49
CA CYS A 115 -44.38 -14.51 22.21
C CYS A 115 -44.31 -16.03 22.10
N ILE A 116 -45.29 -16.61 21.39
CA ILE A 116 -45.35 -18.07 21.19
C ILE A 116 -44.56 -18.42 19.94
N PHE A 117 -43.55 -19.27 20.11
CA PHE A 117 -42.66 -19.65 19.01
C PHE A 117 -42.22 -21.12 19.03
N GLY A 118 -41.67 -21.54 17.89
CA GLY A 118 -41.19 -22.89 17.72
C GLY A 118 -40.18 -22.89 16.58
N SER A 119 -39.58 -24.03 16.28
CA SER A 119 -38.60 -24.07 15.21
C SER A 119 -38.41 -25.45 14.61
N ALA A 120 -38.10 -25.47 13.33
CA ALA A 120 -37.85 -26.70 12.61
C ALA A 120 -36.53 -26.51 11.90
N ASN A 122 -34.19 -26.82 8.31
CA ASN A 122 -34.51 -26.43 6.94
C ASN A 122 -34.23 -27.58 5.97
N GLN A 123 -33.31 -28.46 6.36
CA GLN A 123 -32.91 -29.63 5.58
C GLN A 123 -32.80 -30.80 6.54
N ASP A 124 -32.81 -32.03 6.02
CA ASP A 124 -32.67 -33.20 6.88
C ASP A 124 -31.23 -33.25 7.37
N GLY A 125 -31.06 -33.62 8.64
CA GLY A 125 -29.73 -33.68 9.21
C GLY A 125 -29.85 -33.35 10.68
N PHE A 126 -28.85 -32.69 11.25
CA PHE A 126 -28.92 -32.33 12.66
C PHE A 126 -28.66 -30.85 12.90
N SER A 127 -28.94 -30.39 14.12
CA SER A 127 -28.70 -29.00 14.47
C SER A 127 -28.44 -28.76 15.94
N LEU A 128 -27.20 -28.38 16.22
CA LEU A 128 -26.77 -28.06 17.57
C LEU A 128 -26.98 -26.56 17.67
N VAL A 129 -27.55 -26.12 18.77
CA VAL A 129 -27.87 -24.73 18.95
C VAL A 129 -27.66 -24.25 20.38
N GLY A 130 -27.28 -22.98 20.52
CA GLY A 130 -27.07 -22.42 21.84
C GLY A 130 -28.24 -21.54 22.20
N CYS A 131 -28.80 -21.75 23.38
CA CYS A 131 -29.92 -20.95 23.83
C CYS A 131 -29.67 -20.36 25.20
N VAL A 133 -31.41 -17.75 27.85
CA VAL A 133 -32.58 -17.00 28.31
C VAL A 133 -32.08 -16.21 29.50
N SER A 134 -32.32 -14.90 29.51
CA SER A 134 -31.78 -14.04 30.55
C SER A 134 -32.17 -14.29 32.00
N PRO A 135 -33.34 -13.81 32.44
CA PRO A 135 -33.54 -14.16 33.85
C PRO A 135 -33.70 -15.68 34.00
N GLY A 136 -32.65 -16.34 34.48
CA GLY A 136 -32.66 -17.79 34.67
C GLY A 136 -33.94 -18.54 34.31
N PHE A 137 -33.84 -19.47 33.36
CA PHE A 137 -35.00 -20.24 32.94
C PHE A 137 -35.58 -21.19 33.98
N THR A 138 -36.58 -20.74 34.73
CA THR A 138 -37.24 -21.63 35.69
C THR A 138 -38.42 -22.15 34.87
N PHE A 139 -38.99 -23.29 35.23
CA PHE A 139 -40.10 -23.80 34.45
C PHE A 139 -41.40 -23.02 34.63
N ASP A 140 -41.34 -21.97 35.46
CA ASP A 140 -42.51 -21.13 35.70
C ASP A 140 -42.57 -20.18 34.52
N ASP A 141 -41.41 -19.94 33.91
CA ASP A 141 -41.30 -19.04 32.77
C ASP A 141 -41.52 -19.78 31.46
N PHE A 142 -41.98 -21.02 31.55
CA PHE A 142 -42.22 -21.85 30.39
C PHE A 142 -43.72 -22.08 30.21
N GLU A 143 -44.11 -22.56 29.03
CA GLU A 143 -45.51 -22.87 28.74
C GLU A 143 -45.67 -23.51 27.36
N LEU A 144 -45.92 -24.82 27.34
CA LEU A 144 -46.11 -25.55 26.09
C LEU A 144 -47.58 -25.46 25.69
N PHE A 145 -47.88 -25.49 24.40
CA PHE A 145 -49.27 -25.39 23.93
C PHE A 145 -49.81 -26.53 23.08
N SER A 146 -51.09 -26.84 23.29
CA SER A 146 -51.79 -27.91 22.58
C SER A 146 -52.23 -27.41 21.21
N GLN A 147 -52.31 -28.32 20.23
CA GLN A 147 -52.73 -27.93 18.89
C GLN A 147 -54.12 -27.29 18.99
N GLU A 148 -54.91 -27.80 19.92
CA GLU A 148 -56.27 -27.30 20.15
C GLU A 148 -56.28 -25.77 20.30
N ALA A 149 -55.80 -25.30 21.44
CA ALA A 149 -55.79 -23.87 21.72
C ALA A 149 -55.18 -23.08 20.57
N LEU A 150 -54.15 -23.63 19.94
CA LEU A 150 -53.48 -22.95 18.83
C LEU A 150 -54.31 -22.77 17.57
N LEU A 151 -55.27 -23.66 17.33
CA LEU A 151 -56.13 -23.51 16.15
C LEU A 151 -57.30 -22.62 16.54
N ALA A 152 -57.58 -22.56 17.85
CA ALA A 152 -58.64 -21.72 18.36
C ALA A 152 -58.11 -20.32 18.07
N TYR A 154 -55.59 -17.66 16.75
CA TYR A 154 -54.78 -17.75 15.53
C TYR A 154 -55.23 -18.87 14.59
N PRO A 155 -56.38 -18.69 13.91
CA PRO A 155 -56.89 -19.71 12.98
C PRO A 155 -56.22 -19.61 11.60
N GLN A 156 -55.82 -18.38 11.24
CA GLN A 156 -55.21 -18.10 9.95
C GLN A 156 -53.81 -18.70 9.75
N HIS A 157 -53.31 -19.39 10.76
CA HIS A 157 -51.97 -19.97 10.67
C HIS A 157 -51.94 -21.49 10.82
N LYS A 158 -53.10 -22.11 10.63
CA LYS A 158 -53.22 -23.56 10.75
C LYS A 158 -52.06 -24.31 10.10
N ALA A 159 -51.71 -23.93 8.88
CA ALA A 159 -50.62 -24.58 8.15
C ALA A 159 -49.35 -24.87 8.97
N VAL A 160 -48.85 -23.88 9.70
CA VAL A 160 -47.64 -24.07 10.50
C VAL A 160 -47.94 -24.58 11.90
N VAL A 161 -49.17 -24.35 12.38
CA VAL A 161 -49.54 -24.84 13.71
C VAL A 161 -49.58 -26.37 13.68
N GLN A 162 -49.90 -26.93 12.52
CA GLN A 162 -49.98 -28.38 12.33
C GLN A 162 -48.60 -29.01 12.19
N LYS A 163 -47.55 -28.24 12.40
CA LYS A 163 -46.19 -28.78 12.31
C LYS A 163 -45.44 -28.61 13.62
N LEU A 164 -45.61 -27.45 14.24
CA LEU A 164 -44.94 -27.14 15.51
C LEU A 164 -45.90 -27.27 16.68
N SER A 165 -46.82 -28.22 16.61
CA SER A 165 -47.78 -28.43 17.67
C SER A 165 -48.39 -29.82 17.55
N ARG A 166 -49.06 -30.27 18.61
CA ARG A 166 -49.72 -31.57 18.59
C ARG A 166 -50.99 -31.55 19.43
N PRO A 167 -52.04 -32.26 18.98
CA PRO A 167 -53.35 -32.37 19.60
C PRO A 167 -53.49 -33.09 20.94
N GLU A 168 -54.67 -32.96 21.53
CA GLU A 168 -55.04 -33.56 22.80
C GLU A 168 -54.16 -33.02 23.93
N GLN B 12 -36.84 14.01 16.54
CA GLN B 12 -35.51 13.49 16.23
C GLN B 12 -34.71 13.37 17.52
N ASN B 13 -34.74 12.18 18.11
CA ASN B 13 -34.07 11.90 19.36
C ASN B 13 -32.82 11.03 19.22
N ALA B 14 -31.89 11.15 20.17
CA ALA B 14 -30.65 10.39 20.15
C ALA B 14 -30.83 8.87 20.01
N ASP B 15 -31.78 8.31 20.74
CA ASP B 15 -32.01 6.87 20.67
C ASP B 15 -32.21 6.43 19.23
N ASP B 16 -33.00 7.20 18.48
CA ASP B 16 -33.27 6.88 17.08
C ASP B 16 -32.00 6.76 16.27
N PHE B 17 -31.09 7.71 16.43
CA PHE B 17 -29.84 7.65 15.70
C PHE B 17 -29.05 6.40 16.02
N ILE B 18 -28.98 6.03 17.30
CA ILE B 18 -28.21 4.85 17.65
C ILE B 18 -28.89 3.62 17.09
N LYS B 19 -30.22 3.61 17.08
CA LYS B 19 -30.99 2.50 16.52
C LYS B 19 -30.88 2.42 14.98
N PHE B 20 -31.27 3.48 14.27
CA PHE B 20 -31.21 3.49 12.81
C PHE B 20 -29.80 3.29 12.27
N LEU B 21 -28.84 4.04 12.80
CA LEU B 21 -27.46 3.90 12.32
C LEU B 21 -26.76 2.72 12.96
N GLU B 22 -27.41 2.08 13.94
CA GLU B 22 -26.83 0.90 14.61
C GLU B 22 -25.51 1.29 15.26
N LEU B 23 -25.53 2.29 16.10
CA LEU B 23 -24.30 2.75 16.73
C LEU B 23 -23.79 1.85 17.87
N GLU B 24 -22.47 1.78 17.96
CA GLU B 24 -21.77 0.98 18.97
C GLU B 24 -21.01 1.87 19.94
N GLN B 25 -21.03 1.52 21.22
CA GLN B 25 -20.28 2.26 22.22
C GLN B 25 -18.85 2.33 21.73
N HIS B 26 -18.22 3.49 21.86
CA HIS B 26 -16.84 3.62 21.42
C HIS B 26 -16.05 3.63 22.71
N VAL B 27 -14.87 3.02 22.71
CA VAL B 27 -14.07 2.98 23.94
C VAL B 27 -13.79 4.39 24.46
N GLU B 28 -13.46 5.30 23.55
CA GLU B 28 -13.18 6.70 23.91
C GLU B 28 -14.41 7.46 24.40
N GLY B 29 -15.57 6.82 24.47
CA GLY B 29 -16.78 7.51 24.90
C GLY B 29 -17.74 7.77 23.74
N GLY B 30 -19.03 7.96 24.04
CA GLY B 30 -19.99 8.20 22.97
C GLY B 30 -20.19 7.01 22.03
N PHE B 31 -21.05 7.14 21.02
CA PHE B 31 -21.31 6.03 20.10
C PHE B 31 -20.79 6.19 18.68
N TYR B 32 -20.41 5.08 18.04
CA TYR B 32 -19.90 5.11 16.66
C TYR B 32 -20.34 3.93 15.80
N ARG B 33 -19.75 3.84 14.61
CA ARG B 33 -20.00 2.77 13.65
C ARG B 33 -19.38 3.19 12.33
N SER B 34 -18.34 2.50 11.89
CA SER B 34 -17.75 2.85 10.62
C SER B 34 -18.85 2.86 9.56
N SER B 35 -18.73 3.78 8.59
CA SER B 35 -19.70 3.89 7.50
C SER B 35 -19.06 3.38 6.21
N TYR B 36 -17.83 3.84 5.93
CA TYR B 36 -17.11 3.40 4.73
C TYR B 36 -15.62 3.37 5.04
N ARG B 37 -14.83 2.88 4.11
CA ARG B 37 -13.39 2.78 4.28
C ARG B 37 -12.77 2.49 2.93
N SER B 38 -11.90 3.37 2.46
CA SER B 38 -11.27 3.22 1.16
C SER B 38 -10.93 1.79 0.73
N GLU B 39 -11.16 1.48 -0.55
CA GLU B 39 -10.83 0.17 -1.10
C GLU B 39 -9.50 0.32 -1.80
N THR B 40 -8.86 1.47 -1.60
CA THR B 40 -7.54 1.70 -2.19
C THR B 40 -6.58 1.62 -1.02
N ALA B 41 -5.32 1.30 -1.28
CA ALA B 41 -4.36 1.17 -0.20
C ALA B 41 -3.36 2.30 -0.06
N PHE B 42 -3.05 2.65 1.19
CA PHE B 42 -2.07 3.69 1.45
C PHE B 42 -0.77 2.91 1.57
N ASP B 43 -0.83 1.86 2.39
CA ASP B 43 0.28 0.95 2.62
C ASP B 43 -0.36 -0.41 2.87
N PRO B 44 0.43 -1.50 2.84
CA PRO B 44 -0.18 -2.81 3.08
C PRO B 44 -0.63 -2.95 4.54
N SER B 45 -0.87 -1.83 5.21
CA SER B 45 -1.29 -1.82 6.61
C SER B 45 -2.62 -1.07 6.79
N ARG B 46 -2.63 0.20 6.40
CA ARG B 46 -3.82 1.04 6.52
C ARG B 46 -4.47 1.29 5.16
N GLN B 47 -5.74 1.70 5.18
CA GLN B 47 -6.43 2.03 3.94
C GLN B 47 -6.25 3.54 3.71
N LEU B 48 -6.60 3.99 2.51
CA LEU B 48 -6.46 5.41 2.18
C LEU B 48 -7.29 6.32 3.11
N TRP B 49 -8.41 5.80 3.63
CA TRP B 49 -9.22 6.59 4.53
C TRP B 49 -10.32 5.76 5.18
N SER B 50 -10.86 6.25 6.27
CA SER B 50 -11.93 5.55 6.97
C SER B 50 -12.86 6.64 7.45
N SER B 51 -14.08 6.29 7.81
CA SER B 51 -15.00 7.31 8.30
C SER B 51 -16.02 6.66 9.19
N ILE B 52 -16.54 7.43 10.13
CA ILE B 52 -17.51 6.87 11.04
C ILE B 52 -18.54 7.89 11.37
N TYR B 53 -19.64 7.45 11.93
CA TYR B 53 -20.66 8.37 12.38
C TYR B 53 -20.21 8.42 13.83
N PHE B 54 -20.48 9.50 14.54
CA PHE B 54 -20.08 9.55 15.93
C PHE B 54 -21.09 10.42 16.65
N LEU B 55 -21.61 9.95 17.77
CA LEU B 55 -22.62 10.71 18.47
C LEU B 55 -22.41 10.86 19.98
N LEU B 56 -22.66 12.06 20.48
CA LEU B 56 -22.56 12.30 21.91
C LEU B 56 -24.00 12.29 22.37
N ARG B 57 -24.23 12.54 23.65
CA ARG B 57 -25.56 12.50 24.20
C ARG B 57 -25.39 12.98 25.65
N THR B 58 -26.41 13.60 26.23
CA THR B 58 -26.28 14.09 27.60
C THR B 58 -25.67 13.03 28.49
N GLY B 59 -24.63 13.42 29.23
CA GLY B 59 -23.95 12.49 30.11
C GLY B 59 -22.92 11.64 29.39
N GLU B 60 -22.50 12.11 28.22
CA GLU B 60 -21.52 11.41 27.40
C GLU B 60 -20.59 12.43 26.77
N VAL B 61 -19.30 12.11 26.71
CA VAL B 61 -18.34 13.02 26.11
C VAL B 61 -17.26 12.13 25.53
N SER B 62 -16.46 12.70 24.63
CA SER B 62 -15.38 12.01 23.97
C SER B 62 -14.08 12.32 24.71
N HIS B 63 -13.72 11.42 25.62
CA HIS B 63 -12.54 11.53 26.44
C HIS B 63 -11.27 11.77 25.70
N PHE B 64 -10.34 12.44 26.37
CA PHE B 64 -9.07 12.77 25.74
C PHE B 64 -8.38 11.55 25.18
N HIS B 65 -7.88 11.65 23.96
CA HIS B 65 -7.16 10.54 23.35
C HIS B 65 -6.27 11.13 22.26
N ARG B 66 -5.53 10.31 21.53
CA ARG B 66 -4.65 10.84 20.52
C ARG B 66 -4.50 9.91 19.32
N LEU B 67 -4.49 10.49 18.12
CA LEU B 67 -4.38 9.72 16.88
C LEU B 67 -3.01 9.95 16.30
N THR B 68 -2.70 9.18 15.27
CA THR B 68 -1.42 9.28 14.62
C THR B 68 -1.66 9.89 13.28
N ALA B 69 -2.91 10.24 13.04
CA ALA B 69 -3.25 10.89 11.76
C ALA B 69 -4.29 12.00 11.95
N ASP B 70 -4.23 13.00 11.07
CA ASP B 70 -5.19 14.11 11.13
C ASP B 70 -6.58 13.51 10.99
N GLU B 71 -7.56 14.16 11.60
CA GLU B 71 -8.93 13.67 11.52
C GLU B 71 -9.91 14.81 11.22
N TRP B 73 -13.52 16.55 10.90
CA TRP B 73 -14.79 16.42 11.59
C TRP B 73 -15.86 17.04 10.71
N TYR B 74 -17.08 16.53 10.78
CA TYR B 74 -18.15 17.04 9.95
C TYR B 74 -19.38 17.13 10.79
N PHE B 75 -19.96 18.32 10.95
CA PHE B 75 -21.17 18.40 11.75
C PHE B 75 -22.33 17.80 10.92
N HIS B 76 -23.19 17.00 11.55
CA HIS B 76 -24.34 16.39 10.87
C HIS B 76 -25.65 16.86 11.50
N ALA B 77 -25.71 16.98 12.83
CA ALA B 77 -26.97 17.40 13.44
C ALA B 77 -26.89 17.66 14.94
N GLY B 78 -28.04 17.93 15.54
CA GLY B 78 -28.12 18.17 16.97
C GLY B 78 -27.28 19.33 17.51
N GLN B 79 -26.99 19.26 18.81
CA GLN B 79 -26.20 20.27 19.52
C GLN B 79 -24.83 20.59 18.94
N SER B 80 -24.34 21.81 19.16
CA SER B 80 -23.02 22.16 18.64
C SER B 80 -22.00 21.62 19.63
N LEU B 81 -20.74 21.53 19.21
CA LEU B 81 -19.71 20.97 20.06
C LEU B 81 -18.48 21.81 20.20
N THR B 82 -17.83 21.63 21.34
CA THR B 82 -16.58 22.30 21.63
C THR B 82 -15.53 21.22 21.59
N ILE B 83 -14.60 21.36 20.67
CA ILE B 83 -13.52 20.39 20.60
C ILE B 83 -12.32 20.93 21.37
N TYR B 84 -11.93 20.25 22.44
CA TYR B 84 -10.78 20.68 23.24
C TYR B 84 -9.51 19.97 22.75
N ILE B 86 -5.09 19.83 23.60
CA ILE B 86 -3.85 20.19 24.27
C ILE B 86 -2.65 19.84 23.39
N SER B 87 -1.72 20.77 23.24
CA SER B 87 -0.55 20.50 22.41
C SER B 87 0.42 19.69 23.26
N PRO B 88 1.42 19.06 22.64
CA PRO B 88 2.33 18.30 23.49
C PRO B 88 2.95 19.18 24.58
N GLU B 89 3.11 20.47 24.27
CA GLU B 89 3.71 21.45 25.18
C GLU B 89 2.74 21.97 26.23
N GLY B 90 1.49 21.54 26.15
CA GLY B 90 0.50 21.96 27.14
C GLY B 90 -0.44 23.07 26.73
N GLU B 91 -0.36 23.54 25.49
CA GLU B 91 -1.23 24.62 25.03
C GLU B 91 -2.68 24.14 24.79
N LEU B 92 -3.58 24.47 25.71
CA LEU B 92 -4.97 24.09 25.57
C LEU B 92 -5.76 25.02 24.65
N THR B 93 -6.22 24.53 23.50
CA THR B 93 -7.05 25.37 22.61
C THR B 93 -8.39 24.67 22.44
N THR B 94 -9.33 25.35 21.79
CA THR B 94 -10.64 24.78 21.56
C THR B 94 -11.17 25.29 20.22
N ALA B 95 -12.21 24.65 19.69
CA ALA B 95 -12.80 25.03 18.41
C ALA B 95 -14.27 24.66 18.43
N GLN B 96 -15.13 25.56 17.95
CA GLN B 96 -16.57 25.28 17.95
C GLN B 96 -17.02 24.66 16.63
N LEU B 97 -17.70 23.52 16.70
CA LEU B 97 -18.20 22.88 15.49
C LEU B 97 -19.72 22.88 15.52
N GLY B 98 -20.31 23.46 14.48
CA GLY B 98 -21.75 23.53 14.41
C GLY B 98 -22.16 24.38 13.23
N LEU B 99 -23.42 24.81 13.24
CA LEU B 99 -24.01 25.62 12.19
C LEU B 99 -24.10 27.11 12.54
N ASP B 100 -24.22 27.43 13.82
CA ASP B 100 -24.32 28.82 14.26
C ASP B 100 -23.11 29.68 13.85
N LEU B 101 -23.11 30.14 12.60
CA LEU B 101 -22.05 30.97 12.02
C LEU B 101 -21.82 32.28 12.76
N ALA B 102 -22.89 32.85 13.32
CA ALA B 102 -22.81 34.09 14.07
C ALA B 102 -21.74 33.92 15.13
N ALA B 103 -21.93 32.92 15.98
CA ALA B 103 -20.99 32.63 17.04
C ALA B 103 -19.78 31.99 16.34
N GLY B 104 -18.70 31.76 17.07
CA GLY B 104 -17.51 31.19 16.44
C GLY B 104 -17.65 29.99 15.51
N GLU B 105 -18.69 29.18 15.74
CA GLU B 105 -18.98 27.95 15.01
C GLU B 105 -18.73 27.84 13.52
N ARG B 106 -18.47 26.61 13.10
CA ARG B 106 -18.18 26.27 11.72
C ARG B 106 -18.58 24.78 11.61
N PRO B 107 -18.96 24.29 10.42
CA PRO B 107 -19.35 22.88 10.37
C PRO B 107 -18.27 21.88 10.00
N GLN B 108 -17.01 22.31 10.01
CA GLN B 108 -15.93 21.41 9.67
C GLN B 108 -14.67 21.83 10.38
N PHE B 109 -14.19 21.00 11.30
CA PHE B 109 -12.95 21.33 11.98
C PHE B 109 -11.95 20.21 11.66
N LEU B 110 -10.66 20.52 11.74
CA LEU B 110 -9.62 19.53 11.47
C LEU B 110 -8.69 19.40 12.67
N VAL B 111 -8.91 18.39 13.51
CA VAL B 111 -8.06 18.19 14.68
C VAL B 111 -6.90 17.36 14.17
N PRO B 112 -5.68 17.96 14.13
CA PRO B 112 -4.44 17.32 13.65
C PRO B 112 -3.76 16.38 14.62
N LYS B 113 -3.00 15.45 14.06
CA LYS B 113 -2.28 14.40 14.79
C LYS B 113 -1.18 14.86 15.74
N GLY B 114 -1.12 14.24 16.91
CA GLY B 114 -0.06 14.58 17.86
C GLY B 114 -0.57 15.27 19.09
N CYS B 115 -1.82 15.69 19.04
CA CYS B 115 -2.37 16.35 20.17
C CYS B 115 -3.37 15.44 20.83
N ILE B 116 -3.64 15.74 22.10
CA ILE B 116 -4.58 14.98 22.86
C ILE B 116 -5.86 15.77 22.83
N PHE B 117 -6.93 15.20 22.27
CA PHE B 117 -8.19 15.91 22.24
C PHE B 117 -9.37 15.13 22.79
N GLY B 118 -10.48 15.86 22.92
CA GLY B 118 -11.70 15.29 23.43
C GLY B 118 -12.78 16.25 22.98
N SER B 119 -14.00 16.07 23.46
CA SER B 119 -15.08 16.97 23.07
C SER B 119 -16.31 16.68 23.84
N ALA B 120 -17.14 17.69 23.95
CA ALA B 120 -18.40 17.56 24.68
C ALA B 120 -19.37 18.52 24.03
N ASN B 122 -22.24 21.54 23.96
CA ASN B 122 -22.26 22.86 24.58
C ASN B 122 -23.56 22.95 25.33
N GLN B 123 -24.47 22.05 24.98
CA GLN B 123 -25.78 22.00 25.62
C GLN B 123 -26.32 20.55 25.61
N ASP B 124 -27.35 20.31 26.41
CA ASP B 124 -27.96 18.99 26.50
C ASP B 124 -28.54 18.50 25.18
N GLY B 125 -28.92 17.23 25.16
CA GLY B 125 -29.51 16.64 23.98
C GLY B 125 -28.62 15.61 23.32
N PHE B 126 -28.11 15.92 22.13
CA PHE B 126 -27.24 14.98 21.45
C PHE B 126 -26.52 15.68 20.33
N SER B 127 -25.54 14.97 19.76
CA SER B 127 -24.80 15.49 18.64
C SER B 127 -24.38 14.34 17.73
N LEU B 128 -24.66 14.48 16.44
CA LEU B 128 -24.25 13.46 15.51
C LEU B 128 -23.23 14.17 14.66
N VAL B 129 -22.11 13.50 14.41
CA VAL B 129 -20.99 14.05 13.68
C VAL B 129 -20.33 12.94 12.86
N GLY B 130 -19.43 13.31 11.96
CA GLY B 130 -18.79 12.28 11.19
C GLY B 130 -17.34 12.60 11.16
N CYS B 131 -16.49 11.60 11.29
CA CYS B 131 -15.04 11.84 11.29
C CYS B 131 -14.32 10.93 10.32
N VAL B 133 -10.38 9.87 9.07
CA VAL B 133 -8.95 9.97 9.33
C VAL B 133 -8.37 9.31 8.08
N SER B 134 -7.44 10.00 7.44
CA SER B 134 -6.89 9.50 6.21
C SER B 134 -6.23 8.13 6.33
N PRO B 135 -5.00 8.05 6.86
CA PRO B 135 -4.67 6.62 6.84
C PRO B 135 -5.70 5.90 7.70
N GLY B 136 -6.50 5.05 7.06
CA GLY B 136 -7.54 4.31 7.76
C GLY B 136 -7.24 4.02 9.22
N PHE B 137 -8.22 4.27 10.07
CA PHE B 137 -8.03 4.04 11.48
C PHE B 137 -7.97 2.58 11.90
N THR B 138 -6.98 2.30 12.75
CA THR B 138 -6.72 0.97 13.32
C THR B 138 -6.35 1.33 14.77
N PHE B 139 -6.67 0.50 15.73
CA PHE B 139 -6.36 0.88 17.10
C PHE B 139 -4.88 1.01 17.44
N ASP B 140 -4.03 0.99 16.43
CA ASP B 140 -2.59 1.14 16.64
C ASP B 140 -2.24 2.60 16.44
N ASP B 141 -3.26 3.39 16.08
CA ASP B 141 -3.08 4.81 15.87
C ASP B 141 -4.00 5.53 16.85
N PHE B 142 -4.39 4.82 17.89
CA PHE B 142 -5.28 5.38 18.89
C PHE B 142 -4.58 5.26 20.24
N GLU B 143 -4.84 6.20 21.14
CA GLU B 143 -4.25 6.14 22.47
C GLU B 143 -5.13 6.90 23.41
N LEU B 144 -5.63 6.21 24.43
CA LEU B 144 -6.49 6.88 25.40
C LEU B 144 -5.62 7.25 26.59
N PHE B 145 -6.13 8.07 27.51
CA PHE B 145 -5.33 8.49 28.64
C PHE B 145 -6.08 8.51 29.97
N SER B 146 -5.41 8.03 31.01
CA SER B 146 -6.01 7.99 32.32
C SER B 146 -6.17 9.38 32.89
N GLN B 147 -7.22 9.58 33.69
CA GLN B 147 -7.41 10.88 34.29
C GLN B 147 -6.17 11.19 35.13
N GLU B 148 -5.65 10.15 35.79
CA GLU B 148 -4.45 10.22 36.61
C GLU B 148 -3.27 10.70 35.78
N ALA B 149 -3.03 10.07 34.63
CA ALA B 149 -1.92 10.47 33.79
C ALA B 149 -2.05 11.95 33.41
N LEU B 150 -3.22 12.32 32.88
CA LEU B 150 -3.50 13.69 32.41
C LEU B 150 -3.52 14.77 33.48
N LEU B 151 -3.44 14.39 34.74
CA LEU B 151 -3.41 15.37 35.81
C LEU B 151 -1.92 15.59 36.18
N ALA B 152 -1.14 14.52 36.15
CA ALA B 152 0.28 14.61 36.44
C ALA B 152 0.81 15.51 35.37
N TYR B 154 0.35 18.15 32.56
CA TYR B 154 -0.69 19.19 32.44
C TYR B 154 -1.54 19.40 33.72
N PRO B 155 -0.93 19.89 34.82
CA PRO B 155 -1.76 20.10 36.01
C PRO B 155 -2.62 21.35 35.82
N GLN B 156 -2.10 22.27 35.02
CA GLN B 156 -2.75 23.54 34.74
C GLN B 156 -4.13 23.42 34.10
N HIS B 157 -4.53 22.22 33.72
CA HIS B 157 -5.83 22.01 33.09
C HIS B 157 -6.73 21.06 33.86
N LYS B 158 -6.54 20.99 35.18
CA LYS B 158 -7.35 20.11 36.01
C LYS B 158 -8.83 20.15 35.65
N ALA B 159 -9.43 21.33 35.65
CA ALA B 159 -10.86 21.48 35.35
C ALA B 159 -11.33 20.83 34.04
N VAL B 160 -10.58 21.03 32.96
CA VAL B 160 -10.98 20.46 31.67
C VAL B 160 -10.67 18.97 31.61
N VAL B 161 -9.43 18.60 31.95
CA VAL B 161 -8.99 17.22 31.99
C VAL B 161 -9.94 16.40 32.85
N GLN B 162 -10.58 17.02 33.83
CA GLN B 162 -11.47 16.30 34.70
C GLN B 162 -12.83 15.99 34.11
N LYS B 163 -13.22 16.69 33.04
CA LYS B 163 -14.52 16.41 32.46
C LYS B 163 -14.38 15.53 31.24
N LEU B 164 -13.15 15.42 30.75
CA LEU B 164 -12.84 14.59 29.60
C LEU B 164 -11.87 13.46 29.95
N SER B 165 -11.90 13.00 31.20
CA SER B 165 -11.03 11.93 31.67
C SER B 165 -11.70 11.17 32.81
N ARG B 166 -11.44 9.87 32.86
CA ARG B 166 -12.00 9.01 33.89
C ARG B 166 -10.83 8.36 34.65
N PRO B 167 -10.95 8.23 35.99
CA PRO B 167 -9.92 7.63 36.82
C PRO B 167 -9.61 6.17 36.53
N GLU B 168 -8.36 5.79 36.77
CA GLU B 168 -7.86 4.43 36.54
C GLU B 168 -7.70 4.10 35.06
N GLN C 12 -31.43 30.52 10.77
CA GLN C 12 -30.33 30.75 9.84
C GLN C 12 -30.81 30.80 8.39
N ASN C 13 -30.01 31.45 7.53
CA ASN C 13 -30.37 31.64 6.12
C ASN C 13 -29.44 30.98 5.10
N ALA C 14 -29.98 30.73 3.91
CA ALA C 14 -29.23 30.11 2.83
C ALA C 14 -28.09 30.97 2.29
N ASP C 15 -28.20 32.29 2.43
CA ASP C 15 -27.17 33.19 1.95
C ASP C 15 -26.08 33.45 2.98
N ASP C 16 -26.42 33.26 4.25
CA ASP C 16 -25.44 33.46 5.31
C ASP C 16 -24.30 32.46 5.17
N PHE C 17 -24.63 31.25 4.74
CA PHE C 17 -23.63 30.21 4.54
C PHE C 17 -22.69 30.63 3.43
N ILE C 18 -23.22 30.97 2.25
CA ILE C 18 -22.35 31.40 1.17
C ILE C 18 -21.52 32.63 1.60
N LYS C 19 -22.08 33.46 2.48
CA LYS C 19 -21.34 34.63 2.95
C LYS C 19 -20.27 34.23 3.97
N PHE C 20 -20.70 33.77 5.13
CA PHE C 20 -19.78 33.36 6.19
C PHE C 20 -18.75 32.30 5.78
N LEU C 21 -19.19 31.28 5.04
CA LEU C 21 -18.28 30.24 4.59
C LEU C 21 -17.46 30.79 3.44
N GLU C 22 -17.91 31.91 2.89
CA GLU C 22 -17.22 32.56 1.79
C GLU C 22 -17.18 31.65 0.56
N LEU C 23 -18.36 31.20 0.16
CA LEU C 23 -18.50 30.29 -0.98
C LEU C 23 -18.41 30.97 -2.34
N GLU C 24 -18.05 30.20 -3.36
CA GLU C 24 -17.94 30.69 -4.73
C GLU C 24 -18.60 29.75 -5.73
N GLN C 25 -19.18 30.31 -6.80
CA GLN C 25 -19.82 29.48 -7.82
C GLN C 25 -18.94 28.31 -8.23
N HIS C 26 -19.54 27.14 -8.41
CA HIS C 26 -18.76 25.97 -8.83
C HIS C 26 -19.10 25.64 -10.27
N VAL C 27 -18.08 25.46 -11.08
CA VAL C 27 -18.28 25.17 -12.49
C VAL C 27 -19.29 24.05 -12.75
N GLU C 28 -19.52 23.20 -11.76
CA GLU C 28 -20.45 22.09 -11.93
C GLU C 28 -21.87 22.43 -11.43
N GLY C 29 -22.01 23.61 -10.83
CA GLY C 29 -23.31 24.00 -10.31
C GLY C 29 -23.13 24.27 -8.83
N GLY C 30 -24.05 25.02 -8.22
CA GLY C 30 -23.92 25.31 -6.81
C GLY C 30 -22.70 26.12 -6.41
N PHE C 31 -22.45 26.23 -5.11
CA PHE C 31 -21.31 26.99 -4.61
C PHE C 31 -20.41 26.10 -3.75
N TYR C 32 -19.15 26.50 -3.63
CA TYR C 32 -18.20 25.71 -2.86
C TYR C 32 -17.11 26.57 -2.24
N ARG C 33 -16.21 25.89 -1.53
CA ARG C 33 -15.06 26.52 -0.91
C ARG C 33 -14.29 25.43 -0.19
N SER C 34 -13.00 25.35 -0.48
CA SER C 34 -12.14 24.36 0.15
C SER C 34 -12.00 24.65 1.63
N SER C 35 -12.43 23.71 2.48
CA SER C 35 -12.30 23.87 3.94
C SER C 35 -10.86 23.58 4.35
N TYR C 36 -10.39 22.35 4.10
CA TYR C 36 -9.01 22.00 4.43
C TYR C 36 -8.48 21.08 3.36
N ARG C 37 -7.19 20.77 3.47
CA ARG C 37 -6.53 19.87 2.53
C ARG C 37 -5.31 19.27 3.25
N SER C 38 -5.22 17.95 3.26
CA SER C 38 -4.13 17.26 3.93
C SER C 38 -2.73 17.83 3.69
N GLU C 39 -1.92 17.85 4.74
CA GLU C 39 -0.55 18.34 4.64
C GLU C 39 0.39 17.22 4.23
N THR C 40 -0.07 15.99 4.42
CA THR C 40 0.72 14.83 4.06
C THR C 40 0.49 14.56 2.57
N ALA C 41 1.56 14.23 1.87
CA ALA C 41 1.46 13.96 0.44
C ALA C 41 1.03 12.55 0.12
N PHE C 42 0.39 12.40 -1.04
CA PHE C 42 -0.07 11.10 -1.50
C PHE C 42 1.00 10.64 -2.48
N ASP C 43 1.23 11.52 -3.45
CA ASP C 43 2.22 11.36 -4.50
C ASP C 43 2.76 12.75 -4.74
N PRO C 44 3.84 12.86 -5.52
CA PRO C 44 4.36 14.22 -5.75
C PRO C 44 3.26 15.13 -6.31
N SER C 45 2.19 14.50 -6.79
CA SER C 45 1.05 15.21 -7.36
C SER C 45 -0.01 15.58 -6.31
N ARG C 46 -1.19 14.99 -6.43
CA ARG C 46 -2.31 15.23 -5.51
C ARG C 46 -1.91 15.00 -4.06
N GLN C 47 -2.59 15.69 -3.14
CA GLN C 47 -2.32 15.51 -1.71
C GLN C 47 -3.13 14.31 -1.23
N LEU C 48 -2.82 13.81 -0.03
CA LEU C 48 -3.51 12.66 0.53
C LEU C 48 -5.04 12.74 0.41
N TRP C 49 -5.62 13.84 0.86
CA TRP C 49 -7.07 14.06 0.78
C TRP C 49 -7.39 15.55 0.69
N SER C 50 -8.65 15.87 0.37
CA SER C 50 -9.09 17.26 0.23
C SER C 50 -10.55 17.40 0.64
N SER C 51 -10.91 18.48 1.31
CA SER C 51 -12.29 18.69 1.72
C SER C 51 -12.79 20.07 1.38
N ILE C 52 -14.08 20.16 1.09
CA ILE C 52 -14.67 21.41 0.70
C ILE C 52 -16.09 21.52 1.21
N TYR C 53 -16.56 22.75 1.37
CA TYR C 53 -17.93 22.98 1.77
C TYR C 53 -18.61 22.96 0.41
N PHE C 54 -19.92 22.73 0.35
CA PHE C 54 -20.61 22.72 -0.93
C PHE C 54 -22.08 22.97 -0.71
N LEU C 55 -22.58 24.06 -1.27
CA LEU C 55 -23.98 24.42 -1.07
C LEU C 55 -24.79 24.40 -2.35
N LEU C 56 -26.12 24.40 -2.18
CA LEU C 56 -27.06 24.38 -3.28
C LEU C 56 -28.28 25.18 -2.82
N ARG C 57 -28.72 26.12 -3.65
CA ARG C 57 -29.86 26.97 -3.33
C ARG C 57 -31.17 26.53 -3.94
N THR C 58 -32.25 27.14 -3.45
CA THR C 58 -33.62 26.85 -3.87
C THR C 58 -33.82 26.67 -5.37
N GLY C 59 -32.76 26.85 -6.17
CA GLY C 59 -32.96 26.66 -7.59
C GLY C 59 -31.84 25.99 -8.36
N GLU C 60 -30.86 25.42 -7.68
CA GLU C 60 -29.74 24.80 -8.39
C GLU C 60 -29.60 23.29 -8.26
N VAL C 61 -28.60 22.76 -8.98
CA VAL C 61 -28.33 21.33 -8.99
C VAL C 61 -26.86 21.08 -9.31
N SER C 62 -26.37 19.89 -8.96
CA SER C 62 -24.98 19.56 -9.27
C SER C 62 -25.05 18.81 -10.59
N HIS C 63 -24.37 19.32 -11.61
CA HIS C 63 -24.41 18.69 -12.91
C HIS C 63 -23.52 17.46 -13.08
N PHE C 64 -24.03 16.45 -13.80
CA PHE C 64 -23.28 15.22 -14.03
C PHE C 64 -21.80 15.46 -14.29
N HIS C 65 -20.96 14.57 -13.76
CA HIS C 65 -19.52 14.63 -13.91
C HIS C 65 -18.88 13.38 -13.34
N ARG C 66 -17.69 13.05 -13.82
CA ARG C 66 -16.96 11.88 -13.36
C ARG C 66 -15.76 12.34 -12.52
N LEU C 67 -15.21 11.43 -11.73
CA LEU C 67 -14.08 11.76 -10.88
C LEU C 67 -13.09 10.61 -10.94
N THR C 68 -11.80 10.90 -10.86
CA THR C 68 -10.82 9.83 -10.91
C THR C 68 -10.52 9.33 -9.50
N ALA C 69 -11.43 9.59 -8.57
CA ALA C 69 -11.25 9.17 -7.18
C ALA C 69 -12.59 9.16 -6.45
N ASP C 70 -12.62 8.53 -5.29
CA ASP C 70 -13.85 8.46 -4.52
C ASP C 70 -14.22 9.82 -3.97
N GLU C 71 -15.33 9.88 -3.25
CA GLU C 71 -15.75 11.14 -2.65
C GLU C 71 -16.79 10.87 -1.58
N TRP C 73 -19.51 12.11 1.12
CA TRP C 73 -20.43 13.22 1.22
C TRP C 73 -20.99 13.31 2.62
N TYR C 74 -20.86 14.49 3.24
CA TYR C 74 -21.36 14.68 4.59
C TYR C 74 -22.45 15.75 4.63
N PHE C 75 -23.56 15.43 5.29
CA PHE C 75 -24.66 16.37 5.41
C PHE C 75 -24.43 17.30 6.59
N HIS C 76 -24.33 18.61 6.33
CA HIS C 76 -24.14 19.60 7.41
C HIS C 76 -25.47 20.20 7.83
N ALA C 77 -26.24 20.71 6.88
CA ALA C 77 -27.53 21.30 7.22
C ALA C 77 -28.39 21.50 6.00
N GLY C 78 -29.68 21.72 6.22
CA GLY C 78 -30.56 21.99 5.09
C GLY C 78 -31.65 21.06 4.61
N GLN C 79 -31.59 20.79 3.31
CA GLN C 79 -32.56 19.97 2.61
C GLN C 79 -31.93 18.66 2.13
N SER C 80 -32.64 17.56 2.29
CA SER C 80 -32.12 16.27 1.83
C SER C 80 -31.86 16.34 0.34
N LEU C 81 -31.00 15.46 -0.15
CA LEU C 81 -30.65 15.45 -1.56
C LEU C 81 -30.75 14.04 -2.11
N THR C 82 -30.60 13.93 -3.41
CA THR C 82 -30.62 12.62 -4.03
C THR C 82 -29.37 12.67 -4.86
N ILE C 83 -28.56 11.63 -4.75
CA ILE C 83 -27.32 11.54 -5.50
C ILE C 83 -27.59 10.56 -6.63
N TYR C 84 -27.40 11.02 -7.87
CA TYR C 84 -27.65 10.19 -9.04
C TYR C 84 -26.38 9.66 -9.68
N ILE C 86 -24.53 6.93 -12.51
CA ILE C 86 -24.71 6.12 -13.68
C ILE C 86 -23.39 5.40 -13.89
N SER C 87 -23.43 4.08 -13.74
CA SER C 87 -22.25 3.25 -13.91
C SER C 87 -21.72 3.35 -15.32
N PRO C 88 -20.43 3.00 -15.52
CA PRO C 88 -19.93 3.09 -16.90
C PRO C 88 -20.76 2.15 -17.78
N GLU C 89 -21.34 1.15 -17.15
CA GLU C 89 -22.18 0.15 -17.82
C GLU C 89 -23.59 0.72 -18.01
N GLY C 90 -23.75 2.01 -17.73
CA GLY C 90 -25.02 2.68 -17.91
C GLY C 90 -26.18 2.41 -16.96
N GLU C 91 -25.91 1.82 -15.80
CA GLU C 91 -26.99 1.54 -14.86
C GLU C 91 -27.21 2.70 -13.88
N LEU C 92 -28.46 3.09 -13.70
CA LEU C 92 -28.78 4.19 -12.79
C LEU C 92 -29.19 3.85 -11.37
N THR C 93 -28.53 4.47 -10.41
CA THR C 93 -28.84 4.25 -9.00
C THR C 93 -28.99 5.61 -8.35
N THR C 94 -29.65 5.69 -7.21
CA THR C 94 -29.83 6.97 -6.55
C THR C 94 -29.90 6.81 -5.05
N ALA C 95 -29.13 7.61 -4.31
CA ALA C 95 -29.13 7.52 -2.85
C ALA C 95 -29.68 8.78 -2.22
N GLN C 96 -30.15 8.64 -0.99
CA GLN C 96 -30.70 9.76 -0.23
C GLN C 96 -29.67 10.26 0.82
N LEU C 97 -29.35 11.55 0.79
CA LEU C 97 -28.44 12.06 1.77
C LEU C 97 -29.18 13.06 2.63
N GLY C 98 -29.23 12.81 3.93
CA GLY C 98 -29.94 13.69 4.85
C GLY C 98 -30.04 13.07 6.24
N LEU C 99 -30.99 13.56 7.04
CA LEU C 99 -31.15 13.07 8.41
C LEU C 99 -32.40 12.23 8.66
N ASP C 100 -33.33 12.24 7.72
CA ASP C 100 -34.55 11.47 7.96
C ASP C 100 -34.24 9.99 7.82
N LEU C 101 -33.94 9.40 8.98
CA LEU C 101 -33.55 8.01 9.07
C LEU C 101 -34.63 7.00 8.76
N ALA C 102 -35.85 7.25 9.21
CA ALA C 102 -36.93 6.32 8.94
C ALA C 102 -37.11 6.11 7.41
N ALA C 103 -36.78 7.13 6.63
CA ALA C 103 -36.85 7.03 5.17
C ALA C 103 -35.51 6.40 4.80
N GLY C 104 -35.01 6.63 3.60
CA GLY C 104 -33.72 6.02 3.27
C GLY C 104 -32.55 6.96 3.46
N GLU C 105 -32.83 8.11 4.08
CA GLU C 105 -31.84 9.14 4.33
C GLU C 105 -30.76 8.77 5.36
N ARG C 106 -29.51 8.88 4.95
CA ARG C 106 -28.35 8.56 5.76
C ARG C 106 -27.42 9.78 5.64
N PRO C 107 -26.93 10.34 6.76
CA PRO C 107 -26.04 11.52 6.79
C PRO C 107 -24.76 11.44 5.97
N GLN C 108 -24.29 10.24 5.68
CA GLN C 108 -23.09 10.12 4.90
C GLN C 108 -23.37 9.24 3.72
N PHE C 109 -22.49 9.29 2.74
CA PHE C 109 -22.61 8.45 1.56
C PHE C 109 -21.29 8.50 0.82
N LEU C 110 -20.98 7.46 0.05
CA LEU C 110 -19.74 7.42 -0.70
C LEU C 110 -19.99 7.15 -2.17
N VAL C 111 -19.63 8.11 -3.02
CA VAL C 111 -19.81 7.98 -4.46
C VAL C 111 -18.50 7.45 -5.01
N PRO C 112 -18.52 6.20 -5.50
CA PRO C 112 -17.34 5.51 -6.06
C PRO C 112 -16.69 6.14 -7.27
N LYS C 113 -15.36 6.10 -7.30
CA LYS C 113 -14.59 6.64 -8.40
C LYS C 113 -14.97 5.96 -9.70
N GLY C 114 -15.16 6.75 -10.74
CA GLY C 114 -15.48 6.17 -12.03
C GLY C 114 -16.90 6.27 -12.53
N CYS C 115 -17.86 6.61 -11.67
CA CYS C 115 -19.20 6.72 -12.20
C CYS C 115 -19.41 8.12 -12.75
N ILE C 116 -20.66 8.47 -13.03
CA ILE C 116 -20.99 9.79 -13.52
C ILE C 116 -22.17 10.19 -12.65
N PHE C 117 -21.99 11.26 -11.90
CA PHE C 117 -23.03 11.66 -10.98
C PHE C 117 -23.25 13.15 -10.88
N GLY C 118 -24.47 13.47 -10.43
CA GLY C 118 -24.89 14.83 -10.24
C GLY C 118 -25.69 14.75 -8.96
N SER C 119 -26.35 15.83 -8.56
CA SER C 119 -27.12 15.81 -7.32
C SER C 119 -28.13 16.91 -7.33
N ALA C 120 -29.26 16.67 -6.68
CA ALA C 120 -30.30 17.68 -6.60
C ALA C 120 -30.99 17.55 -5.24
N ASN C 122 -34.43 17.59 -2.75
CA ASN C 122 -35.68 16.86 -2.88
C ASN C 122 -36.84 17.84 -2.74
N GLN C 123 -36.65 18.84 -1.88
CA GLN C 123 -37.64 19.88 -1.69
C GLN C 123 -36.92 21.20 -1.93
N ASP C 124 -37.68 22.29 -2.05
CA ASP C 124 -37.06 23.58 -2.29
C ASP C 124 -36.47 24.11 -1.00
N GLY C 125 -35.28 24.68 -1.10
CA GLY C 125 -34.61 25.23 0.06
C GLY C 125 -33.13 25.30 -0.20
N PHE C 126 -32.30 25.18 0.83
CA PHE C 126 -30.86 25.20 0.63
C PHE C 126 -30.27 23.93 1.19
N SER C 127 -29.07 23.59 0.75
CA SER C 127 -28.45 22.40 1.23
C SER C 127 -26.96 22.57 1.37
N LEU C 128 -26.46 22.36 2.59
CA LEU C 128 -25.02 22.48 2.84
C LEU C 128 -24.49 21.09 3.14
N VAL C 129 -23.51 20.70 2.35
CA VAL C 129 -22.95 19.38 2.44
C VAL C 129 -21.44 19.47 2.60
N GLY C 130 -20.78 18.35 2.85
CA GLY C 130 -19.33 18.33 2.94
C GLY C 130 -18.86 17.32 1.92
N CYS C 131 -17.72 17.53 1.27
CA CYS C 131 -17.30 16.55 0.31
C CYS C 131 -15.83 16.41 0.33
N VAL C 133 -12.60 14.34 -1.14
CA VAL C 133 -12.21 13.50 -2.27
C VAL C 133 -10.83 12.88 -2.16
N SER C 134 -10.78 11.60 -2.56
CA SER C 134 -9.56 10.81 -2.55
C SER C 134 -8.40 11.63 -3.09
N PRO C 135 -7.19 11.06 -3.04
CA PRO C 135 -6.05 11.84 -3.53
C PRO C 135 -6.37 13.28 -3.99
N GLY C 136 -6.51 14.18 -3.02
CA GLY C 136 -6.77 15.59 -3.29
C GLY C 136 -7.32 15.97 -4.65
N PHE C 137 -8.57 16.40 -4.65
CA PHE C 137 -9.21 16.81 -5.87
C PHE C 137 -8.47 17.90 -6.60
N THR C 138 -8.20 17.67 -7.88
CA THR C 138 -7.54 18.64 -8.74
C THR C 138 -8.40 18.49 -9.96
N PHE C 139 -8.36 19.44 -10.89
CA PHE C 139 -9.23 19.32 -12.05
C PHE C 139 -8.82 18.20 -13.02
N ASP C 140 -7.57 17.74 -12.91
CA ASP C 140 -7.08 16.65 -13.76
C ASP C 140 -7.86 15.38 -13.42
N ASP C 141 -8.40 15.33 -12.21
CA ASP C 141 -9.16 14.18 -11.75
C ASP C 141 -10.64 14.52 -11.86
N PHE C 142 -10.94 15.56 -12.63
CA PHE C 142 -12.32 16.00 -12.83
C PHE C 142 -12.70 15.89 -14.31
N GLU C 143 -14.00 15.87 -14.58
CA GLU C 143 -14.51 15.77 -15.95
C GLU C 143 -16.02 16.01 -15.97
N LEU C 144 -16.42 17.19 -16.44
CA LEU C 144 -17.83 17.55 -16.54
C LEU C 144 -18.31 17.08 -17.92
N PHE C 145 -19.54 16.62 -18.03
CA PHE C 145 -20.01 16.12 -19.31
C PHE C 145 -21.01 16.93 -20.11
N SER C 146 -20.77 16.97 -21.43
CA SER C 146 -21.63 17.65 -22.39
C SER C 146 -22.93 16.87 -22.48
N GLN C 147 -24.06 17.48 -22.14
CA GLN C 147 -25.33 16.76 -22.22
C GLN C 147 -25.45 15.96 -23.53
N GLU C 148 -24.86 16.49 -24.59
CA GLU C 148 -24.88 15.84 -25.90
C GLU C 148 -24.34 14.42 -25.77
N ALA C 149 -23.15 14.30 -25.18
CA ALA C 149 -22.51 13.01 -25.00
C ALA C 149 -23.32 12.14 -24.04
N LEU C 150 -24.00 12.79 -23.11
CA LEU C 150 -24.80 12.09 -22.11
C LEU C 150 -26.14 11.59 -22.65
N LEU C 151 -26.33 11.72 -23.95
CA LEU C 151 -27.57 11.26 -24.57
C LEU C 151 -27.20 10.25 -25.65
N ALA C 152 -25.94 10.30 -26.07
CA ALA C 152 -25.42 9.36 -27.05
C ALA C 152 -25.44 8.09 -26.23
N TYR C 154 -26.30 6.24 -22.79
CA TYR C 154 -27.40 6.46 -21.86
C TYR C 154 -28.58 7.26 -22.45
N PRO C 155 -29.14 6.81 -23.58
CA PRO C 155 -30.28 7.52 -24.20
C PRO C 155 -31.55 7.27 -23.40
N GLN C 156 -31.57 6.16 -22.66
CA GLN C 156 -32.71 5.76 -21.84
C GLN C 156 -33.03 6.75 -20.74
N HIS C 157 -32.04 7.01 -19.90
CA HIS C 157 -32.16 7.93 -18.76
C HIS C 157 -32.43 9.39 -19.16
N LYS C 158 -32.63 9.62 -20.45
CA LYS C 158 -32.90 10.96 -20.98
C LYS C 158 -33.46 11.96 -19.95
N ALA C 159 -34.50 11.56 -19.23
CA ALA C 159 -35.13 12.44 -18.24
C ALA C 159 -34.15 13.09 -17.29
N VAL C 160 -33.63 12.28 -16.37
CA VAL C 160 -32.68 12.72 -15.37
C VAL C 160 -31.41 13.31 -15.97
N VAL C 161 -31.00 12.77 -17.11
CA VAL C 161 -29.81 13.24 -17.81
C VAL C 161 -29.96 14.70 -18.21
N GLN C 162 -31.19 15.18 -18.18
CA GLN C 162 -31.48 16.56 -18.55
C GLN C 162 -31.70 17.45 -17.32
N LYS C 163 -32.07 16.83 -16.21
CA LYS C 163 -32.28 17.55 -14.95
C LYS C 163 -30.94 18.00 -14.38
N LEU C 164 -29.89 17.27 -14.75
CA LEU C 164 -28.54 17.55 -14.26
C LEU C 164 -27.51 17.80 -15.38
N SER C 165 -27.94 18.50 -16.41
CA SER C 165 -27.08 18.85 -17.54
C SER C 165 -27.66 20.07 -18.23
N ARG C 166 -26.95 20.53 -19.25
CA ARG C 166 -27.40 21.67 -20.04
C ARG C 166 -26.86 21.41 -21.43
N PRO C 167 -27.56 21.89 -22.47
CA PRO C 167 -27.06 21.67 -23.82
C PRO C 167 -25.78 22.44 -24.14
N GLU C 168 -24.95 21.83 -24.99
CA GLU C 168 -23.68 22.42 -25.45
C GLU C 168 -22.82 23.00 -24.33
N GLN D 12 4.94 -27.72 -13.96
CA GLN D 12 6.27 -27.51 -13.44
C GLN D 12 7.26 -27.72 -14.58
N ASN D 13 7.87 -26.62 -15.02
CA ASN D 13 8.83 -26.64 -16.13
C ASN D 13 10.28 -26.71 -15.66
N ALA D 14 11.12 -27.36 -16.45
CA ALA D 14 12.53 -27.49 -16.10
C ALA D 14 13.18 -26.15 -15.75
N ASP D 15 12.84 -25.11 -16.51
CA ASP D 15 13.40 -23.77 -16.29
C ASP D 15 12.89 -23.13 -15.00
N ASP D 16 11.77 -23.62 -14.49
CA ASP D 16 11.23 -23.09 -13.24
C ASP D 16 12.19 -23.48 -12.14
N PHE D 17 12.63 -24.73 -12.17
CA PHE D 17 13.54 -25.26 -11.18
C PHE D 17 14.90 -24.59 -11.22
N ILE D 18 15.53 -24.54 -12.38
CA ILE D 18 16.84 -23.92 -12.43
C ILE D 18 16.78 -22.49 -11.90
N LYS D 19 15.69 -21.78 -12.22
CA LYS D 19 15.51 -20.41 -11.76
C LYS D 19 15.36 -20.34 -10.25
N PHE D 20 14.19 -20.74 -9.74
CA PHE D 20 13.90 -20.71 -8.30
C PHE D 20 15.03 -21.24 -7.40
N LEU D 21 15.51 -22.44 -7.71
CA LEU D 21 16.56 -23.03 -6.89
C LEU D 21 17.91 -22.35 -7.08
N GLU D 22 18.02 -21.51 -8.11
CA GLU D 22 19.26 -20.77 -8.44
C GLU D 22 20.36 -21.68 -8.95
N LEU D 23 19.98 -22.59 -9.86
CA LEU D 23 20.92 -23.54 -10.42
C LEU D 23 21.97 -22.96 -11.35
N GLU D 24 23.24 -23.30 -11.10
CA GLU D 24 24.36 -22.86 -11.91
C GLU D 24 24.57 -23.91 -12.98
N GLN D 25 25.81 -24.02 -13.43
CA GLN D 25 26.16 -25.00 -14.44
C GLN D 25 27.23 -25.87 -13.83
N HIS D 26 27.16 -27.16 -14.14
CA HIS D 26 28.10 -28.13 -13.59
C HIS D 26 29.20 -28.55 -14.56
N VAL D 27 30.40 -28.75 -14.03
CA VAL D 27 31.53 -29.16 -14.87
C VAL D 27 31.29 -30.54 -15.49
N GLU D 28 30.49 -31.37 -14.83
CA GLU D 28 30.25 -32.71 -15.33
C GLU D 28 29.02 -32.76 -16.25
N GLY D 29 28.15 -31.79 -16.09
CA GLY D 29 26.95 -31.77 -16.91
C GLY D 29 25.79 -31.37 -16.03
N GLY D 30 24.67 -30.99 -16.65
CA GLY D 30 23.50 -30.60 -15.88
C GLY D 30 23.74 -29.35 -15.04
N PHE D 31 22.72 -28.97 -14.27
CA PHE D 31 22.79 -27.78 -13.42
C PHE D 31 22.76 -28.22 -11.97
N TYR D 32 23.50 -27.49 -11.12
CA TYR D 32 23.56 -27.82 -9.71
C TYR D 32 23.46 -26.60 -8.81
N ARG D 33 23.48 -26.83 -7.50
CA ARG D 33 23.40 -25.74 -6.53
C ARG D 33 23.53 -26.32 -5.13
N SER D 34 24.60 -25.94 -4.42
CA SER D 34 24.79 -26.42 -3.08
C SER D 34 23.59 -25.96 -2.29
N SER D 35 22.88 -26.89 -1.65
CA SER D 35 21.73 -26.52 -0.85
C SER D 35 22.22 -26.26 0.56
N TYR D 36 22.88 -27.26 1.14
CA TYR D 36 23.40 -27.12 2.49
C TYR D 36 24.75 -27.80 2.64
N ARG D 37 25.40 -27.55 3.77
CA ARG D 37 26.70 -28.13 4.04
C ARG D 37 26.86 -28.09 5.54
N SER D 38 27.19 -29.22 6.15
CA SER D 38 27.35 -29.24 7.60
C SER D 38 28.24 -28.11 8.09
N GLU D 39 28.04 -27.72 9.35
CA GLU D 39 28.84 -26.68 9.96
C GLU D 39 29.93 -27.34 10.81
N THR D 40 29.72 -28.62 11.13
CA THR D 40 30.68 -29.42 11.89
C THR D 40 31.80 -29.82 10.92
N ALA D 41 33.03 -29.93 11.42
CA ALA D 41 34.17 -30.31 10.58
C ALA D 41 34.40 -31.83 10.52
N PHE D 42 35.21 -32.26 9.55
CA PHE D 42 35.53 -33.69 9.39
C PHE D 42 37.06 -33.82 9.31
N ASP D 43 37.69 -32.76 8.80
CA ASP D 43 39.14 -32.63 8.67
C ASP D 43 39.40 -31.16 8.82
N PRO D 44 40.66 -30.74 8.76
CA PRO D 44 40.86 -29.30 8.90
C PRO D 44 40.14 -28.62 7.75
N SER D 45 39.99 -29.38 6.66
CA SER D 45 39.34 -28.88 5.45
C SER D 45 37.89 -29.37 5.28
N ARG D 46 37.74 -30.65 4.93
CA ARG D 46 36.43 -31.27 4.71
C ARG D 46 35.37 -31.07 5.80
N GLN D 47 34.15 -30.77 5.35
CA GLN D 47 33.04 -30.61 6.28
C GLN D 47 32.41 -31.98 6.43
N LEU D 48 31.76 -32.22 7.55
CA LEU D 48 31.15 -33.52 7.76
C LEU D 48 30.34 -33.99 6.55
N TRP D 49 29.74 -33.07 5.82
CA TRP D 49 28.94 -33.44 4.65
C TRP D 49 28.47 -32.29 3.78
N SER D 50 28.13 -32.61 2.53
CA SER D 50 27.66 -31.61 1.59
C SER D 50 26.58 -32.22 0.72
N SER D 51 25.45 -31.54 0.61
CA SER D 51 24.32 -31.96 -0.22
C SER D 51 24.15 -30.91 -1.30
N ILE D 52 23.56 -31.29 -2.43
CA ILE D 52 23.36 -30.35 -3.51
C ILE D 52 22.03 -30.61 -4.17
N TYR D 53 21.76 -29.86 -5.23
CA TYR D 53 20.56 -30.05 -6.04
C TYR D 53 21.20 -30.38 -7.38
N PHE D 54 20.65 -31.34 -8.11
CA PHE D 54 21.23 -31.67 -9.41
C PHE D 54 20.10 -31.85 -10.42
N LEU D 55 20.07 -30.97 -11.42
CA LEU D 55 19.04 -31.01 -12.45
C LEU D 55 19.62 -31.43 -13.79
N LEU D 56 18.81 -32.12 -14.58
CA LEU D 56 19.21 -32.59 -15.90
C LEU D 56 18.11 -32.21 -16.89
N ARG D 57 18.49 -31.71 -18.07
CA ARG D 57 17.50 -31.35 -19.07
C ARG D 57 17.43 -32.46 -20.13
N THR D 58 16.87 -32.17 -21.30
CA THR D 58 16.74 -33.18 -22.35
C THR D 58 18.01 -33.75 -22.97
N GLY D 59 18.83 -32.89 -23.57
CA GLY D 59 20.07 -33.39 -24.15
C GLY D 59 21.20 -33.27 -23.13
N GLU D 60 20.86 -33.55 -21.87
CA GLU D 60 21.80 -33.44 -20.75
C GLU D 60 22.09 -34.77 -20.03
N VAL D 61 23.36 -34.95 -19.66
CA VAL D 61 23.82 -36.14 -18.95
C VAL D 61 25.02 -35.82 -18.06
N SER D 62 25.21 -36.58 -16.99
CA SER D 62 26.35 -36.38 -16.11
C SER D 62 27.44 -37.33 -16.58
N HIS D 63 28.55 -36.76 -17.02
CA HIS D 63 29.68 -37.52 -17.54
C HIS D 63 30.48 -38.30 -16.50
N PHE D 64 30.97 -39.47 -16.93
CA PHE D 64 31.74 -40.37 -16.07
C PHE D 64 32.80 -39.67 -15.25
N HIS D 65 32.53 -39.49 -13.97
CA HIS D 65 33.46 -38.85 -13.06
C HIS D 65 33.63 -39.80 -11.89
N ARG D 66 34.64 -39.55 -11.05
CA ARG D 66 34.88 -40.41 -9.89
C ARG D 66 35.00 -39.59 -8.62
N LEU D 67 34.49 -40.12 -7.52
CA LEU D 67 34.53 -39.43 -6.23
C LEU D 67 35.50 -40.10 -5.25
N THR D 68 35.82 -39.42 -4.15
CA THR D 68 36.71 -39.98 -3.14
C THR D 68 35.89 -40.29 -1.89
N ALA D 69 34.58 -40.17 -2.02
CA ALA D 69 33.66 -40.44 -0.92
C ALA D 69 32.36 -40.93 -1.47
N ASP D 70 31.52 -41.52 -0.63
CA ASP D 70 30.23 -42.03 -1.08
C ASP D 70 29.27 -40.92 -1.37
N GLU D 71 28.27 -41.19 -2.18
CA GLU D 71 27.28 -40.18 -2.52
C GLU D 71 25.87 -40.73 -2.58
N TRP D 73 21.80 -40.44 -3.44
CA TRP D 73 21.03 -39.79 -4.48
C TRP D 73 19.57 -39.85 -4.14
N TYR D 74 18.94 -38.69 -3.98
CA TYR D 74 17.51 -38.61 -3.66
C TYR D 74 16.71 -38.12 -4.89
N PHE D 75 15.55 -38.73 -5.12
CA PHE D 75 14.76 -38.30 -6.26
C PHE D 75 13.70 -37.28 -5.87
N HIS D 76 13.83 -36.10 -6.47
CA HIS D 76 12.91 -35.01 -6.18
C HIS D 76 11.72 -34.92 -7.12
N ALA D 77 11.98 -35.00 -8.42
CA ALA D 77 10.87 -34.92 -9.36
C ALA D 77 11.26 -35.06 -10.83
N GLY D 78 10.28 -35.44 -11.65
CA GLY D 78 10.51 -35.57 -13.08
C GLY D 78 10.71 -36.96 -13.63
N GLN D 79 11.58 -37.05 -14.64
CA GLN D 79 11.91 -38.31 -15.31
C GLN D 79 12.93 -39.12 -14.51
N SER D 80 12.63 -40.41 -14.34
CA SER D 80 13.51 -41.30 -13.61
C SER D 80 14.83 -41.39 -14.39
N LEU D 81 15.95 -41.54 -13.69
CA LEU D 81 17.24 -41.63 -14.36
C LEU D 81 17.87 -43.01 -14.24
N THR D 82 19.03 -43.14 -14.87
CA THR D 82 19.79 -44.36 -14.83
C THR D 82 21.19 -43.94 -14.42
N ILE D 83 21.71 -44.59 -13.39
CA ILE D 83 23.07 -44.28 -12.98
C ILE D 83 23.86 -45.44 -13.57
N TYR D 84 24.99 -45.14 -14.19
CA TYR D 84 25.83 -46.16 -14.78
C TYR D 84 27.15 -46.17 -14.05
N ILE D 86 30.94 -48.07 -13.05
CA ILE D 86 31.96 -48.99 -13.54
C ILE D 86 33.07 -49.24 -12.51
N SER D 87 33.08 -50.45 -11.94
CA SER D 87 34.06 -50.82 -10.93
C SER D 87 35.47 -50.75 -11.48
N PRO D 88 36.45 -50.46 -10.63
CA PRO D 88 37.82 -50.39 -11.16
C PRO D 88 38.20 -51.70 -11.86
N GLU D 89 37.51 -52.77 -11.51
CA GLU D 89 37.77 -54.06 -12.12
C GLU D 89 37.08 -54.16 -13.48
N GLY D 90 36.67 -53.01 -14.00
CA GLY D 90 36.04 -52.95 -15.31
C GLY D 90 34.62 -53.46 -15.53
N GLU D 91 33.90 -53.78 -14.45
CA GLU D 91 32.54 -54.30 -14.56
C GLU D 91 31.51 -53.19 -14.47
N LEU D 92 30.56 -53.19 -15.40
CA LEU D 92 29.52 -52.17 -15.38
C LEU D 92 28.26 -52.65 -14.68
N THR D 93 27.75 -51.78 -13.81
CA THR D 93 26.55 -52.05 -13.01
C THR D 93 25.65 -50.83 -13.17
N THR D 94 24.34 -51.02 -13.10
CA THR D 94 23.45 -49.87 -13.26
C THR D 94 22.48 -49.74 -12.11
N ALA D 95 21.65 -48.71 -12.16
CA ALA D 95 20.65 -48.46 -11.12
C ALA D 95 19.59 -47.51 -11.65
N GLN D 96 18.35 -47.78 -11.32
CA GLN D 96 17.26 -46.93 -11.78
C GLN D 96 16.70 -46.06 -10.65
N LEU D 97 17.05 -44.78 -10.69
CA LEU D 97 16.60 -43.82 -9.71
C LEU D 97 15.29 -43.22 -10.21
N GLY D 98 14.25 -43.22 -9.37
CA GLY D 98 12.97 -42.68 -9.78
C GLY D 98 11.85 -43.19 -8.89
N LEU D 99 10.59 -42.93 -9.26
CA LEU D 99 9.46 -43.37 -8.45
C LEU D 99 8.62 -44.54 -8.96
N ASP D 100 8.90 -45.05 -10.15
CA ASP D 100 8.13 -46.19 -10.67
C ASP D 100 8.40 -47.43 -9.82
N LEU D 101 7.45 -47.79 -8.97
CA LEU D 101 7.61 -48.96 -8.12
C LEU D 101 7.44 -50.25 -8.91
N ALA D 102 6.44 -50.25 -9.80
CA ALA D 102 6.17 -51.41 -10.66
C ALA D 102 7.48 -51.97 -11.22
N ALA D 103 8.33 -51.08 -11.71
CA ALA D 103 9.62 -51.45 -12.27
C ALA D 103 10.70 -51.30 -11.19
N GLY D 104 11.94 -51.61 -11.54
CA GLY D 104 13.02 -51.50 -10.58
C GLY D 104 13.48 -50.07 -10.40
N GLU D 105 12.55 -49.18 -10.08
CA GLU D 105 12.90 -47.78 -9.88
C GLU D 105 12.79 -47.43 -8.40
N ARG D 106 13.89 -46.93 -7.83
CA ARG D 106 13.96 -46.59 -6.42
C ARG D 106 14.29 -45.11 -6.20
N PRO D 107 13.58 -44.45 -5.27
CA PRO D 107 13.80 -43.03 -4.95
C PRO D 107 15.21 -42.72 -4.51
N GLN D 108 15.92 -43.70 -3.96
CA GLN D 108 17.28 -43.47 -3.51
C GLN D 108 18.28 -44.47 -3.98
N PHE D 109 19.54 -44.16 -3.75
CA PHE D 109 20.59 -45.03 -4.17
C PHE D 109 21.94 -44.51 -3.69
N LEU D 110 22.86 -45.42 -3.42
CA LEU D 110 24.16 -45.06 -2.95
C LEU D 110 25.15 -45.40 -4.03
N VAL D 111 25.92 -44.41 -4.46
CA VAL D 111 26.93 -44.70 -5.46
C VAL D 111 28.21 -44.75 -4.65
N PRO D 112 28.77 -45.96 -4.48
CA PRO D 112 30.00 -46.15 -3.71
C PRO D 112 31.20 -45.39 -4.24
N LYS D 113 32.03 -44.91 -3.32
CA LYS D 113 33.24 -44.19 -3.69
C LYS D 113 34.18 -45.17 -4.38
N GLY D 114 34.87 -44.72 -5.42
CA GLY D 114 35.83 -45.58 -6.09
C GLY D 114 35.50 -45.95 -7.52
N CYS D 115 34.21 -46.07 -7.82
CA CYS D 115 33.77 -46.42 -9.17
C CYS D 115 33.59 -45.15 -10.00
N ILE D 116 33.87 -45.27 -11.30
CA ILE D 116 33.68 -44.15 -12.22
C ILE D 116 32.21 -44.23 -12.64
N PHE D 117 31.48 -43.15 -12.47
CA PHE D 117 30.06 -43.20 -12.83
C PHE D 117 29.51 -41.94 -13.49
N GLY D 118 28.39 -42.10 -14.17
CA GLY D 118 27.74 -41.00 -14.85
C GLY D 118 26.25 -41.25 -14.84
N SER D 119 25.46 -40.37 -15.45
CA SER D 119 24.02 -40.57 -15.45
C SER D 119 23.29 -39.77 -16.53
N ALA D 120 22.18 -40.33 -16.99
CA ALA D 120 21.39 -39.69 -18.01
C ALA D 120 19.92 -40.05 -17.78
N ASN D 122 16.18 -41.36 -18.65
CA ASN D 122 15.62 -42.38 -19.51
C ASN D 122 14.90 -41.70 -20.68
N GLN D 123 13.86 -40.93 -20.38
CA GLN D 123 13.10 -40.20 -21.40
C GLN D 123 13.53 -38.72 -21.40
N ASP D 124 12.83 -37.88 -22.16
CA ASP D 124 13.19 -36.46 -22.22
C ASP D 124 12.49 -35.61 -21.14
N GLY D 125 12.82 -34.32 -21.14
CA GLY D 125 12.23 -33.40 -20.18
C GLY D 125 13.26 -32.92 -19.16
N PHE D 126 12.99 -33.19 -17.89
CA PHE D 126 13.90 -32.79 -16.82
C PHE D 126 13.90 -33.79 -15.66
N SER D 127 14.95 -33.71 -14.85
CA SER D 127 15.08 -34.56 -13.68
C SER D 127 15.83 -33.79 -12.62
N LEU D 128 15.16 -33.57 -11.49
CA LEU D 128 15.76 -32.84 -10.38
C LEU D 128 16.01 -33.86 -9.27
N VAL D 129 17.27 -33.95 -8.88
CA VAL D 129 17.70 -34.90 -7.86
C VAL D 129 18.59 -34.25 -6.80
N GLY D 130 18.57 -34.80 -5.59
CA GLY D 130 19.43 -34.28 -4.55
C GLY D 130 20.65 -35.19 -4.48
N CYS D 131 21.79 -34.70 -4.03
CA CYS D 131 22.96 -35.56 -3.91
C CYS D 131 23.77 -35.26 -2.65
N VAL D 133 26.85 -36.13 -0.55
CA VAL D 133 28.17 -36.74 -0.57
C VAL D 133 28.80 -36.46 0.78
N SER D 134 28.73 -37.44 1.68
CA SER D 134 29.23 -37.32 3.05
C SER D 134 30.54 -36.60 3.27
N PRO D 135 31.69 -37.28 3.13
CA PRO D 135 32.81 -36.37 3.41
C PRO D 135 32.74 -35.13 2.49
N GLY D 136 32.36 -33.99 3.06
CA GLY D 136 32.23 -32.72 2.35
C GLY D 136 32.93 -32.58 1.01
N PHE D 137 32.15 -32.42 -0.04
CA PHE D 137 32.69 -32.29 -1.39
C PHE D 137 33.59 -31.07 -1.57
N THR D 138 34.66 -31.26 -2.33
CA THR D 138 35.62 -30.22 -2.65
C THR D 138 36.16 -30.72 -3.98
N PHE D 139 36.92 -29.91 -4.69
CA PHE D 139 37.49 -30.39 -5.95
C PHE D 139 38.83 -31.02 -5.65
N ASP D 140 38.79 -31.96 -4.72
CA ASP D 140 39.94 -32.74 -4.27
C ASP D 140 39.46 -34.17 -4.13
N ASP D 141 38.15 -34.34 -4.28
CA ASP D 141 37.48 -35.64 -4.22
C ASP D 141 36.76 -35.85 -5.55
N PHE D 142 37.07 -35.00 -6.54
CA PHE D 142 36.44 -35.06 -7.85
C PHE D 142 37.39 -35.30 -9.02
N GLU D 143 37.02 -36.22 -9.91
CA GLU D 143 37.86 -36.51 -11.06
C GLU D 143 37.03 -36.74 -12.31
N LEU D 144 37.43 -36.10 -13.41
CA LEU D 144 36.73 -36.23 -14.68
C LEU D 144 37.65 -37.02 -15.62
N PHE D 145 37.06 -37.84 -16.49
CA PHE D 145 37.83 -38.66 -17.43
C PHE D 145 37.44 -38.41 -18.86
N SER D 146 38.46 -38.28 -19.72
CA SER D 146 38.25 -38.04 -21.14
C SER D 146 37.96 -39.33 -21.88
N GLN D 147 36.97 -39.30 -22.78
CA GLN D 147 36.55 -40.47 -23.53
C GLN D 147 37.64 -41.43 -23.98
N GLU D 148 38.76 -40.92 -24.47
CA GLU D 148 39.83 -41.80 -24.93
C GLU D 148 40.45 -42.55 -23.75
N ALA D 149 40.55 -41.88 -22.62
CA ALA D 149 41.11 -42.49 -21.42
C ALA D 149 40.15 -43.58 -20.89
N LEU D 150 38.85 -43.28 -20.95
CA LEU D 150 37.85 -44.24 -20.49
C LEU D 150 37.68 -45.38 -21.49
N LEU D 151 38.31 -45.24 -22.66
CA LEU D 151 38.22 -46.26 -23.69
C LEU D 151 39.40 -47.23 -23.65
N ALA D 152 40.54 -46.77 -23.15
CA ALA D 152 41.74 -47.59 -23.00
C ALA D 152 41.42 -48.67 -21.97
N TYR D 154 38.35 -50.37 -20.04
CA TYR D 154 36.91 -50.56 -20.28
C TYR D 154 36.44 -50.50 -21.76
N PRO D 155 37.24 -51.00 -22.72
CA PRO D 155 36.83 -50.96 -24.13
C PRO D 155 35.50 -51.69 -24.42
N GLN D 156 35.24 -52.74 -23.64
CA GLN D 156 34.04 -53.57 -23.78
C GLN D 156 32.75 -52.85 -23.42
N HIS D 157 32.83 -51.54 -23.28
CA HIS D 157 31.67 -50.72 -22.93
C HIS D 157 31.66 -49.47 -23.81
N LYS D 158 32.22 -49.58 -25.02
CA LYS D 158 32.28 -48.46 -25.96
C LYS D 158 30.99 -47.68 -26.01
N ALA D 159 29.87 -48.39 -26.10
CA ALA D 159 28.57 -47.74 -26.13
C ALA D 159 28.41 -46.76 -24.97
N VAL D 160 28.18 -47.31 -23.78
CA VAL D 160 27.98 -46.53 -22.58
C VAL D 160 29.14 -45.62 -22.19
N VAL D 161 30.34 -45.88 -22.68
CA VAL D 161 31.46 -45.01 -22.34
C VAL D 161 31.44 -43.77 -23.22
N GLN D 162 30.69 -43.82 -24.33
CA GLN D 162 30.62 -42.68 -25.24
C GLN D 162 29.35 -41.90 -24.99
N LYS D 163 28.38 -42.54 -24.36
CA LYS D 163 27.11 -41.91 -24.04
C LYS D 163 27.34 -40.96 -22.87
N LEU D 164 28.39 -41.23 -22.09
CA LEU D 164 28.69 -40.41 -20.92
C LEU D 164 30.06 -39.75 -20.94
N SER D 165 30.62 -39.54 -22.13
CA SER D 165 31.94 -38.92 -22.23
C SER D 165 32.11 -37.95 -23.40
N ARG D 166 32.90 -36.89 -23.16
CA ARG D 166 33.20 -35.90 -24.17
C ARG D 166 34.48 -36.40 -24.87
N PRO D 167 34.42 -36.57 -26.22
CA PRO D 167 35.54 -37.05 -27.02
C PRO D 167 36.86 -36.27 -27.01
N GLU D 168 37.37 -35.94 -25.83
CA GLU D 168 38.64 -35.22 -25.70
C GLU D 168 38.75 -33.91 -26.49
N GLN E 12 12.74 51.88 -14.65
CA GLN E 12 11.35 52.21 -14.89
C GLN E 12 10.98 53.35 -13.94
N ASN E 13 10.66 54.53 -14.50
CA ASN E 13 10.31 55.68 -13.67
C ASN E 13 8.93 56.29 -13.93
N ALA E 14 8.45 57.06 -12.95
CA ALA E 14 7.13 57.70 -13.03
C ALA E 14 6.91 58.57 -14.25
N ASP E 15 7.97 58.96 -14.94
CA ASP E 15 7.82 59.79 -16.13
C ASP E 15 7.66 58.95 -17.38
N ASP E 16 8.04 57.67 -17.26
CA ASP E 16 7.92 56.76 -18.37
C ASP E 16 6.45 56.37 -18.54
N PHE E 17 5.83 55.95 -17.45
CA PHE E 17 4.42 55.55 -17.47
C PHE E 17 3.57 56.69 -18.01
N ILE E 18 3.69 57.84 -17.38
CA ILE E 18 2.92 59.01 -17.79
C ILE E 18 3.14 59.34 -19.26
N LYS E 19 4.33 59.05 -19.76
CA LYS E 19 4.65 59.33 -21.16
C LYS E 19 4.18 58.20 -22.08
N PHE E 20 4.52 56.98 -21.72
CA PHE E 20 4.13 55.81 -22.52
C PHE E 20 2.62 55.59 -22.48
N LEU E 21 2.01 55.87 -21.32
CA LEU E 21 0.56 55.70 -21.15
C LEU E 21 -0.17 56.99 -21.47
N GLU E 22 0.60 58.05 -21.70
CA GLU E 22 0.06 59.37 -22.05
C GLU E 22 -0.90 59.90 -20.99
N LEU E 23 -0.47 59.84 -19.73
CA LEU E 23 -1.28 60.30 -18.60
C LEU E 23 -1.27 61.83 -18.48
N GLU E 24 -2.42 62.39 -18.17
CA GLU E 24 -2.55 63.83 -18.02
C GLU E 24 -2.87 64.15 -16.56
N GLN E 25 -2.31 65.23 -16.04
CA GLN E 25 -2.53 65.62 -14.66
C GLN E 25 -3.90 66.25 -14.45
N HIS E 26 -4.47 66.00 -13.29
CA HIS E 26 -5.78 66.52 -12.92
C HIS E 26 -5.66 67.38 -11.67
N VAL E 27 -6.51 68.39 -11.56
CA VAL E 27 -6.45 69.27 -10.41
C VAL E 27 -6.75 68.46 -9.14
N GLU E 28 -7.61 67.46 -9.26
CA GLU E 28 -7.97 66.61 -8.14
C GLU E 28 -6.77 65.75 -7.76
N GLY E 29 -5.63 66.05 -8.34
CA GLY E 29 -4.43 65.30 -8.05
C GLY E 29 -4.36 63.99 -8.81
N GLY E 30 -3.15 63.63 -9.23
CA GLY E 30 -2.95 62.39 -9.96
C GLY E 30 -2.70 62.59 -11.44
N PHE E 31 -2.58 61.48 -12.17
CA PHE E 31 -2.34 61.51 -13.60
C PHE E 31 -3.22 60.47 -14.28
N TYR E 32 -4.42 60.89 -14.69
CA TYR E 32 -5.37 59.98 -15.33
C TYR E 32 -5.17 59.82 -16.84
N ARG E 33 -5.82 58.79 -17.40
CA ARG E 33 -5.76 58.50 -18.83
C ARG E 33 -6.60 57.26 -19.17
N SER E 34 -7.86 57.47 -19.56
CA SER E 34 -8.77 56.39 -19.92
C SER E 34 -8.11 55.29 -20.74
N SER E 35 -8.27 54.05 -20.29
CA SER E 35 -7.67 52.88 -20.94
C SER E 35 -8.56 52.22 -21.99
N TYR E 36 -9.76 51.84 -21.58
CA TYR E 36 -10.74 51.21 -22.47
C TYR E 36 -12.12 51.57 -21.93
N ARG E 37 -13.17 51.26 -22.67
CA ARG E 37 -14.53 51.54 -22.21
C ARG E 37 -15.47 50.50 -22.83
N SER E 38 -16.59 50.26 -22.16
CA SER E 38 -17.56 49.28 -22.65
C SER E 38 -18.30 49.78 -23.87
N GLU E 39 -18.18 49.03 -24.95
CA GLU E 39 -18.83 49.36 -26.20
C GLU E 39 -20.29 48.92 -26.08
N THR E 40 -20.72 48.71 -24.84
CA THR E 40 -22.10 48.32 -24.51
C THR E 40 -22.52 49.40 -23.52
N ALA E 41 -23.79 49.79 -23.48
CA ALA E 41 -24.20 50.85 -22.59
C ALA E 41 -25.24 50.50 -21.52
N PHE E 42 -25.37 51.41 -20.55
CA PHE E 42 -26.31 51.29 -19.43
C PHE E 42 -27.36 52.37 -19.63
N ASP E 43 -26.93 53.46 -20.26
CA ASP E 43 -27.78 54.60 -20.58
C ASP E 43 -27.18 55.33 -21.79
N PRO E 44 -28.01 56.09 -22.52
CA PRO E 44 -27.45 56.80 -23.67
C PRO E 44 -26.39 57.77 -23.14
N SER E 45 -26.39 57.93 -21.83
CA SER E 45 -25.44 58.80 -21.15
C SER E 45 -24.27 57.98 -20.62
N ARG E 46 -24.57 57.09 -19.67
CA ARG E 46 -23.56 56.23 -19.05
C ARG E 46 -23.44 54.88 -19.74
N GLN E 47 -22.19 54.43 -19.93
CA GLN E 47 -21.91 53.15 -20.54
C GLN E 47 -22.09 52.03 -19.51
N LEU E 48 -21.61 50.84 -19.87
CA LEU E 48 -21.70 49.67 -18.98
C LEU E 48 -20.65 49.79 -17.88
N TRP E 49 -19.41 50.03 -18.27
CA TRP E 49 -18.29 50.18 -17.33
C TRP E 49 -17.19 50.99 -17.99
N SER E 50 -16.29 51.56 -17.19
CA SER E 50 -15.20 52.37 -17.72
C SER E 50 -13.92 52.26 -16.90
N SER E 51 -12.82 51.97 -17.57
CA SER E 51 -11.55 51.83 -16.89
C SER E 51 -10.54 52.90 -17.31
N ILE E 52 -9.66 53.25 -16.39
CA ILE E 52 -8.65 54.25 -16.64
C ILE E 52 -7.36 53.84 -15.96
N TYR E 53 -6.35 54.69 -16.07
CA TYR E 53 -5.07 54.47 -15.42
C TYR E 53 -5.05 55.59 -14.38
N PHE E 54 -4.02 55.68 -13.55
CA PHE E 54 -3.95 56.71 -12.53
C PHE E 54 -2.59 56.61 -11.84
N LEU E 55 -1.73 57.58 -12.06
CA LEU E 55 -0.41 57.55 -11.47
C LEU E 55 -0.29 58.47 -10.27
N LEU E 56 0.84 58.38 -9.58
CA LEU E 56 1.10 59.21 -8.41
C LEU E 56 2.60 59.40 -8.31
N ARG E 57 3.00 60.67 -8.26
CA ARG E 57 4.40 61.08 -8.16
C ARG E 57 4.56 61.49 -6.69
N THR E 58 5.80 61.58 -6.21
CA THR E 58 6.05 61.94 -4.80
C THR E 58 5.22 63.13 -4.27
N GLY E 59 5.18 64.22 -5.02
CA GLY E 59 4.43 65.37 -4.54
C GLY E 59 2.94 65.33 -4.82
N GLU E 60 2.47 64.23 -5.42
CA GLU E 60 1.06 64.08 -5.76
C GLU E 60 0.26 63.26 -4.78
N VAL E 61 -1.02 63.55 -4.71
CA VAL E 61 -1.98 62.87 -3.84
C VAL E 61 -3.37 63.12 -4.43
N SER E 62 -4.27 62.15 -4.31
CA SER E 62 -5.62 62.33 -4.82
C SER E 62 -6.36 63.15 -3.78
N HIS E 63 -7.02 64.22 -4.20
CA HIS E 63 -7.72 65.08 -3.26
C HIS E 63 -9.09 64.54 -2.93
N PHE E 64 -9.56 64.80 -1.71
CA PHE E 64 -10.85 64.30 -1.31
C PHE E 64 -11.98 64.61 -2.25
N HIS E 65 -12.28 63.67 -3.13
CA HIS E 65 -13.36 63.85 -4.08
C HIS E 65 -14.43 62.84 -3.78
N ARG E 66 -15.38 62.70 -4.70
CA ARG E 66 -16.45 61.74 -4.49
C ARG E 66 -17.12 61.37 -5.81
N LEU E 67 -17.52 60.11 -5.93
CA LEU E 67 -18.20 59.63 -7.11
C LEU E 67 -19.56 59.19 -6.64
N THR E 68 -20.36 58.67 -7.56
CA THR E 68 -21.69 58.21 -7.21
C THR E 68 -21.82 56.82 -7.76
N ALA E 69 -20.67 56.18 -7.93
CA ALA E 69 -20.58 54.81 -8.42
C ALA E 69 -19.29 54.17 -7.87
N ASP E 70 -19.38 52.89 -7.52
CA ASP E 70 -18.25 52.13 -6.96
C ASP E 70 -17.07 52.17 -7.92
N GLU E 71 -15.87 52.21 -7.37
CA GLU E 71 -14.66 52.26 -8.17
C GLU E 71 -13.59 51.24 -7.75
N TRP E 73 -10.14 49.33 -7.51
CA TRP E 73 -8.75 49.73 -7.66
C TRP E 73 -7.91 48.49 -7.86
N TYR E 74 -6.98 48.56 -8.80
CA TYR E 74 -6.10 47.45 -9.11
C TYR E 74 -4.69 47.99 -8.97
N PHE E 75 -3.75 47.17 -8.54
CA PHE E 75 -2.40 47.64 -8.38
C PHE E 75 -1.49 47.14 -9.47
N HIS E 76 -1.03 48.05 -10.33
CA HIS E 76 -0.14 47.70 -11.45
C HIS E 76 1.31 47.72 -11.01
N ALA E 77 1.73 48.82 -10.38
CA ALA E 77 3.12 48.93 -9.93
C ALA E 77 3.41 50.12 -9.05
N GLY E 78 4.67 50.22 -8.64
CA GLY E 78 5.11 51.30 -7.79
C GLY E 78 4.90 51.01 -6.31
N GLN E 79 5.14 52.03 -5.48
CA GLN E 79 4.98 51.90 -4.04
C GLN E 79 3.53 51.73 -3.63
N SER E 80 3.32 51.23 -2.42
CA SER E 80 1.98 51.02 -1.90
C SER E 80 1.24 52.36 -1.84
N LEU E 81 0.01 52.34 -1.35
CA LEU E 81 -0.81 53.55 -1.25
C LEU E 81 -1.84 53.32 -0.17
N THR E 82 -2.24 54.39 0.49
CA THR E 82 -3.26 54.26 1.51
C THR E 82 -4.46 54.97 0.90
N ILE E 83 -5.65 54.43 1.11
CA ILE E 83 -6.86 55.01 0.58
C ILE E 83 -7.80 55.48 1.69
N TYR E 84 -7.53 56.66 2.23
CA TYR E 84 -8.36 57.23 3.29
C TYR E 84 -9.71 57.58 2.72
N ILE E 86 -13.42 59.13 4.23
CA ILE E 86 -14.39 59.63 5.19
C ILE E 86 -15.82 59.17 4.94
N SER E 87 -16.29 58.25 5.78
CA SER E 87 -17.65 57.72 5.63
C SER E 87 -18.65 58.87 5.52
N PRO E 88 -19.84 58.60 4.96
CA PRO E 88 -20.84 59.66 4.82
C PRO E 88 -21.33 60.22 6.17
N GLU E 89 -20.95 59.58 7.26
CA GLU E 89 -21.36 60.05 8.59
C GLU E 89 -20.20 60.67 9.35
N GLY E 90 -19.08 60.88 8.68
CA GLY E 90 -17.95 61.51 9.33
C GLY E 90 -16.83 60.61 9.81
N GLU E 91 -17.03 59.30 9.77
CA GLU E 91 -16.01 58.36 10.23
C GLU E 91 -14.97 58.06 9.13
N LEU E 92 -13.70 58.23 9.49
CA LEU E 92 -12.60 58.02 8.57
C LEU E 92 -11.96 56.63 8.60
N THR E 93 -12.33 55.78 7.63
CA THR E 93 -11.79 54.43 7.52
C THR E 93 -10.68 54.40 6.45
N THR E 94 -9.87 53.34 6.37
CA THR E 94 -8.84 53.31 5.36
C THR E 94 -8.59 51.94 4.73
N ALA E 95 -7.71 51.89 3.73
CA ALA E 95 -7.39 50.64 3.05
C ALA E 95 -6.01 50.61 2.42
N GLN E 96 -5.29 49.51 2.64
CA GLN E 96 -3.94 49.33 2.09
C GLN E 96 -4.01 48.53 0.79
N LEU E 97 -3.52 49.13 -0.28
CA LEU E 97 -3.49 48.53 -1.60
C LEU E 97 -2.04 48.29 -1.99
N GLY E 98 -1.71 47.04 -2.24
CA GLY E 98 -0.34 46.68 -2.61
C GLY E 98 -0.13 45.18 -2.60
N LEU E 99 1.11 44.78 -2.86
CA LEU E 99 1.48 43.38 -2.91
C LEU E 99 1.82 42.80 -1.53
N ASP E 100 2.67 43.50 -0.78
CA ASP E 100 3.06 43.06 0.55
C ASP E 100 1.85 42.65 1.40
N LEU E 101 1.52 41.36 1.36
CA LEU E 101 0.38 40.80 2.10
C LEU E 101 0.58 40.75 3.61
N ALA E 102 1.83 40.55 4.02
CA ALA E 102 2.16 40.48 5.44
C ALA E 102 1.60 41.65 6.25
N ALA E 103 1.67 42.85 5.69
CA ALA E 103 1.19 44.06 6.37
C ALA E 103 -0.32 44.27 6.20
N GLY E 104 -0.94 43.43 5.38
CA GLY E 104 -2.37 43.55 5.14
C GLY E 104 -2.69 44.17 3.79
N GLU E 105 -1.66 44.59 3.06
CA GLU E 105 -1.83 45.20 1.75
C GLU E 105 -2.47 44.18 0.82
N ARG E 106 -3.44 44.63 0.02
CA ARG E 106 -4.15 43.77 -0.94
C ARG E 106 -4.12 44.47 -2.31
N PRO E 107 -3.71 43.77 -3.38
CA PRO E 107 -3.64 44.35 -4.72
C PRO E 107 -4.94 44.90 -5.29
N GLN E 108 -6.05 44.66 -4.61
CA GLN E 108 -7.34 45.14 -5.10
C GLN E 108 -8.23 45.67 -3.98
N PHE E 109 -8.93 46.76 -4.24
CA PHE E 109 -9.85 47.29 -3.24
C PHE E 109 -11.10 47.85 -3.90
N LEU E 110 -12.17 48.03 -3.15
CA LEU E 110 -13.42 48.55 -3.69
C LEU E 110 -13.86 49.73 -2.84
N VAL E 111 -13.79 50.95 -3.41
CA VAL E 111 -14.20 52.14 -2.67
C VAL E 111 -15.64 52.49 -2.98
N PRO E 112 -16.55 52.23 -2.04
CA PRO E 112 -17.99 52.48 -2.19
C PRO E 112 -18.43 53.87 -2.67
N LYS E 113 -19.48 53.88 -3.49
CA LYS E 113 -20.03 55.12 -4.02
C LYS E 113 -20.69 55.89 -2.89
N GLY E 114 -20.49 57.21 -2.87
CA GLY E 114 -21.11 58.01 -1.82
C GLY E 114 -20.15 58.41 -0.73
N CYS E 115 -18.94 57.88 -0.77
CA CYS E 115 -17.96 58.21 0.25
C CYS E 115 -16.94 59.21 -0.30
N ILE E 116 -16.49 60.11 0.56
CA ILE E 116 -15.52 61.12 0.16
C ILE E 116 -14.12 60.61 0.39
N PHE E 117 -13.61 59.82 -0.54
CA PHE E 117 -12.27 59.30 -0.35
C PHE E 117 -11.18 60.19 -0.89
N GLY E 118 -9.99 59.63 -0.92
CA GLY E 118 -8.82 60.34 -1.39
C GLY E 118 -7.73 59.31 -1.23
N SER E 119 -6.48 59.71 -1.48
CA SER E 119 -5.39 58.77 -1.36
C SER E 119 -4.06 59.45 -1.44
N ALA E 120 -3.11 58.93 -0.66
CA ALA E 120 -1.76 59.46 -0.65
C ALA E 120 -0.85 58.26 -0.72
N ASN E 122 2.54 55.85 0.17
CA ASN E 122 3.12 55.40 1.43
C ASN E 122 4.63 55.62 1.42
N GLN E 123 5.16 55.98 0.25
CA GLN E 123 6.58 56.22 0.11
C GLN E 123 6.93 56.93 -1.20
N ASP E 124 8.04 57.64 -1.20
CA ASP E 124 8.49 58.36 -2.39
C ASP E 124 8.63 57.46 -3.60
N GLY E 125 8.28 58.00 -4.75
CA GLY E 125 8.35 57.25 -5.99
C GLY E 125 7.01 57.23 -6.69
N PHE E 126 6.85 56.34 -7.65
CA PHE E 126 5.58 56.24 -8.38
C PHE E 126 4.68 55.13 -7.88
N SER E 127 3.59 54.94 -8.59
CA SER E 127 2.61 53.92 -8.28
C SER E 127 1.42 54.08 -9.23
N LEU E 128 1.39 53.21 -10.24
CA LEU E 128 0.35 53.21 -11.24
C LEU E 128 -0.78 52.35 -10.72
N VAL E 129 -2.01 52.73 -11.03
CA VAL E 129 -3.17 52.05 -10.55
C VAL E 129 -4.26 52.00 -11.61
N GLY E 130 -5.19 51.07 -11.48
CA GLY E 130 -6.27 50.99 -12.44
C GLY E 130 -7.59 51.15 -11.71
N CYS E 131 -8.43 52.04 -12.19
CA CYS E 131 -9.70 52.19 -11.51
C CYS E 131 -10.79 51.83 -12.49
N VAL E 133 -14.80 52.32 -12.63
CA VAL E 133 -16.05 52.78 -12.03
C VAL E 133 -17.26 52.26 -12.79
N SER E 134 -17.86 51.22 -12.22
CA SER E 134 -19.02 50.50 -12.76
C SER E 134 -19.90 51.16 -13.81
N PRO E 135 -20.99 51.83 -13.40
CA PRO E 135 -21.71 52.39 -14.55
C PRO E 135 -20.79 53.42 -15.20
N GLY E 136 -20.34 53.13 -16.42
CA GLY E 136 -19.45 54.03 -17.14
C GLY E 136 -19.39 55.44 -16.58
N PHE E 137 -18.20 55.83 -16.12
CA PHE E 137 -17.95 57.15 -15.55
C PHE E 137 -18.32 58.35 -16.42
N THR E 138 -19.00 59.32 -15.81
CA THR E 138 -19.38 60.55 -16.50
C THR E 138 -19.07 61.72 -15.57
N PHE E 139 -18.38 62.71 -16.12
CA PHE E 139 -17.94 63.90 -15.39
C PHE E 139 -18.89 64.46 -14.32
N ASP E 140 -20.18 64.18 -14.45
CA ASP E 140 -21.18 64.69 -13.51
C ASP E 140 -21.26 63.86 -12.22
N ASP E 141 -20.67 62.67 -12.25
CA ASP E 141 -20.66 61.79 -11.09
C ASP E 141 -19.56 62.24 -10.13
N PHE E 142 -18.50 62.81 -10.71
CA PHE E 142 -17.37 63.32 -9.96
C PHE E 142 -17.81 64.55 -9.17
N GLU E 143 -17.12 64.83 -8.06
CA GLU E 143 -17.42 65.97 -7.22
C GLU E 143 -16.24 66.22 -6.30
N LEU E 144 -15.48 67.26 -6.60
CA LEU E 144 -14.32 67.62 -5.80
C LEU E 144 -14.84 68.40 -4.60
N PHE E 145 -13.96 68.72 -3.66
CA PHE E 145 -14.36 69.48 -2.47
C PHE E 145 -13.31 70.49 -2.05
N SER E 146 -13.78 71.57 -1.42
CA SER E 146 -12.89 72.64 -0.94
C SER E 146 -12.28 72.33 0.41
N GLN E 147 -10.98 72.56 0.57
CA GLN E 147 -10.33 72.29 1.84
C GLN E 147 -11.03 73.06 2.95
N GLU E 148 -11.20 74.37 2.71
CA GLU E 148 -11.87 75.22 3.68
C GLU E 148 -13.26 74.69 3.97
N ALA E 149 -13.77 73.87 3.05
CA ALA E 149 -15.09 73.29 3.21
C ALA E 149 -14.98 71.99 3.99
N LEU E 150 -13.96 71.20 3.65
CA LEU E 150 -13.73 69.91 4.28
C LEU E 150 -13.20 70.05 5.71
N LEU E 151 -13.12 71.28 6.19
CA LEU E 151 -12.66 71.53 7.54
C LEU E 151 -13.89 71.93 8.33
N ALA E 152 -14.89 72.44 7.63
CA ALA E 152 -16.15 72.84 8.26
C ALA E 152 -16.89 71.54 8.51
N TYR E 154 -16.63 67.75 9.01
CA TYR E 154 -15.57 66.86 9.45
C TYR E 154 -14.35 67.61 10.00
N PRO E 155 -14.54 68.46 11.03
CA PRO E 155 -13.45 69.24 11.65
C PRO E 155 -12.48 68.38 12.47
N GLN E 156 -12.94 67.17 12.83
CA GLN E 156 -12.15 66.23 13.62
C GLN E 156 -10.98 65.61 12.87
N HIS E 157 -10.87 65.93 11.58
CA HIS E 157 -9.80 65.38 10.75
C HIS E 157 -8.95 66.47 10.11
N LYS E 158 -8.81 67.59 10.80
CA LYS E 158 -8.02 68.71 10.30
C LYS E 158 -6.64 68.25 9.85
N ALA E 159 -6.14 67.18 10.46
CA ALA E 159 -4.82 66.68 10.12
C ALA E 159 -4.77 66.13 8.72
N VAL E 160 -5.58 65.12 8.45
CA VAL E 160 -5.59 64.48 7.14
C VAL E 160 -6.04 65.39 6.00
N VAL E 161 -7.16 66.09 6.18
CA VAL E 161 -7.67 66.98 5.15
C VAL E 161 -6.59 67.94 4.70
N GLN E 162 -5.77 68.40 5.65
CA GLN E 162 -4.68 69.32 5.32
C GLN E 162 -3.77 68.76 4.24
N LYS E 163 -3.41 67.48 4.36
CA LYS E 163 -2.52 66.86 3.38
C LYS E 163 -3.22 66.36 2.12
N LEU E 164 -4.54 66.23 2.15
CA LEU E 164 -5.29 65.77 0.98
C LEU E 164 -6.33 66.77 0.48
N SER E 165 -6.00 68.05 0.62
CA SER E 165 -6.86 69.15 0.18
C SER E 165 -5.99 70.39 0.09
N ARG E 166 -6.20 71.19 -0.95
CA ARG E 166 -5.44 72.42 -1.12
C ARG E 166 -6.29 73.63 -0.76
N PRO E 167 -5.64 74.73 -0.33
CA PRO E 167 -6.32 75.97 0.07
C PRO E 167 -7.13 76.66 -1.03
N GLU E 168 -8.17 77.38 -0.62
CA GLU E 168 -9.06 78.10 -1.54
C GLU E 168 -9.53 77.20 -2.68
N GLN F 12 9.10 37.17 -1.84
CA GLN F 12 7.67 36.89 -1.86
C GLN F 12 7.37 35.74 -2.82
N ASN F 13 7.51 34.52 -2.32
CA ASN F 13 7.28 33.31 -3.09
C ASN F 13 5.86 33.29 -3.68
N ALA F 14 5.67 32.53 -4.75
CA ALA F 14 4.37 32.43 -5.39
C ALA F 14 3.38 31.75 -4.44
N ASP F 15 3.91 31.13 -3.40
CA ASP F 15 3.09 30.44 -2.40
C ASP F 15 2.44 31.41 -1.42
N ASP F 16 3.00 32.61 -1.32
CA ASP F 16 2.44 33.62 -0.42
C ASP F 16 1.08 34.10 -0.95
N PHE F 17 1.05 34.43 -2.23
CA PHE F 17 -0.16 34.91 -2.91
C PHE F 17 -1.26 33.86 -2.91
N ILE F 18 -0.92 32.63 -3.27
CA ILE F 18 -1.89 31.56 -3.32
C ILE F 18 -2.44 31.24 -1.95
N LYS F 19 -1.65 31.48 -0.90
CA LYS F 19 -2.09 31.20 0.46
C LYS F 19 -2.78 32.39 1.11
N PHE F 20 -2.11 33.53 1.11
CA PHE F 20 -2.67 34.75 1.71
C PHE F 20 -3.97 35.21 1.10
N LEU F 21 -4.09 35.10 -0.23
CA LEU F 21 -5.30 35.51 -0.91
C LEU F 21 -6.33 34.42 -0.86
N GLU F 22 -5.91 33.23 -0.43
CA GLU F 22 -6.81 32.10 -0.33
C GLU F 22 -7.28 31.71 -1.70
N LEU F 23 -6.34 31.66 -2.63
CA LEU F 23 -6.64 31.29 -3.99
C LEU F 23 -6.80 29.78 -4.10
N GLU F 24 -7.92 29.35 -4.67
CA GLU F 24 -8.17 27.94 -4.87
C GLU F 24 -7.76 27.56 -6.28
N GLN F 25 -8.02 26.31 -6.67
CA GLN F 25 -7.66 25.85 -7.99
C GLN F 25 -8.74 26.24 -8.98
N HIS F 26 -8.34 26.80 -10.12
CA HIS F 26 -9.29 27.22 -11.14
C HIS F 26 -9.44 26.16 -12.23
N VAL F 27 -10.64 26.03 -12.75
CA VAL F 27 -10.92 25.04 -13.78
C VAL F 27 -10.14 25.26 -15.08
N GLU F 28 -10.12 26.48 -15.58
CA GLU F 28 -9.42 26.78 -16.83
C GLU F 28 -7.89 26.71 -16.73
N GLY F 29 -7.39 26.58 -15.50
CA GLY F 29 -5.96 26.53 -15.29
C GLY F 29 -5.65 27.59 -14.26
N GLY F 30 -4.48 27.50 -13.63
CA GLY F 30 -4.12 28.49 -12.62
C GLY F 30 -4.90 28.45 -11.33
N PHE F 31 -4.87 29.55 -10.60
CA PHE F 31 -5.56 29.68 -9.31
C PHE F 31 -6.26 31.03 -9.23
N TYR F 32 -7.24 31.17 -8.36
CA TYR F 32 -7.96 32.43 -8.28
C TYR F 32 -8.70 32.60 -6.96
N ARG F 33 -9.49 33.67 -6.87
CA ARG F 33 -10.30 33.98 -5.68
C ARG F 33 -11.11 35.23 -6.02
N SER F 34 -12.41 35.17 -5.82
CA SER F 34 -13.25 36.32 -6.11
C SER F 34 -12.99 37.46 -5.14
N SER F 35 -12.50 38.58 -5.65
CA SER F 35 -12.21 39.74 -4.81
C SER F 35 -13.52 40.38 -4.45
N TYR F 36 -14.19 40.99 -5.43
CA TYR F 36 -15.49 41.64 -5.21
C TYR F 36 -16.47 41.33 -6.33
N ARG F 37 -17.76 41.52 -6.06
CA ARG F 37 -18.82 41.28 -7.04
C ARG F 37 -19.90 42.36 -6.88
N SER F 38 -20.09 43.16 -7.93
CA SER F 38 -21.06 44.27 -7.99
C SER F 38 -22.25 44.26 -7.03
N GLU F 39 -22.60 45.42 -6.51
CA GLU F 39 -23.71 45.57 -5.59
C GLU F 39 -25.03 45.85 -6.34
N THR F 40 -24.92 46.09 -7.65
CA THR F 40 -26.09 46.36 -8.49
C THR F 40 -26.18 45.27 -9.55
N ALA F 41 -27.34 45.13 -10.18
CA ALA F 41 -27.51 44.09 -11.20
C ALA F 41 -28.42 44.49 -12.34
N PHE F 42 -28.34 43.74 -13.44
CA PHE F 42 -29.20 44.00 -14.60
C PHE F 42 -30.61 43.60 -14.21
N ASP F 43 -31.42 43.23 -15.20
CA ASP F 43 -32.77 42.78 -14.93
C ASP F 43 -32.51 41.47 -14.21
N PRO F 44 -33.11 41.28 -13.01
CA PRO F 44 -32.94 40.07 -12.19
C PRO F 44 -32.42 38.83 -12.93
N SER F 45 -31.09 38.76 -13.07
CA SER F 45 -30.43 37.65 -13.75
C SER F 45 -29.02 37.45 -13.22
N ARG F 46 -28.07 38.19 -13.79
CA ARG F 46 -26.67 38.10 -13.39
C ARG F 46 -26.07 39.49 -13.18
N GLN F 47 -25.71 39.78 -11.93
CA GLN F 47 -25.11 41.05 -11.48
C GLN F 47 -24.40 41.96 -12.50
N LEU F 48 -24.30 43.24 -12.13
CA LEU F 48 -23.68 44.29 -12.93
C LEU F 48 -22.22 44.03 -13.36
N TRP F 49 -21.35 43.70 -12.41
CA TRP F 49 -19.95 43.40 -12.72
C TRP F 49 -19.35 42.46 -11.64
N SER F 50 -18.11 42.02 -11.83
CA SER F 50 -17.49 41.13 -10.85
C SER F 50 -15.99 40.91 -11.03
N SER F 51 -15.19 41.28 -10.04
CA SER F 51 -13.74 41.10 -10.14
C SER F 51 -13.25 39.84 -9.44
N ILE F 52 -12.05 39.39 -9.81
CA ILE F 52 -11.43 38.21 -9.24
C ILE F 52 -9.91 38.41 -9.27
N TYR F 53 -9.17 37.39 -8.83
CA TYR F 53 -7.72 37.42 -8.87
C TYR F 53 -7.35 36.34 -9.88
N PHE F 54 -6.06 36.11 -10.09
CA PHE F 54 -5.69 35.09 -11.05
C PHE F 54 -4.19 34.95 -10.98
N LEU F 55 -3.74 33.79 -10.53
CA LEU F 55 -2.34 33.51 -10.40
C LEU F 55 -2.00 32.29 -11.21
N LEU F 56 -0.80 32.28 -11.79
CA LEU F 56 -0.31 31.15 -12.57
C LEU F 56 1.02 30.74 -11.98
N ARG F 57 1.25 29.44 -11.89
CA ARG F 57 2.51 28.92 -11.34
C ARG F 57 3.28 28.50 -12.58
N THR F 58 4.59 28.29 -12.46
CA THR F 58 5.39 27.90 -13.62
C THR F 58 4.78 26.75 -14.43
N GLY F 59 4.13 25.81 -13.74
CA GLY F 59 3.51 24.68 -14.43
C GLY F 59 2.06 24.86 -14.84
N GLU F 60 1.62 26.11 -14.99
CA GLU F 60 0.25 26.39 -15.37
C GLU F 60 0.11 27.27 -16.60
N VAL F 61 -1.12 27.41 -17.09
CA VAL F 61 -1.46 28.22 -18.25
C VAL F 61 -2.97 28.26 -18.41
N SER F 62 -3.52 29.46 -18.57
CA SER F 62 -4.96 29.61 -18.74
C SER F 62 -5.40 28.95 -20.05
N HIS F 63 -5.78 27.68 -19.98
CA HIS F 63 -6.21 26.91 -21.15
C HIS F 63 -7.35 27.62 -21.89
N PHE F 64 -7.39 27.46 -23.22
CA PHE F 64 -8.40 28.12 -24.05
C PHE F 64 -9.83 28.07 -23.55
N HIS F 65 -10.52 29.20 -23.66
CA HIS F 65 -11.91 29.31 -23.21
C HIS F 65 -12.56 30.56 -23.81
N ARG F 66 -13.88 30.63 -23.70
CA ARG F 66 -14.62 31.77 -24.25
C ARG F 66 -15.73 32.26 -23.32
N LEU F 67 -15.95 33.57 -23.33
CA LEU F 67 -17.00 34.17 -22.53
C LEU F 67 -17.76 35.11 -23.42
N THR F 68 -19.06 35.24 -23.20
CA THR F 68 -19.87 36.15 -23.99
C THR F 68 -19.88 37.48 -23.26
N ALA F 69 -18.81 37.73 -22.52
CA ALA F 69 -18.67 38.96 -21.76
C ALA F 69 -17.23 39.45 -21.83
N ASP F 70 -17.07 40.77 -21.79
CA ASP F 70 -15.77 41.40 -21.84
C ASP F 70 -14.99 41.03 -20.59
N GLU F 71 -13.69 41.27 -20.61
CA GLU F 71 -12.90 40.96 -19.44
C GLU F 71 -11.68 41.85 -19.38
N TRP F 73 -8.34 43.02 -17.92
CA TRP F 73 -7.25 42.36 -17.19
C TRP F 73 -6.35 43.43 -16.60
N TYR F 74 -5.79 43.16 -15.43
CA TYR F 74 -4.91 44.11 -14.76
C TYR F 74 -3.70 43.38 -14.19
N PHE F 75 -2.51 43.70 -14.66
CA PHE F 75 -1.30 43.04 -14.17
C PHE F 75 -0.97 43.56 -12.79
N HIS F 76 -1.02 42.66 -11.80
CA HIS F 76 -0.73 43.01 -10.41
C HIS F 76 0.75 42.81 -10.09
N ALA F 77 1.31 41.67 -10.52
CA ALA F 77 2.71 41.41 -10.24
C ALA F 77 3.27 40.16 -10.91
N GLY F 78 4.60 40.04 -10.86
CA GLY F 78 5.26 38.87 -11.41
C GLY F 78 5.85 38.96 -12.80
N GLN F 79 5.62 37.90 -13.58
CA GLN F 79 6.11 37.83 -14.94
C GLN F 79 5.00 38.23 -15.90
N SER F 80 5.36 38.96 -16.94
CA SER F 80 4.38 39.39 -17.92
C SER F 80 3.79 38.20 -18.69
N LEU F 81 2.49 38.26 -18.92
CA LEU F 81 1.76 37.23 -19.63
C LEU F 81 1.68 37.57 -21.12
N THR F 82 1.05 36.68 -21.86
CA THR F 82 0.84 36.85 -23.28
C THR F 82 -0.54 36.28 -23.51
N ILE F 83 -1.50 37.16 -23.82
CA ILE F 83 -2.88 36.73 -24.03
C ILE F 83 -3.19 36.43 -25.49
N TYR F 84 -3.30 35.15 -25.83
CA TYR F 84 -3.60 34.72 -27.20
C TYR F 84 -5.10 34.79 -27.47
N ILE F 86 -8.15 33.87 -30.60
CA ILE F 86 -8.60 33.36 -31.88
C ILE F 86 -10.00 33.89 -32.17
N SER F 87 -10.06 34.91 -33.04
CA SER F 87 -11.33 35.54 -33.43
C SER F 87 -12.37 34.52 -33.85
N PRO F 88 -13.65 34.90 -33.78
CA PRO F 88 -14.71 33.96 -34.18
C PRO F 88 -14.67 33.74 -35.68
N GLU F 89 -13.56 34.16 -36.29
CA GLU F 89 -13.35 34.01 -37.72
C GLU F 89 -12.22 33.01 -37.91
N GLY F 90 -11.14 33.20 -37.15
CA GLY F 90 -10.00 32.31 -37.25
C GLY F 90 -8.66 33.02 -37.13
N GLU F 91 -8.69 34.34 -36.94
CA GLU F 91 -7.44 35.11 -36.82
C GLU F 91 -6.87 35.06 -35.41
N LEU F 92 -5.55 34.95 -35.33
CA LEU F 92 -4.87 34.89 -34.03
C LEU F 92 -4.31 36.23 -33.56
N THR F 93 -5.11 37.01 -32.84
CA THR F 93 -4.64 38.29 -32.31
C THR F 93 -3.99 37.97 -30.97
N THR F 94 -2.87 38.64 -30.65
CA THR F 94 -2.17 38.35 -29.40
C THR F 94 -1.61 39.55 -28.64
N ALA F 95 -2.17 39.79 -27.46
CA ALA F 95 -1.78 40.91 -26.60
C ALA F 95 -0.52 40.63 -25.78
N GLN F 96 -0.22 41.57 -24.88
CA GLN F 96 0.94 41.51 -23.98
C GLN F 96 0.54 42.25 -22.71
N LEU F 97 0.69 41.60 -21.56
CA LEU F 97 0.33 42.23 -20.30
C LEU F 97 1.54 42.31 -19.37
N GLY F 98 1.86 43.52 -18.94
CA GLY F 98 2.99 43.69 -18.05
C GLY F 98 3.34 45.14 -17.74
N LEU F 99 4.58 45.33 -17.29
CA LEU F 99 5.08 46.64 -16.91
C LEU F 99 6.15 47.17 -17.86
N ASP F 100 6.78 46.29 -18.64
CA ASP F 100 7.80 46.74 -19.58
C ASP F 100 7.10 47.54 -20.67
N LEU F 101 7.01 48.86 -20.45
CA LEU F 101 6.35 49.77 -21.37
C LEU F 101 7.09 49.94 -22.69
N ALA F 102 8.34 49.48 -22.74
CA ALA F 102 9.16 49.56 -23.94
C ALA F 102 8.87 48.37 -24.86
N ALA F 103 8.96 47.17 -24.30
CA ALA F 103 8.72 45.95 -25.07
C ALA F 103 7.34 45.90 -25.72
N GLY F 104 6.45 46.79 -25.30
CA GLY F 104 5.10 46.81 -25.86
C GLY F 104 4.06 46.44 -24.84
N GLU F 105 4.52 45.91 -23.71
CA GLU F 105 3.62 45.51 -22.64
C GLU F 105 2.85 46.72 -22.14
N ARG F 106 1.59 46.49 -21.76
CA ARG F 106 0.74 47.54 -21.23
C ARG F 106 0.28 47.00 -19.87
N PRO F 107 -0.28 47.87 -19.00
CA PRO F 107 -0.71 47.35 -17.70
C PRO F 107 -2.06 46.63 -17.76
N GLN F 108 -2.96 47.12 -18.61
CA GLN F 108 -4.27 46.51 -18.73
C GLN F 108 -4.51 45.94 -20.14
N PHE F 109 -5.77 45.66 -20.41
CA PHE F 109 -6.19 45.13 -21.70
C PHE F 109 -7.66 44.77 -21.58
N LEU F 110 -8.29 44.55 -22.72
CA LEU F 110 -9.69 44.17 -22.74
C LEU F 110 -9.81 43.04 -23.74
N VAL F 111 -10.43 41.94 -23.33
CA VAL F 111 -10.62 40.84 -24.24
C VAL F 111 -12.11 40.83 -24.53
N PRO F 112 -12.49 41.24 -25.74
CA PRO F 112 -13.88 41.31 -26.18
C PRO F 112 -14.66 40.01 -26.04
N LYS F 113 -15.97 40.13 -25.88
CA LYS F 113 -16.83 38.97 -25.74
C LYS F 113 -16.78 38.18 -27.05
N GLY F 114 -17.25 36.94 -27.01
CA GLY F 114 -17.25 36.11 -28.21
C GLY F 114 -15.86 35.66 -28.62
N CYS F 115 -14.84 36.40 -28.22
CA CYS F 115 -13.48 36.04 -28.55
C CYS F 115 -13.17 34.72 -27.85
N ILE F 116 -12.10 34.04 -28.28
CA ILE F 116 -11.69 32.80 -27.64
C ILE F 116 -10.23 32.97 -27.28
N PHE F 117 -9.96 33.20 -26.00
CA PHE F 117 -8.60 33.44 -25.52
C PHE F 117 -8.03 32.47 -24.49
N GLY F 118 -6.73 32.62 -24.28
CA GLY F 118 -6.03 31.79 -23.32
C GLY F 118 -4.84 32.63 -22.91
N SER F 119 -4.21 32.32 -21.79
CA SER F 119 -3.08 33.12 -21.37
C SER F 119 -1.92 32.30 -20.86
N ALA F 120 -0.71 32.73 -21.18
CA ALA F 120 0.47 32.02 -20.75
C ALA F 120 1.51 33.03 -20.32
N ASN F 122 5.36 34.66 -19.85
CA ASN F 122 6.42 34.90 -20.84
C ASN F 122 7.76 34.49 -20.26
N GLN F 123 7.70 33.90 -19.07
CA GLN F 123 8.87 33.43 -18.37
C GLN F 123 8.41 32.58 -17.20
N ASP F 124 9.24 31.64 -16.77
CA ASP F 124 8.88 30.79 -15.66
C ASP F 124 8.82 31.64 -14.38
N GLY F 125 7.92 31.27 -13.48
CA GLY F 125 7.73 32.00 -12.23
C GLY F 125 6.25 32.17 -11.97
N PHE F 126 5.85 33.28 -11.36
CA PHE F 126 4.43 33.49 -11.11
C PHE F 126 3.91 34.76 -11.79
N SER F 127 2.62 35.02 -11.65
CA SER F 127 2.05 36.18 -12.29
C SER F 127 0.65 36.50 -11.76
N LEU F 128 0.57 37.41 -10.79
CA LEU F 128 -0.72 37.81 -10.24
C LEU F 128 -1.35 38.89 -11.11
N VAL F 129 -2.66 38.76 -11.33
CA VAL F 129 -3.43 39.66 -12.17
C VAL F 129 -4.87 39.72 -11.65
N GLY F 130 -5.62 40.74 -12.07
CA GLY F 130 -7.00 40.85 -11.64
C GLY F 130 -7.86 40.77 -12.88
N CYS F 131 -9.10 40.31 -12.78
CA CYS F 131 -9.91 40.22 -13.99
C CYS F 131 -11.32 40.77 -13.81
N VAL F 133 -14.93 41.16 -15.54
CA VAL F 133 -15.87 40.77 -16.58
C VAL F 133 -17.11 41.65 -16.64
N SER F 134 -17.15 42.49 -17.67
CA SER F 134 -18.23 43.42 -17.98
C SER F 134 -19.50 43.22 -17.15
N PRO F 135 -20.19 42.07 -17.34
CA PRO F 135 -21.41 41.83 -16.56
C PRO F 135 -21.15 40.70 -15.53
N GLY F 136 -21.74 40.82 -14.33
CA GLY F 136 -21.55 39.81 -13.29
C GLY F 136 -21.38 38.37 -13.75
N PHE F 137 -20.13 37.93 -13.89
CA PHE F 137 -19.78 36.57 -14.33
C PHE F 137 -20.55 35.38 -13.75
N THR F 138 -20.79 34.38 -14.60
CA THR F 138 -21.43 33.11 -14.23
C THR F 138 -20.87 32.06 -15.18
N PHE F 139 -20.94 30.79 -14.79
CA PHE F 139 -20.40 29.75 -15.65
C PHE F 139 -21.32 29.43 -16.82
N ASP F 140 -22.45 30.13 -16.88
CA ASP F 140 -23.41 30.01 -17.97
C ASP F 140 -22.74 30.74 -19.12
N ASP F 141 -22.10 31.85 -18.78
CA ASP F 141 -21.39 32.70 -19.73
C ASP F 141 -19.94 32.24 -19.90
N PHE F 142 -19.66 31.00 -19.52
CA PHE F 142 -18.31 30.44 -19.64
C PHE F 142 -18.31 29.27 -20.63
N GLU F 143 -17.14 28.98 -21.20
CA GLU F 143 -17.03 27.89 -22.17
C GLU F 143 -15.56 27.49 -22.23
N LEU F 144 -15.29 26.21 -22.13
CA LEU F 144 -13.91 25.71 -22.16
C LEU F 144 -13.76 24.58 -23.16
N PHE F 145 -12.95 24.82 -24.20
CA PHE F 145 -12.73 23.81 -25.24
C PHE F 145 -11.44 23.03 -25.04
N SER F 146 -11.39 21.81 -25.56
CA SER F 146 -10.21 20.96 -25.43
C SER F 146 -9.38 20.94 -26.71
N GLN F 147 -8.15 20.47 -26.58
CA GLN F 147 -7.22 20.40 -27.71
C GLN F 147 -7.85 19.85 -28.98
N GLU F 148 -8.63 18.78 -28.83
CA GLU F 148 -9.30 18.11 -29.95
C GLU F 148 -10.02 19.02 -30.94
N ALA F 149 -11.27 19.37 -30.62
CA ALA F 149 -12.08 20.22 -31.50
C ALA F 149 -11.42 21.55 -31.86
N LEU F 150 -10.49 22.00 -31.03
CA LEU F 150 -9.79 23.26 -31.28
C LEU F 150 -8.82 23.12 -32.45
N LEU F 151 -8.59 21.88 -32.90
CA LEU F 151 -7.70 21.66 -34.01
C LEU F 151 -8.52 21.53 -35.28
N ALA F 152 -9.69 20.90 -35.15
CA ALA F 152 -10.60 20.73 -36.28
C ALA F 152 -10.83 22.14 -36.81
N TYR F 154 -9.93 25.98 -36.83
CA TYR F 154 -8.65 26.65 -36.60
C TYR F 154 -7.48 25.67 -36.59
N PRO F 155 -7.21 25.00 -37.73
CA PRO F 155 -6.10 24.04 -37.80
C PRO F 155 -4.77 24.75 -37.98
N GLN F 156 -4.80 25.85 -38.75
CA GLN F 156 -3.62 26.66 -39.03
C GLN F 156 -2.88 27.06 -37.76
N HIS F 157 -3.65 27.41 -36.74
CA HIS F 157 -3.11 27.82 -35.44
C HIS F 157 -3.13 26.60 -34.51
N LYS F 158 -2.19 25.69 -34.76
CA LYS F 158 -2.06 24.45 -34.02
C LYS F 158 -0.96 24.52 -32.96
N ALA F 159 0.16 25.14 -33.31
CA ALA F 159 1.28 25.25 -32.39
C ALA F 159 0.82 25.74 -31.02
N VAL F 160 0.01 26.80 -31.03
CA VAL F 160 -0.51 27.37 -29.80
C VAL F 160 -1.44 26.40 -29.08
N VAL F 161 -2.61 26.17 -29.67
CA VAL F 161 -3.63 25.29 -29.11
C VAL F 161 -3.10 24.10 -28.31
N GLN F 162 -1.96 23.55 -28.71
CA GLN F 162 -1.42 22.41 -28.00
C GLN F 162 -0.97 22.74 -26.57
N LYS F 163 -0.24 23.83 -26.40
CA LYS F 163 0.24 24.21 -25.06
C LYS F 163 -0.82 24.94 -24.23
N LEU F 164 -1.79 25.58 -24.88
CA LEU F 164 -2.85 26.28 -24.17
C LEU F 164 -4.12 25.44 -24.15
N SER F 165 -3.93 24.14 -23.95
CA SER F 165 -5.04 23.18 -23.88
C SER F 165 -4.52 21.81 -23.45
N ARG F 166 -5.44 20.87 -23.24
CA ARG F 166 -5.08 19.50 -22.85
C ARG F 166 -5.91 18.52 -23.70
N PRO F 167 -5.26 17.45 -24.20
CA PRO F 167 -5.97 16.47 -25.02
C PRO F 167 -7.17 15.81 -24.31
N GLU F 168 -7.82 14.88 -25.01
CA GLU F 168 -8.99 14.16 -24.49
C GLU F 168 -10.09 15.09 -23.95
N GLN G 12 34.61 -5.75 6.18
CA GLN G 12 34.02 -6.45 5.04
C GLN G 12 35.03 -7.35 4.34
N ASN G 13 35.28 -8.51 4.95
CA ASN G 13 36.23 -9.49 4.41
C ASN G 13 35.58 -10.14 3.19
N ALA G 14 36.29 -11.06 2.55
CA ALA G 14 35.75 -11.74 1.38
C ALA G 14 34.54 -12.55 1.80
N ASP G 15 34.48 -12.88 3.09
CA ASP G 15 33.38 -13.68 3.64
C ASP G 15 32.03 -13.04 3.36
N ASP G 16 31.93 -11.74 3.59
CA ASP G 16 30.69 -11.01 3.37
C ASP G 16 30.22 -11.13 1.92
N PHE G 17 31.17 -11.11 0.99
CA PHE G 17 30.86 -11.21 -0.44
C PHE G 17 30.40 -12.61 -0.81
N ILE G 18 31.21 -13.60 -0.47
CA ILE G 18 30.87 -14.99 -0.78
C ILE G 18 29.53 -15.34 -0.12
N LYS G 19 29.32 -14.80 1.08
CA LYS G 19 28.08 -15.04 1.84
C LYS G 19 26.90 -14.32 1.22
N PHE G 20 26.99 -12.99 1.18
CA PHE G 20 25.92 -12.14 0.62
C PHE G 20 25.67 -12.38 -0.87
N LEU G 21 26.74 -12.45 -1.66
CA LEU G 21 26.63 -12.67 -3.10
C LEU G 21 26.39 -14.16 -3.42
N GLU G 22 26.24 -14.95 -2.35
CA GLU G 22 25.98 -16.38 -2.46
C GLU G 22 26.95 -17.07 -3.42
N LEU G 23 28.25 -16.86 -3.24
CA LEU G 23 29.25 -17.47 -4.10
C LEU G 23 29.50 -18.94 -3.86
N GLU G 24 29.71 -19.66 -4.95
CA GLU G 24 30.01 -21.09 -4.90
C GLU G 24 31.54 -21.19 -4.85
N GLN G 25 32.06 -22.36 -5.19
CA GLN G 25 33.51 -22.59 -5.19
C GLN G 25 33.88 -23.06 -6.58
N HIS G 26 34.62 -22.23 -7.31
CA HIS G 26 35.01 -22.60 -8.66
C HIS G 26 36.11 -23.66 -8.69
N VAL G 27 36.00 -24.56 -9.67
CA VAL G 27 36.96 -25.65 -9.84
C VAL G 27 38.31 -25.17 -10.34
N GLU G 28 38.32 -24.12 -11.15
CA GLU G 28 39.58 -23.61 -11.68
C GLU G 28 40.37 -22.93 -10.58
N GLY G 29 39.86 -22.99 -9.36
CA GLY G 29 40.54 -22.38 -8.23
C GLY G 29 40.04 -20.98 -7.94
N GLY G 30 39.12 -20.87 -6.98
CA GLY G 30 38.56 -19.59 -6.63
C GLY G 30 37.09 -19.77 -6.30
N PHE G 31 36.35 -18.69 -6.21
CA PHE G 31 34.92 -18.78 -5.91
C PHE G 31 34.10 -17.91 -6.88
N TYR G 32 33.01 -18.47 -7.42
CA TYR G 32 32.18 -17.75 -8.38
C TYR G 32 30.68 -17.83 -8.11
N ARG G 33 29.89 -17.41 -9.08
CA ARG G 33 28.42 -17.45 -9.02
C ARG G 33 27.83 -16.74 -10.24
N SER G 34 27.27 -17.52 -11.16
CA SER G 34 26.66 -16.99 -12.37
C SER G 34 25.75 -15.81 -12.08
N SER G 35 26.12 -14.62 -12.54
CA SER G 35 25.31 -13.42 -12.35
C SER G 35 24.08 -13.55 -13.25
N TYR G 36 24.22 -13.20 -14.52
CA TYR G 36 23.11 -13.31 -15.46
C TYR G 36 23.62 -14.05 -16.68
N ARG G 37 22.68 -14.38 -17.56
CA ARG G 37 23.02 -15.05 -18.80
C ARG G 37 22.06 -14.39 -19.77
N SER G 38 22.48 -14.22 -21.00
CA SER G 38 21.61 -13.58 -21.99
C SER G 38 20.30 -14.34 -22.13
N GLU G 39 19.47 -13.94 -23.09
CA GLU G 39 18.21 -14.61 -23.34
C GLU G 39 17.94 -14.60 -24.84
N THR G 40 19.02 -14.77 -25.58
CA THR G 40 19.05 -14.84 -27.03
C THR G 40 20.40 -15.51 -27.26
N ALA G 41 20.58 -16.22 -28.38
CA ALA G 41 21.84 -16.89 -28.61
C ALA G 41 22.48 -16.70 -29.97
N PHE G 42 23.78 -17.00 -30.02
CA PHE G 42 24.59 -16.93 -31.23
C PHE G 42 24.07 -18.07 -32.10
N ASP G 43 23.73 -19.16 -31.43
CA ASP G 43 23.20 -20.37 -32.04
C ASP G 43 22.56 -21.23 -30.94
N PRO G 44 21.65 -22.15 -31.31
CA PRO G 44 21.02 -22.99 -30.29
C PRO G 44 21.96 -23.91 -29.51
N SER G 45 23.26 -23.60 -29.55
CA SER G 45 24.26 -24.42 -28.83
C SER G 45 24.81 -23.67 -27.62
N ARG G 46 25.17 -22.41 -27.84
CA ARG G 46 25.71 -21.53 -26.81
C ARG G 46 24.70 -20.40 -26.63
N GLN G 47 24.94 -19.52 -25.67
CA GLN G 47 24.06 -18.38 -25.43
C GLN G 47 24.69 -17.14 -26.07
N LEU G 48 24.30 -15.94 -25.61
CA LEU G 48 24.88 -14.73 -26.18
C LEU G 48 26.06 -14.27 -25.31
N TRP G 49 25.81 -14.08 -24.01
CA TRP G 49 26.85 -13.68 -23.06
C TRP G 49 26.51 -14.24 -21.68
N SER G 50 27.53 -14.44 -20.84
CA SER G 50 27.30 -15.00 -19.51
C SER G 50 28.17 -14.42 -18.40
N SER G 51 27.71 -13.33 -17.81
CA SER G 51 28.44 -12.67 -16.72
C SER G 51 28.37 -13.51 -15.46
N ILE G 52 29.45 -13.51 -14.70
CA ILE G 52 29.56 -14.26 -13.46
C ILE G 52 30.43 -13.46 -12.52
N TYR G 53 30.39 -13.75 -11.23
CA TYR G 53 31.26 -13.06 -10.27
C TYR G 53 32.51 -13.94 -10.19
N PHE G 54 33.46 -13.56 -9.34
CA PHE G 54 34.69 -14.34 -9.19
C PHE G 54 35.51 -13.66 -8.10
N LEU G 55 35.97 -14.43 -7.12
CA LEU G 55 36.73 -13.88 -6.00
C LEU G 55 38.03 -14.63 -5.77
N LEU G 56 39.05 -13.91 -5.31
CA LEU G 56 40.33 -14.53 -5.05
C LEU G 56 40.67 -14.28 -3.58
N ARG G 57 40.76 -15.39 -2.82
CA ARG G 57 41.05 -15.32 -1.39
C ARG G 57 42.55 -15.27 -1.08
N THR G 58 42.87 -14.97 0.17
CA THR G 58 44.25 -14.85 0.62
C THR G 58 45.16 -15.98 0.16
N GLY G 59 44.60 -17.15 -0.09
CA GLY G 59 45.40 -18.27 -0.54
C GLY G 59 44.86 -18.85 -1.84
N GLU G 60 44.39 -17.96 -2.72
CA GLU G 60 43.82 -18.36 -4.00
C GLU G 60 44.56 -17.91 -5.26
N VAL G 61 44.40 -18.68 -6.33
CA VAL G 61 44.99 -18.40 -7.63
C VAL G 61 44.13 -19.08 -8.69
N SER G 62 44.08 -18.49 -9.88
CA SER G 62 43.29 -19.07 -10.95
C SER G 62 44.19 -19.99 -11.79
N HIS G 63 43.97 -21.29 -11.66
CA HIS G 63 44.78 -22.27 -12.37
C HIS G 63 44.62 -22.15 -13.87
N PHE G 64 45.75 -22.18 -14.57
CA PHE G 64 45.78 -22.05 -16.01
C PHE G 64 44.68 -22.79 -16.75
N HIS G 65 43.80 -22.02 -17.40
CA HIS G 65 42.68 -22.56 -18.18
C HIS G 65 42.61 -21.86 -19.54
N ARG G 66 41.69 -22.30 -20.38
CA ARG G 66 41.52 -21.73 -21.72
C ARG G 66 40.07 -21.86 -22.15
N LEU G 67 39.59 -20.95 -23.01
CA LEU G 67 38.21 -21.01 -23.46
C LEU G 67 38.03 -21.02 -24.98
N THR G 68 36.83 -21.38 -25.39
CA THR G 68 36.48 -21.43 -26.80
C THR G 68 35.93 -20.03 -27.12
N ALA G 69 36.13 -19.09 -26.20
CA ALA G 69 35.63 -17.72 -26.36
C ALA G 69 36.42 -16.64 -25.61
N ASP G 70 36.17 -15.38 -26.00
CA ASP G 70 36.84 -14.23 -25.40
C ASP G 70 36.28 -13.99 -24.00
N GLU G 71 37.00 -13.21 -23.20
CA GLU G 71 36.54 -12.94 -21.85
C GLU G 71 36.92 -11.56 -21.32
N TRP G 73 37.16 -8.91 -18.22
CA TRP G 73 37.34 -8.91 -16.76
C TRP G 73 37.07 -7.53 -16.14
N TYR G 74 35.90 -7.35 -15.56
CA TYR G 74 35.56 -6.09 -14.94
C TYR G 74 35.90 -6.10 -13.46
N PHE G 75 36.81 -5.23 -13.04
CA PHE G 75 37.24 -5.16 -11.65
C PHE G 75 36.17 -4.58 -10.74
N HIS G 76 35.98 -5.21 -9.59
CA HIS G 76 34.98 -4.76 -8.63
C HIS G 76 35.64 -4.11 -7.41
N ALA G 77 36.11 -4.94 -6.49
CA ALA G 77 36.75 -4.42 -5.28
C ALA G 77 37.85 -5.36 -4.80
N GLY G 78 38.52 -4.98 -3.71
CA GLY G 78 39.58 -5.80 -3.19
C GLY G 78 40.95 -5.40 -3.74
N GLN G 79 41.92 -6.30 -3.62
CA GLN G 79 43.26 -6.02 -4.11
C GLN G 79 43.26 -5.99 -5.64
N SER G 80 44.31 -5.45 -6.24
CA SER G 80 44.39 -5.38 -7.69
C SER G 80 45.17 -6.58 -8.24
N LEU G 81 44.42 -7.51 -8.85
CA LEU G 81 44.97 -8.74 -9.41
C LEU G 81 46.11 -8.58 -10.41
N THR G 82 46.39 -9.70 -11.06
CA THR G 82 47.41 -9.80 -12.08
C THR G 82 46.97 -10.99 -12.93
N ILE G 83 47.25 -10.95 -14.21
CA ILE G 83 46.85 -12.02 -15.09
C ILE G 83 48.08 -12.51 -15.84
N TYR G 84 48.18 -13.82 -15.99
CA TYR G 84 49.32 -14.41 -16.69
C TYR G 84 48.78 -15.21 -17.87
N ILE G 86 49.53 -17.22 -21.91
CA ILE G 86 50.47 -17.98 -22.74
C ILE G 86 49.82 -18.32 -24.08
N SER G 87 50.56 -18.06 -25.16
CA SER G 87 50.08 -18.32 -26.52
C SER G 87 50.45 -19.70 -27.00
N PRO G 88 49.74 -20.20 -28.04
CA PRO G 88 50.03 -21.53 -28.58
C PRO G 88 51.45 -21.67 -29.13
N GLU G 89 52.21 -20.58 -29.04
CA GLU G 89 53.60 -20.55 -29.48
C GLU G 89 54.48 -20.52 -28.23
N GLY G 90 53.91 -20.06 -27.12
CA GLY G 90 54.64 -20.01 -25.87
C GLY G 90 55.04 -18.62 -25.40
N GLU G 91 54.28 -17.61 -25.81
CA GLU G 91 54.56 -16.22 -25.43
C GLU G 91 53.90 -15.92 -24.10
N LEU G 92 54.71 -15.52 -23.12
CA LEU G 92 54.21 -15.21 -21.78
C LEU G 92 54.00 -13.73 -21.53
N THR G 93 52.75 -13.30 -21.61
CA THR G 93 52.42 -11.90 -21.36
C THR G 93 51.94 -11.73 -19.93
N THR G 94 51.60 -10.50 -19.56
CA THR G 94 51.13 -10.22 -18.22
C THR G 94 50.42 -8.89 -18.20
N ALA G 95 49.40 -8.77 -17.36
CA ALA G 95 48.62 -7.55 -17.26
C ALA G 95 48.27 -7.23 -15.82
N GLN G 96 47.71 -6.05 -15.59
CA GLN G 96 47.34 -5.62 -14.25
C GLN G 96 45.92 -5.11 -14.25
N LEU G 97 45.08 -5.68 -13.38
CA LEU G 97 43.67 -5.30 -13.29
C LEU G 97 43.35 -4.64 -11.96
N GLY G 98 43.00 -3.36 -11.98
CA GLY G 98 42.68 -2.68 -10.73
C GLY G 98 42.13 -1.28 -10.85
N LEU G 99 42.08 -0.58 -9.71
CA LEU G 99 41.58 0.79 -9.66
C LEU G 99 42.75 1.77 -9.61
N ASP G 100 43.98 1.28 -9.73
CA ASP G 100 45.13 2.18 -9.72
C ASP G 100 45.61 2.46 -11.13
N LEU G 101 45.11 3.54 -11.71
CA LEU G 101 45.48 3.94 -13.06
C LEU G 101 46.92 4.42 -13.08
N ALA G 102 47.42 4.83 -11.92
CA ALA G 102 48.78 5.32 -11.79
C ALA G 102 49.74 4.33 -12.43
N ALA G 103 49.65 3.07 -12.03
CA ALA G 103 50.49 2.03 -12.61
C ALA G 103 49.82 1.49 -13.87
N GLY G 104 50.27 0.34 -14.35
CA GLY G 104 49.69 -0.24 -15.55
C GLY G 104 48.30 -0.81 -15.34
N GLU G 105 47.79 -0.71 -14.11
CA GLU G 105 46.47 -1.23 -13.77
C GLU G 105 45.29 -0.53 -14.45
N ARG G 106 44.31 -1.34 -14.86
CA ARG G 106 43.10 -0.85 -15.51
C ARG G 106 41.92 -1.65 -14.93
N PRO G 107 40.78 -1.00 -14.67
CA PRO G 107 39.62 -1.70 -14.13
C PRO G 107 39.11 -2.77 -15.07
N GLN G 108 39.22 -2.51 -16.36
CA GLN G 108 38.77 -3.43 -17.37
C GLN G 108 39.93 -4.00 -18.17
N PHE G 109 39.77 -5.24 -18.62
CA PHE G 109 40.80 -5.87 -19.42
C PHE G 109 40.14 -6.95 -20.24
N LEU G 110 40.82 -7.40 -21.27
CA LEU G 110 40.26 -8.47 -22.09
C LEU G 110 41.32 -9.51 -22.33
N VAL G 111 40.90 -10.77 -22.23
CA VAL G 111 41.77 -11.90 -22.45
C VAL G 111 41.18 -12.67 -23.63
N PRO G 112 41.95 -12.77 -24.73
CA PRO G 112 41.58 -13.46 -25.96
C PRO G 112 41.28 -14.94 -25.84
N LYS G 113 40.44 -15.42 -26.75
CA LYS G 113 40.09 -16.84 -26.80
C LYS G 113 41.30 -17.59 -27.35
N GLY G 114 41.51 -18.81 -26.87
CA GLY G 114 42.63 -19.61 -27.31
C GLY G 114 43.81 -19.42 -26.38
N CYS G 115 43.75 -18.36 -25.59
CA CYS G 115 44.79 -18.04 -24.64
C CYS G 115 44.61 -18.86 -23.37
N ILE G 116 45.68 -19.52 -22.95
CA ILE G 116 45.64 -20.29 -21.71
C ILE G 116 46.24 -19.37 -20.65
N PHE G 117 45.37 -18.83 -19.78
CA PHE G 117 45.78 -17.89 -18.75
C PHE G 117 45.49 -18.30 -17.31
N GLY G 118 46.02 -17.50 -16.39
CA GLY G 118 45.82 -17.73 -14.97
C GLY G 118 45.57 -16.39 -14.31
N SER G 119 45.78 -16.29 -13.01
CA SER G 119 45.55 -15.04 -12.29
C SER G 119 45.88 -15.18 -10.82
N ALA G 120 46.35 -14.09 -10.21
CA ALA G 120 46.70 -14.13 -8.79
C ALA G 120 47.04 -12.75 -8.24
N ASN G 122 48.48 -9.62 -6.24
CA ASN G 122 49.90 -9.34 -5.96
C ASN G 122 50.13 -9.21 -4.46
N GLN G 123 49.06 -9.00 -3.71
CA GLN G 123 49.13 -8.82 -2.26
C GLN G 123 48.28 -9.84 -1.50
N ASP G 124 47.64 -9.41 -0.42
CA ASP G 124 46.78 -10.27 0.38
C ASP G 124 45.33 -9.76 0.29
N GLY G 125 44.61 -9.76 1.41
CA GLY G 125 43.23 -9.30 1.42
C GLY G 125 42.34 -10.19 0.58
N PHE G 126 41.88 -9.67 -0.55
CA PHE G 126 41.04 -10.42 -1.47
C PHE G 126 40.87 -9.65 -2.78
N SER G 127 39.94 -10.10 -3.62
CA SER G 127 39.68 -9.46 -4.90
C SER G 127 38.38 -9.98 -5.52
N LEU G 128 37.61 -9.08 -6.14
CA LEU G 128 36.35 -9.46 -6.77
C LEU G 128 36.31 -8.95 -8.21
N VAL G 129 35.91 -9.82 -9.13
CA VAL G 129 35.84 -9.48 -10.54
C VAL G 129 34.55 -10.04 -11.13
N GLY G 130 34.07 -9.42 -12.20
CA GLY G 130 32.84 -9.89 -12.83
C GLY G 130 33.11 -10.25 -14.28
N CYS G 131 33.46 -11.50 -14.54
CA CYS G 131 33.76 -11.95 -15.89
C CYS G 131 32.56 -12.25 -16.77
N VAL G 133 31.88 -13.74 -20.78
CA VAL G 133 32.55 -14.33 -21.93
C VAL G 133 31.79 -14.31 -23.27
N SER G 134 32.57 -14.12 -24.33
CA SER G 134 32.11 -14.05 -25.72
C SER G 134 30.71 -14.65 -25.88
N PRO G 135 30.58 -15.86 -26.47
CA PRO G 135 29.17 -16.24 -26.50
C PRO G 135 28.81 -16.82 -25.11
N GLY G 136 27.54 -17.08 -24.88
CA GLY G 136 27.10 -17.63 -23.61
C GLY G 136 27.84 -18.88 -23.18
N PHE G 137 28.73 -18.73 -22.20
CA PHE G 137 29.53 -19.83 -21.68
C PHE G 137 28.75 -21.10 -21.39
N THR G 138 29.46 -22.22 -21.56
CA THR G 138 28.95 -23.57 -21.33
C THR G 138 30.24 -24.33 -21.03
N PHE G 139 30.17 -25.31 -20.14
CA PHE G 139 31.37 -26.06 -19.78
C PHE G 139 32.08 -26.88 -20.86
N ASP G 140 31.48 -26.99 -22.03
CA ASP G 140 32.10 -27.72 -23.13
C ASP G 140 33.33 -26.89 -23.53
N ASP G 141 33.24 -25.58 -23.28
CA ASP G 141 34.31 -24.65 -23.62
C ASP G 141 35.49 -24.68 -22.67
N PHE G 142 35.21 -24.67 -21.37
CA PHE G 142 36.29 -24.67 -20.39
C PHE G 142 37.30 -25.79 -20.69
N GLU G 143 38.53 -25.60 -20.22
CA GLU G 143 39.59 -26.58 -20.42
C GLU G 143 40.78 -26.28 -19.50
N LEU G 144 40.82 -26.98 -18.37
CA LEU G 144 41.90 -26.83 -17.38
C LEU G 144 43.00 -27.83 -17.73
N PHE G 145 44.23 -27.53 -17.32
CA PHE G 145 45.34 -28.43 -17.63
C PHE G 145 46.14 -28.90 -16.41
N SER G 146 46.90 -29.98 -16.60
CA SER G 146 47.73 -30.58 -15.55
C SER G 146 49.05 -29.83 -15.36
N GLN G 147 49.36 -29.46 -14.11
CA GLN G 147 50.57 -28.70 -13.81
C GLN G 147 51.81 -29.30 -14.44
N GLU G 148 51.83 -30.62 -14.58
CA GLU G 148 52.98 -31.26 -15.18
C GLU G 148 52.95 -30.99 -16.68
N ALA G 149 51.81 -31.27 -17.30
CA ALA G 149 51.62 -31.05 -18.73
C ALA G 149 52.00 -29.62 -19.13
N LEU G 150 51.52 -28.65 -18.33
CA LEU G 150 51.81 -27.25 -18.59
C LEU G 150 53.29 -26.96 -18.39
N LEU G 151 54.02 -27.92 -17.83
CA LEU G 151 55.46 -27.76 -17.61
C LEU G 151 56.19 -28.50 -18.72
N ALA G 152 55.48 -29.42 -19.35
CA ALA G 152 56.02 -30.20 -20.46
C ALA G 152 56.03 -29.24 -21.64
N TYR G 154 55.90 -25.69 -23.05
CA TYR G 154 56.35 -24.39 -22.51
C TYR G 154 56.96 -24.52 -21.10
N PRO G 155 58.05 -25.29 -20.95
CA PRO G 155 58.76 -25.53 -19.68
C PRO G 155 59.43 -24.34 -18.93
N GLN G 156 60.27 -23.59 -19.62
CA GLN G 156 60.99 -22.44 -19.04
C GLN G 156 60.31 -21.62 -17.93
N HIS G 157 59.12 -21.10 -18.24
CA HIS G 157 58.35 -20.26 -17.32
C HIS G 157 58.25 -20.73 -15.86
N LYS G 158 58.48 -22.02 -15.64
CA LYS G 158 58.47 -22.65 -14.30
C LYS G 158 57.81 -21.91 -13.13
N ALA G 159 58.57 -21.02 -12.48
CA ALA G 159 58.13 -20.27 -11.30
C ALA G 159 56.67 -19.81 -11.25
N VAL G 160 56.01 -19.77 -12.40
CA VAL G 160 54.62 -19.34 -12.45
C VAL G 160 53.72 -20.55 -12.65
N VAL G 161 54.15 -21.46 -13.53
CA VAL G 161 53.38 -22.65 -13.82
C VAL G 161 53.18 -23.46 -12.52
N GLN G 162 54.02 -23.19 -11.54
CA GLN G 162 53.92 -23.87 -10.24
C GLN G 162 53.18 -22.99 -9.26
N LYS G 163 53.45 -21.69 -9.33
CA LYS G 163 52.81 -20.72 -8.44
C LYS G 163 51.38 -20.46 -8.90
N LEU G 164 50.97 -21.15 -9.95
CA LEU G 164 49.61 -21.01 -10.47
C LEU G 164 49.08 -22.36 -10.95
N SER G 165 49.58 -23.43 -10.32
CA SER G 165 49.15 -24.77 -10.68
C SER G 165 49.85 -25.84 -9.82
N ARG G 166 49.07 -26.86 -9.45
CA ARG G 166 49.58 -27.98 -8.65
C ARG G 166 49.30 -29.25 -9.47
N PRO G 167 50.09 -30.31 -9.25
CA PRO G 167 49.88 -31.56 -9.99
C PRO G 167 48.77 -32.42 -9.39
N GLU G 168 47.99 -33.06 -10.27
CA GLU G 168 46.88 -33.92 -9.85
C GLU G 168 45.84 -33.22 -8.97
N GLN H 12 -16.99 -19.65 2.39
CA GLN H 12 -16.97 -18.35 3.04
C GLN H 12 -15.66 -18.02 3.74
N ASN H 13 -15.07 -16.90 3.35
CA ASN H 13 -13.81 -16.40 3.90
C ASN H 13 -14.12 -15.53 5.11
N ALA H 14 -13.10 -14.89 5.66
CA ALA H 14 -13.29 -14.01 6.79
C ALA H 14 -13.94 -12.74 6.27
N ASP H 15 -13.49 -12.32 5.08
CA ASP H 15 -13.99 -11.13 4.43
C ASP H 15 -15.50 -11.15 4.21
N ASP H 16 -16.06 -12.33 4.04
CA ASP H 16 -17.50 -12.46 3.81
C ASP H 16 -18.28 -12.19 5.08
N PHE H 17 -17.76 -12.67 6.20
CA PHE H 17 -18.39 -12.50 7.50
C PHE H 17 -18.33 -11.07 8.04
N ILE H 18 -17.17 -10.44 7.93
CA ILE H 18 -17.01 -9.07 8.40
C ILE H 18 -17.97 -8.21 7.60
N LYS H 19 -17.98 -8.43 6.29
CA LYS H 19 -18.83 -7.67 5.37
C LYS H 19 -20.31 -7.83 5.66
N PHE H 20 -20.82 -9.04 5.51
CA PHE H 20 -22.23 -9.28 5.75
C PHE H 20 -22.70 -9.00 7.17
N LEU H 21 -21.85 -9.28 8.14
CA LEU H 21 -22.20 -9.04 9.53
C LEU H 21 -21.93 -7.60 9.97
N GLU H 22 -21.13 -6.89 9.18
CA GLU H 22 -20.78 -5.50 9.46
C GLU H 22 -19.91 -5.40 10.74
N LEU H 23 -18.89 -6.25 10.81
CA LEU H 23 -18.02 -6.27 11.96
C LEU H 23 -17.01 -5.13 11.97
N GLU H 24 -16.92 -4.45 13.11
CA GLU H 24 -15.97 -3.36 13.33
C GLU H 24 -14.69 -4.01 13.86
N GLN H 25 -13.57 -3.30 13.82
CA GLN H 25 -12.33 -3.80 14.40
C GLN H 25 -12.57 -3.70 15.90
N HIS H 26 -11.90 -4.52 16.69
CA HIS H 26 -12.09 -4.43 18.13
C HIS H 26 -10.81 -3.90 18.78
N VAL H 27 -10.97 -3.20 19.89
CA VAL H 27 -9.82 -2.67 20.57
C VAL H 27 -8.95 -3.82 21.10
N GLU H 28 -9.57 -4.91 21.55
CA GLU H 28 -8.80 -6.05 22.10
C GLU H 28 -8.13 -6.89 21.01
N GLY H 29 -8.76 -6.93 19.85
CA GLY H 29 -8.22 -7.69 18.73
C GLY H 29 -9.39 -8.14 17.91
N GLY H 30 -9.12 -8.65 16.71
CA GLY H 30 -10.22 -9.11 15.88
C GLY H 30 -11.35 -8.15 15.54
N PHE H 31 -12.46 -8.72 15.08
CA PHE H 31 -13.60 -7.95 14.64
C PHE H 31 -14.83 -8.21 15.47
N TYR H 32 -15.88 -7.38 15.33
CA TYR H 32 -17.06 -7.57 16.17
C TYR H 32 -18.23 -6.67 15.78
N ARG H 33 -19.42 -6.93 16.31
CA ARG H 33 -20.60 -6.10 16.05
C ARG H 33 -21.72 -6.55 16.95
N SER H 34 -22.14 -5.67 17.85
CA SER H 34 -23.19 -5.95 18.79
C SER H 34 -24.43 -6.47 18.02
N SER H 35 -24.80 -7.73 18.27
CA SER H 35 -25.95 -8.30 17.59
C SER H 35 -27.27 -7.83 18.24
N TYR H 36 -27.43 -8.09 19.54
CA TYR H 36 -28.64 -7.68 20.26
C TYR H 36 -28.26 -7.25 21.67
N ARG H 37 -29.11 -6.43 22.28
CA ARG H 37 -28.90 -5.93 23.62
C ARG H 37 -30.23 -5.93 24.33
N SER H 38 -30.26 -6.43 25.57
CA SER H 38 -31.50 -6.48 26.32
C SER H 38 -32.20 -5.14 26.38
N GLU H 39 -33.52 -5.16 26.55
CA GLU H 39 -34.29 -3.93 26.68
C GLU H 39 -34.73 -3.86 28.14
N THR H 40 -34.11 -4.70 28.95
CA THR H 40 -34.37 -4.76 30.38
C THR H 40 -33.08 -4.24 31.00
N ALA H 41 -33.17 -3.71 32.20
CA ALA H 41 -31.98 -3.17 32.84
C ALA H 41 -31.58 -3.94 34.09
N PHE H 42 -30.33 -3.76 34.49
CA PHE H 42 -29.77 -4.38 35.69
C PHE H 42 -29.62 -3.17 36.61
N ASP H 43 -28.64 -2.32 36.31
CA ASP H 43 -28.43 -1.08 37.06
C ASP H 43 -28.93 0.00 36.12
N PRO H 44 -29.32 1.15 36.65
CA PRO H 44 -29.79 2.16 35.70
C PRO H 44 -28.63 2.56 34.80
N SER H 45 -27.52 1.83 34.91
CA SER H 45 -26.33 2.09 34.10
C SER H 45 -26.23 1.02 33.02
N ARG H 46 -26.01 -0.23 33.45
CA ARG H 46 -25.87 -1.36 32.54
C ARG H 46 -27.18 -2.12 32.32
N GLN H 47 -27.22 -2.89 31.24
CA GLN H 47 -28.38 -3.71 30.91
C GLN H 47 -28.23 -5.14 31.44
N LEU H 48 -29.28 -5.94 31.26
CA LEU H 48 -29.29 -7.32 31.74
C LEU H 48 -28.34 -8.25 30.99
N TRP H 49 -28.09 -7.95 29.72
CA TRP H 49 -27.14 -8.74 28.93
C TRP H 49 -26.80 -8.04 27.62
N SER H 50 -25.66 -8.42 27.08
CA SER H 50 -25.20 -7.85 25.85
C SER H 50 -24.63 -9.04 25.06
N SER H 51 -24.82 -9.04 23.74
CA SER H 51 -24.33 -10.11 22.91
C SER H 51 -23.73 -9.61 21.59
N ILE H 52 -22.59 -10.20 21.21
CA ILE H 52 -21.92 -9.81 19.98
C ILE H 52 -21.49 -10.99 19.15
N TYR H 53 -20.88 -10.70 18.00
CA TYR H 53 -20.36 -11.70 17.08
C TYR H 53 -18.89 -11.35 17.24
N PHE H 54 -18.02 -12.33 17.22
CA PHE H 54 -16.62 -11.99 17.38
C PHE H 54 -15.84 -12.83 16.42
N LEU H 55 -15.00 -12.18 15.61
CA LEU H 55 -14.24 -12.88 14.61
C LEU H 55 -12.75 -12.67 14.74
N LEU H 56 -11.99 -13.67 14.33
CA LEU H 56 -10.55 -13.69 14.38
C LEU H 56 -10.06 -14.12 13.00
N ARG H 57 -9.17 -13.33 12.40
CA ARG H 57 -8.62 -13.66 11.09
C ARG H 57 -7.25 -14.23 11.41
N THR H 58 -6.53 -14.70 10.41
CA THR H 58 -5.22 -15.31 10.67
C THR H 58 -4.26 -14.46 11.50
N GLY H 59 -3.88 -13.29 11.04
CA GLY H 59 -2.97 -12.47 11.84
C GLY H 59 -3.60 -11.81 13.07
N GLU H 60 -4.78 -12.29 13.49
CA GLU H 60 -5.48 -11.71 14.63
C GLU H 60 -5.42 -12.59 15.87
N VAL H 61 -5.79 -11.98 16.99
CA VAL H 61 -5.87 -12.59 18.31
C VAL H 61 -6.60 -11.63 19.23
N SER H 62 -7.23 -12.15 20.27
CA SER H 62 -7.91 -11.30 21.24
C SER H 62 -6.96 -11.18 22.44
N HIS H 63 -6.21 -10.09 22.51
CA HIS H 63 -5.24 -9.88 23.59
C HIS H 63 -5.77 -9.91 25.00
N PHE H 64 -4.88 -10.24 25.93
CA PHE H 64 -5.22 -10.34 27.33
C PHE H 64 -5.95 -9.12 27.82
N HIS H 65 -7.04 -9.36 28.54
CA HIS H 65 -7.89 -8.32 29.07
C HIS H 65 -8.78 -8.94 30.16
N ARG H 66 -9.32 -8.11 31.03
CA ARG H 66 -10.14 -8.60 32.12
C ARG H 66 -11.52 -7.97 32.04
N LEU H 67 -12.53 -8.73 32.46
CA LEU H 67 -13.91 -8.29 32.42
C LEU H 67 -14.51 -8.33 33.81
N THR H 68 -15.33 -7.33 34.11
CA THR H 68 -15.92 -7.28 35.42
C THR H 68 -17.14 -8.21 35.56
N ALA H 69 -17.45 -8.94 34.49
CA ALA H 69 -18.59 -9.84 34.51
C ALA H 69 -18.29 -11.10 33.72
N ASP H 70 -19.13 -12.11 33.92
CA ASP H 70 -18.98 -13.39 33.23
C ASP H 70 -19.25 -13.28 31.73
N GLU H 71 -18.51 -14.05 30.94
CA GLU H 71 -18.73 -13.98 29.51
C GLU H 71 -18.93 -15.33 28.85
N TRP H 73 -19.29 -17.91 25.90
CA TRP H 73 -18.78 -18.09 24.55
C TRP H 73 -19.50 -19.20 23.76
N TYR H 74 -20.05 -18.84 22.59
CA TYR H 74 -20.77 -19.77 21.72
C TYR H 74 -20.05 -19.98 20.39
N PHE H 75 -19.43 -21.13 20.17
CA PHE H 75 -18.76 -21.32 18.90
C PHE H 75 -19.76 -21.29 17.73
N HIS H 76 -19.50 -20.41 16.77
CA HIS H 76 -20.33 -20.20 15.58
C HIS H 76 -19.82 -20.84 14.30
N ALA H 77 -18.51 -20.81 14.05
CA ALA H 77 -18.00 -21.41 12.83
C ALA H 77 -16.48 -21.30 12.67
N GLY H 78 -15.98 -21.74 11.52
CA GLY H 78 -14.55 -21.65 11.23
C GLY H 78 -13.65 -22.52 12.09
N GLN H 79 -12.42 -22.03 12.33
CA GLN H 79 -11.43 -22.75 13.13
C GLN H 79 -11.70 -22.75 14.65
N SER H 80 -11.27 -23.79 15.35
CA SER H 80 -11.50 -23.82 16.79
C SER H 80 -10.47 -22.93 17.48
N LEU H 81 -10.82 -22.46 18.68
CA LEU H 81 -9.95 -21.57 19.45
C LEU H 81 -9.46 -22.17 20.75
N THR H 82 -8.35 -21.61 21.23
CA THR H 82 -7.82 -22.02 22.50
C THR H 82 -7.94 -20.74 23.29
N ILE H 83 -8.66 -20.78 24.39
CA ILE H 83 -8.80 -19.61 25.22
C ILE H 83 -7.82 -19.72 26.38
N TYR H 84 -6.97 -18.73 26.56
CA TYR H 84 -6.00 -18.74 27.65
C TYR H 84 -6.43 -17.86 28.83
N ILE H 86 -5.65 -16.56 32.99
CA ILE H 86 -4.74 -16.48 34.13
C ILE H 86 -5.50 -15.99 35.37
N SER H 87 -5.66 -16.86 36.36
CA SER H 87 -6.39 -16.52 37.57
C SER H 87 -5.69 -15.42 38.35
N PRO H 88 -6.42 -14.78 39.29
CA PRO H 88 -5.84 -13.72 40.10
C PRO H 88 -4.96 -14.37 41.16
N GLU H 89 -4.18 -15.35 40.72
CA GLU H 89 -3.28 -16.08 41.59
C GLU H 89 -2.12 -16.57 40.73
N GLY H 90 -2.12 -16.11 39.47
CA GLY H 90 -1.07 -16.49 38.54
C GLY H 90 -1.26 -17.81 37.83
N GLU H 91 -2.33 -18.51 38.18
CA GLU H 91 -2.61 -19.81 37.58
C GLU H 91 -3.17 -19.72 36.15
N LEU H 92 -2.43 -20.32 35.21
CA LEU H 92 -2.85 -20.37 33.82
C LEU H 92 -3.63 -21.65 33.54
N THR H 93 -4.80 -21.50 32.92
CA THR H 93 -5.64 -22.64 32.53
C THR H 93 -6.01 -22.34 31.07
N THR H 94 -6.66 -23.28 30.41
CA THR H 94 -7.06 -23.10 29.03
C THR H 94 -8.27 -23.95 28.72
N ALA H 95 -9.09 -23.49 27.79
CA ALA H 95 -10.27 -24.24 27.39
C ALA H 95 -10.26 -24.13 25.90
N GLN H 96 -10.82 -25.10 25.20
CA GLN H 96 -10.83 -25.00 23.77
C GLN H 96 -12.28 -24.94 23.37
N LEU H 97 -12.59 -24.09 22.40
CA LEU H 97 -13.96 -23.93 21.96
C LEU H 97 -14.02 -24.46 20.55
N GLY H 98 -15.08 -25.18 20.23
CA GLY H 98 -15.22 -25.74 18.89
C GLY H 98 -16.15 -26.95 18.79
N LEU H 99 -15.84 -27.86 17.87
CA LEU H 99 -16.69 -29.03 17.69
C LEU H 99 -16.02 -30.40 17.82
N ASP H 100 -14.70 -30.43 17.89
CA ASP H 100 -13.97 -31.69 18.03
C ASP H 100 -14.09 -32.21 19.46
N LEU H 101 -15.26 -32.73 19.79
CA LEU H 101 -15.60 -33.27 21.10
C LEU H 101 -14.65 -34.36 21.61
N ALA H 102 -13.94 -35.01 20.68
CA ALA H 102 -12.97 -36.06 21.02
C ALA H 102 -11.91 -35.47 21.95
N ALA H 103 -11.47 -34.26 21.62
CA ALA H 103 -10.50 -33.58 22.46
C ALA H 103 -11.35 -32.77 23.44
N GLY H 104 -10.72 -31.90 24.22
CA GLY H 104 -11.49 -31.12 25.18
C GLY H 104 -12.29 -30.01 24.54
N GLU H 105 -12.51 -30.10 23.22
CA GLU H 105 -13.27 -29.06 22.52
C GLU H 105 -14.75 -29.11 22.82
N ARG H 106 -15.30 -27.96 23.17
CA ARG H 106 -16.71 -27.84 23.51
C ARG H 106 -17.24 -26.68 22.66
N PRO H 107 -18.53 -26.70 22.30
CA PRO H 107 -19.05 -25.59 21.48
C PRO H 107 -19.37 -24.36 22.33
N GLN H 108 -19.32 -24.52 23.64
CA GLN H 108 -19.61 -23.41 24.53
C GLN H 108 -18.59 -23.34 25.65
N PHE H 109 -18.51 -22.19 26.30
CA PHE H 109 -17.59 -22.01 27.41
C PHE H 109 -17.84 -20.71 28.10
N LEU H 110 -17.65 -20.72 29.42
CA LEU H 110 -17.87 -19.55 30.25
C LEU H 110 -16.55 -19.09 30.83
N VAL H 111 -16.08 -17.93 30.42
CA VAL H 111 -14.84 -17.40 30.97
C VAL H 111 -15.30 -16.55 32.15
N PRO H 112 -15.00 -17.00 33.37
CA PRO H 112 -15.35 -16.35 34.64
C PRO H 112 -14.78 -14.97 34.90
N LYS H 113 -15.65 -14.07 35.36
CA LYS H 113 -15.25 -12.69 35.64
C LYS H 113 -14.10 -12.65 36.60
N GLY H 114 -13.18 -11.73 36.39
CA GLY H 114 -12.04 -11.62 37.29
C GLY H 114 -10.72 -12.11 36.74
N CYS H 115 -10.74 -12.83 35.62
CA CYS H 115 -9.47 -13.30 35.11
C CYS H 115 -9.00 -12.51 33.91
N ILE H 116 -7.75 -12.74 33.52
CA ILE H 116 -7.20 -12.06 32.37
C ILE H 116 -7.04 -13.06 31.23
N PHE H 117 -7.94 -13.00 30.25
CA PHE H 117 -7.91 -13.95 29.15
C PHE H 117 -7.69 -13.43 27.74
N GLY H 118 -7.16 -14.32 26.92
CA GLY H 118 -6.89 -13.99 25.53
C GLY H 118 -7.43 -15.15 24.72
N SER H 119 -7.06 -15.23 23.45
CA SER H 119 -7.56 -16.32 22.65
C SER H 119 -7.00 -16.30 21.26
N ALA H 120 -6.76 -17.49 20.72
CA ALA H 120 -6.22 -17.60 19.39
C ALA H 120 -6.79 -18.84 18.71
N ASN H 122 -6.63 -22.35 16.70
CA ASN H 122 -5.73 -23.49 16.79
C ASN H 122 -5.14 -23.82 15.42
N GLN H 123 -5.61 -23.09 14.39
CA GLN H 123 -5.19 -23.30 13.00
C GLN H 123 -5.41 -22.03 12.13
N ASP H 124 -4.59 -21.82 11.10
CA ASP H 124 -4.76 -20.66 10.23
C ASP H 124 -6.19 -20.64 9.67
N GLY H 125 -6.59 -19.50 9.10
CA GLY H 125 -7.93 -19.38 8.55
C GLY H 125 -8.72 -18.27 9.23
N PHE H 126 -9.98 -18.55 9.57
CA PHE H 126 -10.78 -17.55 10.24
C PHE H 126 -11.57 -18.27 11.33
N SER H 127 -12.20 -17.49 12.21
CA SER H 127 -12.95 -18.07 13.30
C SER H 127 -14.01 -17.10 13.81
N LEU H 128 -15.26 -17.52 13.83
CA LEU H 128 -16.35 -16.66 14.28
C LEU H 128 -17.04 -17.27 15.49
N VAL H 129 -17.23 -16.45 16.52
CA VAL H 129 -17.84 -16.90 17.76
C VAL H 129 -19.00 -15.99 18.14
N GLY H 130 -19.63 -16.26 19.27
CA GLY H 130 -20.71 -15.43 19.74
C GLY H 130 -20.43 -15.22 21.21
N CYS H 131 -20.34 -13.97 21.68
CA CYS H 131 -20.06 -13.73 23.09
C CYS H 131 -21.24 -13.11 23.84
N VAL H 133 -22.10 -11.28 27.63
CA VAL H 133 -21.71 -10.85 28.98
C VAL H 133 -23.03 -10.45 29.62
N SER H 134 -23.35 -10.96 30.80
CA SER H 134 -24.63 -10.63 31.38
C SER H 134 -24.73 -9.16 31.74
N PRO H 135 -24.04 -8.73 32.81
CA PRO H 135 -24.23 -7.29 33.02
C PRO H 135 -23.75 -6.59 31.75
N GLY H 136 -24.71 -6.09 30.97
CA GLY H 136 -24.41 -5.40 29.72
C GLY H 136 -23.02 -4.81 29.65
N PHE H 137 -22.27 -5.24 28.66
CA PHE H 137 -20.92 -4.74 28.51
C PHE H 137 -20.81 -3.25 28.28
N THR H 138 -19.98 -2.60 29.09
CA THR H 138 -19.68 -1.17 28.96
C THR H 138 -18.16 -1.23 29.02
N PHE H 139 -17.49 -0.11 28.76
CA PHE H 139 -16.05 -0.14 28.82
C PHE H 139 -15.47 0.10 30.20
N ASP H 140 -16.34 0.41 31.16
CA ASP H 140 -15.89 0.60 32.52
C ASP H 140 -15.98 -0.77 33.16
N ASP H 141 -16.13 -1.79 32.32
CA ASP H 141 -16.21 -3.17 32.78
C ASP H 141 -15.23 -3.96 31.92
N PHE H 142 -14.29 -3.21 31.34
CA PHE H 142 -13.28 -3.77 30.45
C PHE H 142 -11.92 -3.18 30.81
N GLU H 143 -10.87 -3.98 30.78
CA GLU H 143 -9.53 -3.51 31.08
C GLU H 143 -8.53 -4.34 30.30
N LEU H 144 -7.89 -3.74 29.31
CA LEU H 144 -6.91 -4.44 28.50
C LEU H 144 -5.56 -4.32 29.27
N PHE H 145 -4.56 -5.12 28.92
CA PHE H 145 -3.31 -5.06 29.66
C PHE H 145 -2.07 -4.99 28.83
N SER H 146 -1.11 -4.24 29.36
CA SER H 146 0.19 -4.04 28.74
C SER H 146 1.03 -5.34 28.80
N GLN H 147 1.89 -5.55 27.82
CA GLN H 147 2.72 -6.74 27.86
C GLN H 147 3.65 -6.62 29.06
N GLU H 148 4.03 -5.38 29.36
CA GLU H 148 4.90 -5.10 30.50
C GLU H 148 4.12 -5.38 31.78
N ALA H 149 2.95 -4.76 31.89
CA ALA H 149 2.13 -4.94 33.07
C ALA H 149 1.89 -6.43 33.32
N LEU H 150 1.97 -7.24 32.26
CA LEU H 150 1.73 -8.69 32.36
C LEU H 150 2.97 -9.54 32.57
N LEU H 151 4.14 -9.01 32.26
CA LEU H 151 5.38 -9.75 32.46
C LEU H 151 5.87 -9.52 33.89
N ALA H 152 5.47 -8.38 34.47
CA ALA H 152 5.83 -8.02 35.84
C ALA H 152 5.10 -8.98 36.77
N TYR H 154 2.83 -12.36 37.02
CA TYR H 154 2.90 -13.57 36.18
C TYR H 154 4.15 -13.71 35.29
N PRO H 155 5.36 -13.51 35.85
CA PRO H 155 6.57 -13.64 35.00
C PRO H 155 6.74 -15.07 34.46
N GLN H 156 6.13 -16.03 35.15
CA GLN H 156 6.19 -17.43 34.75
C GLN H 156 5.56 -17.71 33.41
N HIS H 157 4.75 -16.77 32.92
CA HIS H 157 4.07 -16.95 31.64
C HIS H 157 4.57 -16.04 30.53
N LYS H 158 5.89 -15.89 30.44
CA LYS H 158 6.48 -15.05 29.41
C LYS H 158 5.92 -15.50 28.05
N ALA H 159 6.31 -16.69 27.60
CA ALA H 159 5.88 -17.23 26.32
C ALA H 159 4.44 -16.95 25.90
N VAL H 160 3.49 -17.28 26.77
CA VAL H 160 2.08 -17.06 26.43
C VAL H 160 1.69 -15.58 26.46
N VAL H 161 2.20 -14.84 27.44
CA VAL H 161 1.88 -13.42 27.56
C VAL H 161 2.44 -12.59 26.41
N GLN H 162 3.23 -13.22 25.55
CA GLN H 162 3.79 -12.52 24.41
C GLN H 162 2.96 -12.84 23.18
N LYS H 163 2.22 -13.94 23.25
CA LYS H 163 1.38 -14.35 22.14
C LYS H 163 0.05 -13.60 22.17
N LEU H 164 -0.32 -13.13 23.35
CA LEU H 164 -1.57 -12.42 23.52
C LEU H 164 -1.42 -11.01 24.08
N SER H 165 -0.30 -10.37 23.81
CA SER H 165 -0.03 -9.01 24.28
C SER H 165 1.03 -8.32 23.45
N ARG H 166 0.81 -7.03 23.19
CA ARG H 166 1.77 -6.24 22.44
C ARG H 166 2.43 -5.33 23.47
N PRO H 167 3.66 -4.89 23.20
CA PRO H 167 4.41 -4.01 24.11
C PRO H 167 3.88 -2.58 24.33
N GLU H 168 4.28 -1.99 25.45
CA GLU H 168 3.90 -0.63 25.86
C GLU H 168 2.37 -0.39 25.98
N GLN I 12 42.56 8.69 -5.40
CA GLN I 12 42.27 9.25 -6.71
C GLN I 12 40.90 9.95 -6.73
N ASN I 13 40.77 10.97 -7.57
CA ASN I 13 39.52 11.71 -7.67
C ASN I 13 38.99 11.60 -9.11
N ALA I 14 37.85 12.23 -9.37
CA ALA I 14 37.24 12.20 -10.70
C ALA I 14 38.24 12.50 -11.81
N ASP I 15 38.85 13.68 -11.72
CA ASP I 15 39.83 14.11 -12.72
C ASP I 15 40.82 13.01 -13.09
N ASP I 16 41.40 12.37 -12.09
CA ASP I 16 42.39 11.32 -12.27
C ASP I 16 41.96 10.16 -13.17
N PHE I 17 40.67 9.85 -13.18
CA PHE I 17 40.19 8.76 -14.03
C PHE I 17 39.89 9.26 -15.42
N ILE I 18 39.11 10.34 -15.51
CA ILE I 18 38.78 10.90 -16.81
C ILE I 18 40.10 11.27 -17.50
N LYS I 19 41.15 11.38 -16.69
CA LYS I 19 42.50 11.71 -17.16
C LYS I 19 43.16 10.54 -17.87
N PHE I 20 43.28 9.41 -17.17
CA PHE I 20 43.92 8.22 -17.73
C PHE I 20 43.06 7.47 -18.75
N LEU I 21 41.85 7.06 -18.34
CA LEU I 21 40.95 6.32 -19.21
C LEU I 21 40.62 7.06 -20.50
N GLU I 22 40.94 8.35 -20.52
CA GLU I 22 40.68 9.17 -21.69
C GLU I 22 39.19 9.26 -22.01
N LEU I 23 38.42 9.58 -20.98
CA LEU I 23 36.97 9.69 -21.09
C LEU I 23 36.53 10.93 -21.87
N GLU I 24 35.34 10.85 -22.47
CA GLU I 24 34.75 11.92 -23.25
C GLU I 24 33.30 12.02 -22.85
N GLN I 25 32.71 13.19 -23.07
CA GLN I 25 31.30 13.40 -22.73
C GLN I 25 30.44 12.46 -23.56
N HIS I 26 29.52 11.77 -22.89
CA HIS I 26 28.62 10.89 -23.59
C HIS I 26 27.33 11.68 -23.76
N VAL I 27 26.75 11.62 -24.95
CA VAL I 27 25.54 12.34 -25.26
C VAL I 27 24.46 12.28 -24.20
N GLU I 28 24.32 11.15 -23.53
CA GLU I 28 23.29 11.01 -22.49
C GLU I 28 23.76 11.52 -21.13
N GLY I 29 24.90 12.21 -21.13
CA GLY I 29 25.44 12.72 -19.89
C GLY I 29 26.58 11.82 -19.49
N GLY I 30 27.48 12.33 -18.64
CA GLY I 30 28.62 11.54 -18.19
C GLY I 30 29.79 11.48 -19.15
N PHE I 31 30.66 10.50 -18.94
CA PHE I 31 31.85 10.32 -19.77
C PHE I 31 32.05 8.85 -20.13
N TYR I 32 32.63 8.60 -21.31
CA TYR I 32 32.82 7.22 -21.75
C TYR I 32 34.03 7.07 -22.64
N ARG I 33 34.39 5.82 -22.91
CA ARG I 33 35.51 5.50 -23.78
C ARG I 33 35.32 4.04 -24.15
N SER I 34 35.42 3.73 -25.43
CA SER I 34 35.24 2.35 -25.87
C SER I 34 36.38 1.46 -25.41
N SER I 35 36.31 0.98 -24.18
CA SER I 35 37.32 0.09 -23.61
C SER I 35 37.74 -0.99 -24.60
N TYR I 36 36.81 -1.90 -24.91
CA TYR I 36 37.07 -2.98 -25.87
C TYR I 36 35.83 -3.30 -26.71
N ARG I 37 36.04 -3.99 -27.82
CA ARG I 37 34.95 -4.38 -28.68
C ARG I 37 35.31 -5.67 -29.40
N SER I 38 34.34 -6.58 -29.50
CA SER I 38 34.52 -7.88 -30.13
C SER I 38 35.02 -7.86 -31.57
N GLU I 39 35.60 -8.98 -32.00
CA GLU I 39 36.11 -9.12 -33.37
C GLU I 39 35.25 -10.13 -34.15
N THR I 40 34.07 -10.42 -33.62
CA THR I 40 33.14 -11.34 -34.26
C THR I 40 31.92 -10.50 -34.60
N ALA I 41 31.34 -10.73 -35.78
CA ALA I 41 30.20 -9.92 -36.21
C ALA I 41 28.82 -10.57 -36.17
N PHE I 42 27.96 -10.07 -35.29
CA PHE I 42 26.59 -10.57 -35.17
C PHE I 42 25.95 -10.20 -36.52
N ASP I 43 26.29 -9.02 -37.00
CA ASP I 43 25.85 -8.48 -38.29
C ASP I 43 27.10 -7.89 -38.93
N PRO I 44 27.16 -7.83 -40.28
CA PRO I 44 28.36 -7.24 -40.87
C PRO I 44 28.44 -5.74 -40.58
N SER I 45 27.60 -5.28 -39.66
CA SER I 45 27.55 -3.87 -39.27
C SER I 45 27.56 -3.78 -37.75
N ARG I 46 27.23 -4.89 -37.10
CA ARG I 46 27.19 -4.98 -35.63
C ARG I 46 28.28 -5.92 -35.12
N GLN I 47 28.67 -5.77 -33.86
CA GLN I 47 29.69 -6.63 -33.27
C GLN I 47 29.08 -7.58 -32.24
N LEU I 48 29.83 -8.61 -31.86
CA LEU I 48 29.35 -9.57 -30.90
C LEU I 48 29.03 -8.91 -29.57
N TRP I 49 29.76 -7.83 -29.27
CA TRP I 49 29.57 -7.10 -28.04
C TRP I 49 30.45 -5.86 -28.00
N SER I 50 30.00 -4.84 -27.28
CA SER I 50 30.78 -3.61 -27.16
C SER I 50 30.83 -3.21 -25.69
N SER I 51 32.02 -2.89 -25.21
CA SER I 51 32.16 -2.49 -23.83
C SER I 51 32.73 -1.08 -23.74
N ILE I 52 32.51 -0.45 -22.59
CA ILE I 52 33.01 0.90 -22.35
C ILE I 52 33.23 1.13 -20.85
N TYR I 53 33.75 2.31 -20.56
CA TYR I 53 33.97 2.78 -19.21
C TYR I 53 32.91 3.87 -19.17
N PHE I 54 32.35 4.16 -18.00
CA PHE I 54 31.34 5.20 -17.89
C PHE I 54 31.54 5.89 -16.55
N LEU I 55 31.62 7.22 -16.56
CA LEU I 55 31.87 7.97 -15.34
C LEU I 55 30.85 9.09 -15.11
N LEU I 56 30.19 9.04 -13.96
CA LEU I 56 29.19 10.02 -13.59
C LEU I 56 29.78 10.91 -12.49
N ARG I 57 29.78 12.22 -12.72
CA ARG I 57 30.33 13.17 -11.75
C ARG I 57 29.22 13.90 -10.99
N THR I 58 29.58 14.45 -9.84
CA THR I 58 28.65 15.16 -8.97
C THR I 58 27.57 15.96 -9.69
N GLY I 59 27.91 16.56 -10.82
CA GLY I 59 26.92 17.35 -11.54
C GLY I 59 26.04 16.60 -12.50
N GLU I 60 26.65 15.81 -13.38
CA GLU I 60 25.93 15.07 -14.41
C GLU I 60 25.25 13.77 -13.96
N VAL I 61 24.33 13.31 -14.81
CA VAL I 61 23.58 12.08 -14.58
C VAL I 61 23.12 11.50 -15.91
N SER I 62 23.01 10.17 -15.98
CA SER I 62 22.57 9.49 -17.21
C SER I 62 21.10 9.77 -17.49
N HIS I 63 20.83 10.51 -18.56
CA HIS I 63 19.47 10.88 -18.94
C HIS I 63 18.70 9.76 -19.63
N PHE I 64 17.47 9.55 -19.16
CA PHE I 64 16.57 8.53 -19.69
C PHE I 64 16.71 8.20 -21.17
N HIS I 65 17.18 6.98 -21.45
CA HIS I 65 17.37 6.50 -22.82
C HIS I 65 17.02 5.01 -22.91
N ARG I 66 17.10 4.44 -24.10
CA ARG I 66 16.76 3.02 -24.29
C ARG I 66 17.45 2.42 -25.52
N LEU I 67 17.93 1.17 -25.38
CA LEU I 67 18.62 0.51 -26.48
C LEU I 67 17.90 -0.70 -27.08
N THR I 68 18.50 -1.23 -28.12
CA THR I 68 18.01 -2.40 -28.85
C THR I 68 18.36 -3.65 -28.07
N ALA I 69 19.35 -3.54 -27.18
CA ALA I 69 19.80 -4.71 -26.42
C ALA I 69 20.02 -4.56 -24.92
N ASP I 70 20.35 -5.69 -24.30
CA ASP I 70 20.63 -5.77 -22.87
C ASP I 70 21.91 -5.01 -22.59
N GLU I 71 22.05 -4.48 -21.39
CA GLU I 71 23.28 -3.79 -21.06
C GLU I 71 23.72 -4.17 -19.68
N TRP I 73 26.03 -4.12 -16.32
CA TRP I 73 26.63 -3.05 -15.55
C TRP I 73 27.52 -3.63 -14.47
N TYR I 74 28.82 -3.36 -14.56
CA TYR I 74 29.75 -3.86 -13.57
C TYR I 74 30.25 -2.68 -12.79
N PHE I 75 30.11 -2.73 -11.46
CA PHE I 75 30.57 -1.64 -10.62
C PHE I 75 32.09 -1.62 -10.63
N HIS I 76 32.68 -0.43 -10.70
CA HIS I 76 34.13 -0.31 -10.71
C HIS I 76 34.61 0.42 -9.46
N ALA I 77 34.13 1.63 -9.26
CA ALA I 77 34.55 2.42 -8.11
C ALA I 77 33.78 3.72 -7.98
N GLY I 78 33.84 4.32 -6.80
CA GLY I 78 33.16 5.57 -6.57
C GLY I 78 31.78 5.36 -5.99
N GLN I 79 31.29 6.38 -5.29
CA GLN I 79 29.98 6.35 -4.66
C GLN I 79 28.95 5.50 -5.44
N SER I 80 28.19 4.73 -4.68
CA SER I 80 27.17 3.85 -5.21
C SER I 80 26.16 4.60 -6.06
N LEU I 81 25.74 3.98 -7.16
CA LEU I 81 24.76 4.58 -8.06
C LEU I 81 23.37 4.09 -7.73
N THR I 82 22.45 4.29 -8.66
CA THR I 82 21.07 3.86 -8.50
C THR I 82 20.50 3.86 -9.90
N ILE I 83 20.08 2.69 -10.36
CA ILE I 83 19.50 2.60 -11.68
C ILE I 83 18.01 2.85 -11.62
N TYR I 84 17.54 3.89 -12.31
CA TYR I 84 16.13 4.21 -12.32
C TYR I 84 15.54 3.71 -13.63
N ILE I 86 11.99 2.63 -15.96
CA ILE I 86 10.58 2.80 -16.22
C ILE I 86 10.18 1.80 -17.31
N SER I 87 9.48 0.74 -16.90
CA SER I 87 9.01 -0.30 -17.80
C SER I 87 8.23 0.28 -18.97
N PRO I 88 8.01 -0.53 -20.02
CA PRO I 88 7.26 -0.01 -21.16
C PRO I 88 5.84 0.40 -20.76
N GLU I 89 5.49 0.14 -19.50
CA GLU I 89 4.18 0.50 -18.97
C GLU I 89 4.29 1.79 -18.16
N GLY I 90 5.15 1.80 -17.16
CA GLY I 90 5.33 2.98 -16.35
C GLY I 90 5.63 2.64 -14.90
N GLU I 91 6.34 1.53 -14.69
CA GLU I 91 6.68 1.09 -13.35
C GLU I 91 8.16 1.33 -13.01
N LEU I 92 8.43 1.64 -11.74
CA LEU I 92 9.77 1.91 -11.24
C LEU I 92 10.57 0.64 -10.97
N THR I 93 11.90 0.79 -10.90
CA THR I 93 12.77 -0.34 -10.61
C THR I 93 14.05 0.22 -10.03
N THR I 94 13.95 0.69 -8.79
CA THR I 94 15.06 1.28 -8.06
C THR I 94 16.21 0.32 -7.78
N ALA I 95 17.07 0.12 -8.78
CA ALA I 95 18.21 -0.76 -8.63
C ALA I 95 19.36 0.00 -7.98
N GLN I 96 20.25 -0.72 -7.32
CA GLN I 96 21.39 -0.13 -6.64
C GLN I 96 22.69 -0.83 -7.04
N LEU I 97 23.67 -0.04 -7.50
CA LEU I 97 24.96 -0.58 -7.94
C LEU I 97 26.06 -0.11 -6.99
N GLY I 98 26.66 -1.05 -6.25
CA GLY I 98 27.71 -0.68 -5.33
C GLY I 98 28.31 -1.84 -4.57
N LEU I 99 29.27 -1.54 -3.70
CA LEU I 99 29.94 -2.57 -2.91
C LEU I 99 29.33 -2.75 -1.52
N ASP I 100 28.05 -2.40 -1.39
CA ASP I 100 27.36 -2.52 -0.11
C ASP I 100 26.36 -3.65 -0.08
N LEU I 101 26.38 -4.41 1.02
CA LEU I 101 25.49 -5.54 1.20
C LEU I 101 24.44 -5.23 2.26
N ALA I 102 24.72 -4.23 3.10
CA ALA I 102 23.77 -3.81 4.14
C ALA I 102 22.46 -3.53 3.41
N ALA I 103 22.57 -2.79 2.31
CA ALA I 103 21.45 -2.46 1.47
C ALA I 103 21.59 -3.32 0.20
N GLY I 104 20.59 -3.28 -0.67
CA GLY I 104 20.64 -4.08 -1.90
C GLY I 104 21.59 -3.59 -2.98
N GLU I 105 22.86 -3.41 -2.63
CA GLU I 105 23.88 -2.94 -3.57
C GLU I 105 24.80 -4.06 -4.07
N ARG I 106 24.37 -4.75 -5.13
CA ARG I 106 25.18 -5.82 -5.71
C ARG I 106 26.13 -5.21 -6.75
N PRO I 107 27.41 -5.64 -6.75
CA PRO I 107 28.45 -5.16 -7.67
C PRO I 107 28.11 -5.19 -9.15
N GLN I 108 27.07 -5.92 -9.52
CA GLN I 108 26.65 -6.01 -10.91
C GLN I 108 25.14 -5.90 -10.96
N PHE I 109 24.62 -5.80 -12.18
CA PHE I 109 23.19 -5.72 -12.41
C PHE I 109 22.96 -5.70 -13.90
N LEU I 110 21.73 -5.92 -14.33
CA LEU I 110 21.43 -5.90 -15.75
C LEU I 110 20.17 -5.13 -16.05
N VAL I 111 20.28 -4.22 -17.01
CA VAL I 111 19.15 -3.42 -17.44
C VAL I 111 18.78 -3.92 -18.81
N PRO I 112 17.58 -4.50 -18.95
CA PRO I 112 17.07 -5.05 -20.20
C PRO I 112 16.55 -3.99 -21.17
N LYS I 113 16.59 -4.34 -22.45
CA LYS I 113 16.14 -3.45 -23.52
C LYS I 113 14.69 -3.01 -23.35
N GLY I 114 14.23 -2.16 -24.25
CA GLY I 114 12.86 -1.68 -24.19
C GLY I 114 12.53 -0.71 -23.05
N CYS I 115 13.20 -0.86 -21.91
CA CYS I 115 12.91 0.03 -20.79
C CYS I 115 13.75 1.31 -20.82
N ILE I 116 13.09 2.44 -20.58
CA ILE I 116 13.75 3.75 -20.55
C ILE I 116 14.42 3.93 -19.20
N PHE I 117 15.74 3.94 -19.18
CA PHE I 117 16.47 4.06 -17.92
C PHE I 117 17.58 5.11 -17.87
N GLY I 118 18.11 5.27 -16.66
CA GLY I 118 19.18 6.20 -16.40
C GLY I 118 19.65 5.97 -14.98
N SER I 119 20.70 6.67 -14.57
CA SER I 119 21.21 6.50 -13.21
C SER I 119 21.74 7.81 -12.66
N ALA I 120 22.08 7.80 -11.37
CA ALA I 120 22.61 8.98 -10.70
C ALA I 120 23.21 8.58 -9.37
N ASN I 122 24.67 8.40 -5.51
CA ASN I 122 23.94 8.58 -4.26
C ASN I 122 24.47 9.87 -3.64
N GLN I 123 25.80 9.95 -3.53
CA GLN I 123 26.50 11.09 -2.97
C GLN I 123 27.36 11.73 -4.06
N ASP I 124 28.02 12.85 -3.75
CA ASP I 124 28.85 13.54 -4.73
C ASP I 124 30.10 12.72 -5.10
N GLY I 125 31.17 13.42 -5.49
CA GLY I 125 32.41 12.76 -5.84
C GLY I 125 32.48 12.25 -7.27
N PHE I 126 32.80 10.97 -7.44
CA PHE I 126 32.88 10.36 -8.77
C PHE I 126 32.37 8.93 -8.78
N SER I 127 31.94 8.47 -9.95
CA SER I 127 31.42 7.11 -10.13
C SER I 127 31.88 6.48 -11.45
N LEU I 128 32.62 5.38 -11.36
CA LEU I 128 33.12 4.70 -12.55
C LEU I 128 32.45 3.33 -12.72
N VAL I 129 31.87 3.10 -13.88
CA VAL I 129 31.18 1.84 -14.13
C VAL I 129 31.62 1.18 -15.43
N GLY I 130 31.30 -0.10 -15.57
CA GLY I 130 31.65 -0.79 -16.80
C GLY I 130 30.32 -1.11 -17.47
N CYS I 131 30.25 -1.02 -18.78
CA CYS I 131 29.01 -1.32 -19.48
C CYS I 131 29.28 -2.14 -20.72
N VAL I 133 27.07 -4.40 -24.03
CA VAL I 133 25.85 -4.80 -24.74
C VAL I 133 26.36 -5.81 -25.74
N SER I 134 25.85 -7.04 -25.67
CA SER I 134 26.29 -8.07 -26.58
C SER I 134 25.88 -7.68 -27.97
N PRO I 135 24.58 -7.46 -28.19
CA PRO I 135 24.25 -7.08 -29.56
C PRO I 135 24.94 -5.71 -29.79
N GLY I 136 26.12 -5.74 -30.41
CA GLY I 136 26.90 -4.54 -30.67
C GLY I 136 26.22 -3.18 -30.59
N PHE I 137 26.87 -2.24 -29.93
CA PHE I 137 26.31 -0.90 -29.80
C PHE I 137 26.65 0.06 -30.92
N THR I 138 25.61 0.64 -31.51
CA THR I 138 25.72 1.63 -32.56
C THR I 138 24.65 2.64 -32.17
N PHE I 139 24.72 3.85 -32.69
CA PHE I 139 23.73 4.83 -32.32
C PHE I 139 22.37 4.58 -32.96
N ASP I 140 22.32 3.65 -33.90
CA ASP I 140 21.06 3.31 -34.54
C ASP I 140 20.22 2.62 -33.46
N ASP I 141 20.88 1.80 -32.66
CA ASP I 141 20.22 1.06 -31.59
C ASP I 141 20.21 1.88 -30.30
N PHE I 142 19.96 3.17 -30.46
CA PHE I 142 19.91 4.07 -29.32
C PHE I 142 18.84 5.12 -29.53
N GLU I 143 18.16 5.48 -28.45
CA GLU I 143 17.12 6.49 -28.53
C GLU I 143 17.19 7.33 -27.27
N LEU I 144 17.23 8.64 -27.46
CA LEU I 144 17.30 9.57 -26.34
C LEU I 144 16.07 10.46 -26.37
N PHE I 145 15.15 10.26 -25.44
CA PHE I 145 13.92 11.05 -25.38
C PHE I 145 14.11 12.24 -24.45
N SER I 146 13.30 13.27 -24.63
CA SER I 146 13.39 14.47 -23.81
C SER I 146 12.42 14.45 -22.62
N GLN I 147 12.54 15.44 -21.75
CA GLN I 147 11.67 15.54 -20.58
C GLN I 147 10.27 15.88 -21.08
N GLU I 148 10.20 16.32 -22.33
CA GLU I 148 8.94 16.66 -22.97
C GLU I 148 8.15 15.38 -23.16
N ALA I 149 8.57 14.57 -24.13
CA ALA I 149 7.92 13.32 -24.45
C ALA I 149 7.73 12.46 -23.20
N LEU I 150 8.78 12.38 -22.38
CA LEU I 150 8.73 11.59 -21.15
C LEU I 150 8.07 12.36 -20.02
N LEU I 151 6.88 12.89 -20.32
CA LEU I 151 6.07 13.66 -19.38
C LEU I 151 4.66 13.55 -19.95
N ALA I 152 4.58 13.47 -21.27
CA ALA I 152 3.32 13.32 -21.99
C ALA I 152 2.92 11.85 -21.84
N TYR I 154 3.82 8.61 -19.08
CA TYR I 154 4.38 8.37 -17.74
C TYR I 154 4.51 9.65 -16.90
N PRO I 155 3.42 10.42 -16.73
CA PRO I 155 3.43 11.66 -15.93
C PRO I 155 3.55 11.45 -14.43
N GLN I 156 3.25 10.25 -13.96
CA GLN I 156 3.32 9.97 -12.53
C GLN I 156 4.73 10.03 -11.98
N HIS I 157 5.72 9.82 -12.84
CA HIS I 157 7.12 9.84 -12.43
C HIS I 157 7.83 11.17 -12.68
N LYS I 158 7.07 12.25 -12.79
CA LYS I 158 7.63 13.58 -13.03
C LYS I 158 8.66 13.93 -11.97
N ALA I 159 8.49 13.36 -10.77
CA ALA I 159 9.42 13.61 -9.67
C ALA I 159 10.81 13.08 -9.98
N VAL I 160 10.90 12.09 -10.88
CA VAL I 160 12.19 11.52 -11.25
C VAL I 160 12.61 11.96 -12.65
N VAL I 161 11.64 12.25 -13.50
CA VAL I 161 11.92 12.68 -14.86
C VAL I 161 12.77 13.94 -14.85
N GLN I 162 12.54 14.79 -13.85
CA GLN I 162 13.25 16.06 -13.70
C GLN I 162 14.78 15.90 -13.75
N LYS I 163 15.33 15.16 -12.79
CA LYS I 163 16.76 14.95 -12.71
C LYS I 163 17.31 14.21 -13.93
N LEU I 164 16.81 13.01 -14.17
CA LEU I 164 17.28 12.19 -15.29
C LEU I 164 16.72 12.57 -16.66
N SER I 165 16.64 13.88 -16.93
CA SER I 165 16.15 14.37 -18.22
C SER I 165 16.29 15.89 -18.37
N ARG I 166 16.46 16.34 -19.62
CA ARG I 166 16.60 17.76 -19.92
C ARG I 166 15.44 18.24 -20.78
N PRO I 167 15.01 19.51 -20.58
CA PRO I 167 13.90 20.09 -21.36
C PRO I 167 14.23 20.32 -22.84
N GLU I 168 13.19 20.31 -23.68
CA GLU I 168 13.33 20.50 -25.12
C GLU I 168 14.07 19.36 -25.81
N GLN J 12 -0.65 -44.75 -7.38
CA GLN J 12 0.53 -44.99 -6.58
C GLN J 12 0.15 -44.74 -5.12
N ASN J 13 -0.71 -45.61 -4.60
CA ASN J 13 -1.19 -45.52 -3.22
C ASN J 13 -0.04 -45.70 -2.24
N ALA J 14 -0.25 -45.27 -0.99
CA ALA J 14 0.78 -45.39 0.04
C ALA J 14 1.07 -46.85 0.38
N ASP J 15 0.17 -47.74 -0.04
CA ASP J 15 0.34 -49.17 0.20
C ASP J 15 1.36 -49.75 -0.75
N ASP J 16 1.56 -49.07 -1.87
CA ASP J 16 2.51 -49.52 -2.88
C ASP J 16 3.92 -49.26 -2.33
N PHE J 17 4.08 -48.09 -1.74
CA PHE J 17 5.36 -47.71 -1.16
C PHE J 17 5.68 -48.52 0.09
N ILE J 18 4.70 -48.69 0.97
CA ILE J 18 4.95 -49.47 2.18
C ILE J 18 5.38 -50.89 1.86
N LYS J 19 4.80 -51.48 0.82
CA LYS J 19 5.14 -52.85 0.43
C LYS J 19 6.43 -52.91 -0.38
N PHE J 20 6.44 -52.22 -1.53
CA PHE J 20 7.62 -52.23 -2.38
C PHE J 20 8.93 -51.82 -1.70
N LEU J 21 8.84 -50.85 -0.79
CA LEU J 21 10.01 -50.37 -0.07
C LEU J 21 10.12 -51.11 1.26
N GLU J 22 9.08 -51.89 1.57
CA GLU J 22 9.03 -52.69 2.79
C GLU J 22 9.15 -51.85 4.06
N LEU J 23 8.33 -50.81 4.15
CA LEU J 23 8.33 -49.87 5.27
C LEU J 23 7.53 -50.34 6.48
N GLU J 24 8.03 -50.03 7.67
CA GLU J 24 7.38 -50.38 8.91
C GLU J 24 7.11 -49.12 9.71
N GLN J 25 6.35 -49.24 10.79
CA GLN J 25 6.00 -48.08 11.60
C GLN J 25 6.78 -47.94 12.90
N HIS J 26 7.48 -46.82 13.12
CA HIS J 26 8.15 -46.64 14.41
C HIS J 26 7.02 -46.10 15.29
N VAL J 27 7.25 -45.95 16.58
CA VAL J 27 6.17 -45.46 17.42
C VAL J 27 6.07 -43.94 17.33
N GLU J 28 7.07 -43.31 16.72
CA GLU J 28 7.11 -41.87 16.54
C GLU J 28 6.26 -41.44 15.34
N GLY J 29 5.42 -42.35 14.87
CA GLY J 29 4.59 -42.05 13.72
C GLY J 29 5.43 -42.16 12.47
N GLY J 30 4.81 -42.49 11.34
CA GLY J 30 5.57 -42.61 10.12
C GLY J 30 5.94 -44.03 9.76
N PHE J 31 6.28 -44.24 8.50
CA PHE J 31 6.65 -45.54 7.97
C PHE J 31 8.10 -45.55 7.44
N TYR J 32 9.02 -46.09 8.22
CA TYR J 32 10.41 -46.12 7.78
C TYR J 32 10.93 -47.44 7.23
N ARG J 33 12.24 -47.48 7.05
CA ARG J 33 12.97 -48.61 6.53
C ARG J 33 14.28 -47.95 6.15
N SER J 34 15.38 -48.38 6.76
CA SER J 34 16.67 -47.79 6.47
C SER J 34 17.14 -48.24 5.09
N SER J 35 17.50 -47.28 4.26
CA SER J 35 17.96 -47.61 2.92
C SER J 35 19.44 -47.93 2.93
N TYR J 36 20.28 -47.01 3.37
CA TYR J 36 21.72 -47.28 3.43
C TYR J 36 22.33 -46.54 4.61
N ARG J 37 23.51 -47.01 5.04
CA ARG J 37 24.23 -46.40 6.16
C ARG J 37 25.67 -46.46 5.71
N SER J 38 26.53 -45.64 6.33
CA SER J 38 27.93 -45.64 5.94
C SER J 38 28.69 -46.90 6.36
N GLU J 39 29.70 -47.25 5.59
CA GLU J 39 30.55 -48.40 5.90
C GLU J 39 31.83 -47.82 6.48
N THR J 40 31.78 -46.52 6.77
CA THR J 40 32.89 -45.78 7.33
C THR J 40 32.46 -45.39 8.73
N ALA J 41 33.43 -45.14 9.60
CA ALA J 41 33.12 -44.78 10.98
C ALA J 41 33.45 -43.34 11.32
N PHE J 42 32.59 -42.74 12.13
CA PHE J 42 32.76 -41.37 12.60
C PHE J 42 33.56 -41.54 13.86
N ASP J 43 32.86 -41.95 14.91
CA ASP J 43 33.48 -42.25 16.20
C ASP J 43 33.18 -43.74 16.30
N PRO J 44 33.93 -44.48 17.14
CA PRO J 44 33.63 -45.92 17.24
C PRO J 44 32.25 -46.14 17.88
N SER J 45 31.39 -45.14 17.74
CA SER J 45 30.05 -45.17 18.30
C SER J 45 28.98 -45.03 17.21
N ARG J 46 29.14 -44.01 16.37
CA ARG J 46 28.18 -43.76 15.28
C ARG J 46 28.81 -43.88 13.90
N GLN J 47 28.00 -44.33 12.93
CA GLN J 47 28.44 -44.46 11.54
C GLN J 47 28.72 -43.04 11.02
N LEU J 48 29.33 -42.93 9.85
CA LEU J 48 29.61 -41.61 9.30
C LEU J 48 28.32 -40.88 8.89
N TRP J 49 27.29 -41.66 8.55
CA TRP J 49 25.97 -41.13 8.18
C TRP J 49 25.03 -42.29 8.00
N SER J 50 23.74 -42.00 7.96
CA SER J 50 22.73 -43.03 7.78
C SER J 50 21.58 -42.43 6.97
N SER J 51 20.82 -43.28 6.29
CA SER J 51 19.71 -42.80 5.47
C SER J 51 18.54 -43.77 5.39
N ILE J 52 17.34 -43.25 5.66
CA ILE J 52 16.13 -44.04 5.62
C ILE J 52 15.09 -43.50 4.64
N TYR J 53 13.90 -44.10 4.72
CA TYR J 53 12.73 -43.72 3.93
C TYR J 53 11.69 -43.40 4.98
N PHE J 54 11.00 -42.28 4.83
CA PHE J 54 9.95 -41.95 5.79
C PHE J 54 8.72 -41.56 5.01
N LEU J 55 7.64 -42.30 5.21
CA LEU J 55 6.40 -42.04 4.50
C LEU J 55 5.35 -41.63 5.50
N LEU J 56 4.45 -40.75 5.07
CA LEU J 56 3.40 -40.25 5.94
C LEU J 56 2.03 -40.48 5.29
N ARG J 57 1.15 -41.12 6.03
CA ARG J 57 -0.20 -41.44 5.56
C ARG J 57 -1.22 -40.59 6.33
N THR J 58 -2.37 -40.31 5.72
CA THR J 58 -3.41 -39.49 6.33
C THR J 58 -3.54 -39.37 7.87
N GLY J 59 -3.86 -40.45 8.57
CA GLY J 59 -4.00 -40.33 10.02
C GLY J 59 -2.67 -40.36 10.77
N GLU J 60 -1.61 -40.02 10.06
CA GLU J 60 -0.25 -40.05 10.61
C GLU J 60 0.57 -38.77 10.52
N VAL J 61 1.40 -38.58 11.53
CA VAL J 61 2.30 -37.43 11.64
C VAL J 61 3.56 -37.86 12.39
N SER J 62 4.63 -37.08 12.25
CA SER J 62 5.88 -37.37 12.92
C SER J 62 5.91 -36.67 14.26
N HIS J 63 5.62 -37.40 15.34
CA HIS J 63 5.60 -36.85 16.69
C HIS J 63 6.83 -35.99 17.01
N PHE J 64 6.60 -34.97 17.84
CA PHE J 64 7.65 -34.06 18.29
C PHE J 64 8.80 -34.80 18.95
N HIS J 65 9.98 -34.65 18.39
CA HIS J 65 11.17 -35.29 18.92
C HIS J 65 12.40 -34.43 18.66
N ARG J 66 13.50 -34.80 19.28
CA ARG J 66 14.74 -34.07 19.11
C ARG J 66 15.87 -35.05 18.84
N LEU J 67 16.77 -34.69 17.95
CA LEU J 67 17.91 -35.52 17.63
C LEU J 67 19.11 -34.78 18.16
N THR J 68 20.25 -35.43 18.12
CA THR J 68 21.44 -34.84 18.62
C THR J 68 22.27 -34.46 17.41
N ALA J 69 21.72 -34.73 16.23
CA ALA J 69 22.42 -34.41 14.99
C ALA J 69 21.55 -33.72 13.95
N ASP J 70 22.22 -33.13 12.96
CA ASP J 70 21.54 -32.42 11.88
C ASP J 70 20.93 -33.44 10.95
N GLU J 71 19.67 -33.28 10.62
CA GLU J 71 18.99 -34.20 9.72
C GLU J 71 18.55 -33.54 8.41
N TRP J 73 16.44 -33.52 4.94
CA TRP J 73 15.22 -34.08 4.37
C TRP J 73 15.20 -33.82 2.87
N TYR J 74 14.89 -34.84 2.09
CA TYR J 74 14.80 -34.71 0.63
C TYR J 74 13.41 -35.17 0.18
N PHE J 75 12.62 -34.27 -0.39
CA PHE J 75 11.28 -34.63 -0.86
C PHE J 75 11.36 -35.71 -1.97
N HIS J 76 10.48 -36.72 -1.91
CA HIS J 76 10.51 -37.79 -2.92
C HIS J 76 9.22 -37.90 -3.76
N ALA J 77 8.06 -37.74 -3.13
CA ALA J 77 6.80 -37.82 -3.86
C ALA J 77 5.58 -37.49 -3.01
N GLY J 78 4.40 -37.56 -3.62
CA GLY J 78 3.17 -37.29 -2.90
C GLY J 78 2.99 -35.87 -2.40
N GLN J 79 2.16 -35.74 -1.38
CA GLN J 79 1.83 -34.45 -0.74
C GLN J 79 3.02 -33.69 -0.16
N SER J 80 2.91 -32.37 -0.08
CA SER J 80 3.99 -31.55 0.48
C SER J 80 3.87 -31.53 2.00
N LEU J 81 4.99 -31.33 2.69
CA LEU J 81 4.99 -31.34 4.14
C LEU J 81 5.33 -30.02 4.82
N THR J 82 4.82 -29.88 6.04
CA THR J 82 5.09 -28.72 6.86
C THR J 82 5.89 -29.25 8.04
N ILE J 83 7.17 -28.88 8.09
CA ILE J 83 8.03 -29.32 9.17
C ILE J 83 8.00 -28.27 10.28
N TYR J 84 7.46 -28.64 11.44
CA TYR J 84 7.36 -27.73 12.59
C TYR J 84 8.55 -27.87 13.54
N ILE J 86 10.47 -26.34 17.12
CA ILE J 86 10.39 -25.50 18.31
C ILE J 86 11.79 -25.38 18.89
N SER J 87 12.32 -24.16 18.95
CA SER J 87 13.66 -23.94 19.49
C SER J 87 13.70 -24.17 20.99
N PRO J 88 14.91 -24.32 21.57
CA PRO J 88 14.98 -24.55 23.02
C PRO J 88 14.46 -23.35 23.82
N GLU J 89 14.52 -22.16 23.20
CA GLU J 89 14.02 -20.95 23.85
C GLU J 89 12.52 -20.82 23.63
N GLY J 90 11.92 -21.88 23.08
CA GLY J 90 10.49 -21.89 22.85
C GLY J 90 9.90 -21.35 21.56
N GLU J 91 10.75 -20.89 20.64
CA GLU J 91 10.27 -20.31 19.37
C GLU J 91 9.85 -21.33 18.31
N LEU J 92 8.63 -21.21 17.82
CA LEU J 92 8.12 -22.10 16.79
C LEU J 92 8.28 -21.53 15.39
N THR J 93 8.98 -22.26 14.52
CA THR J 93 9.16 -21.84 13.15
C THR J 93 8.61 -22.99 12.32
N THR J 94 8.58 -22.85 11.00
CA THR J 94 8.11 -23.96 10.17
C THR J 94 8.76 -23.92 8.79
N ALA J 95 8.66 -25.03 8.06
CA ALA J 95 9.21 -25.09 6.72
C ALA J 95 8.26 -25.88 5.85
N GLN J 96 8.42 -25.73 4.54
CA GLN J 96 7.56 -26.44 3.60
C GLN J 96 8.47 -27.26 2.72
N LEU J 97 8.19 -28.57 2.65
CA LEU J 97 9.00 -29.45 1.84
C LEU J 97 8.17 -30.01 0.69
N GLY J 98 8.53 -29.67 -0.55
CA GLY J 98 7.78 -30.16 -1.69
C GLY J 98 8.33 -29.67 -3.01
N LEU J 99 7.48 -29.56 -4.01
CA LEU J 99 7.92 -29.13 -5.33
C LEU J 99 7.20 -27.89 -5.89
N ASP J 100 6.31 -27.30 -5.09
CA ASP J 100 5.57 -26.11 -5.51
C ASP J 100 6.45 -24.91 -5.20
N LEU J 101 7.40 -24.65 -6.08
CA LEU J 101 8.32 -23.53 -5.90
C LEU J 101 7.62 -22.18 -5.72
N ALA J 102 6.46 -22.01 -6.36
CA ALA J 102 5.68 -20.78 -6.27
C ALA J 102 5.41 -20.45 -4.82
N ALA J 103 4.89 -21.42 -4.07
CA ALA J 103 4.64 -21.21 -2.64
C ALA J 103 6.03 -21.28 -2.01
N GLY J 104 6.13 -21.18 -0.69
CA GLY J 104 7.44 -21.23 -0.08
C GLY J 104 8.21 -22.54 -0.28
N GLU J 105 7.50 -23.58 -0.72
CA GLU J 105 8.05 -24.92 -0.93
C GLU J 105 9.37 -25.14 -1.66
N ARG J 106 10.19 -26.01 -1.06
CA ARG J 106 11.51 -26.37 -1.57
C ARG J 106 11.63 -27.91 -1.46
N PRO J 107 12.52 -28.53 -2.25
CA PRO J 107 12.69 -29.99 -2.21
C PRO J 107 13.64 -30.52 -1.12
N GLN J 108 14.51 -29.65 -0.60
CA GLN J 108 15.45 -30.03 0.46
C GLN J 108 15.40 -29.05 1.62
N PHE J 109 15.58 -29.56 2.83
CA PHE J 109 15.55 -28.72 4.02
C PHE J 109 16.33 -29.36 5.15
N LEU J 110 17.15 -28.56 5.83
CA LEU J 110 17.92 -29.05 6.97
C LEU J 110 17.21 -28.66 8.26
N VAL J 111 17.00 -29.63 9.15
CA VAL J 111 16.36 -29.37 10.42
C VAL J 111 17.47 -29.64 11.40
N PRO J 112 18.12 -28.55 11.86
CA PRO J 112 19.24 -28.55 12.79
C PRO J 112 19.05 -29.27 14.11
N LYS J 113 20.15 -29.82 14.60
CA LYS J 113 20.16 -30.55 15.85
C LYS J 113 19.81 -29.60 16.99
N GLY J 114 18.81 -29.98 17.78
CA GLY J 114 18.42 -29.17 18.93
C GLY J 114 16.95 -28.84 19.08
N CYS J 115 16.26 -28.68 17.96
CA CYS J 115 14.87 -28.34 18.04
C CYS J 115 14.07 -29.57 18.35
N ILE J 116 12.79 -29.36 18.59
CA ILE J 116 11.85 -30.43 18.87
C ILE J 116 10.91 -30.28 17.69
N PHE J 117 11.18 -31.04 16.64
CA PHE J 117 10.42 -30.90 15.43
C PHE J 117 9.50 -32.04 15.05
N GLY J 118 8.32 -31.66 14.57
CA GLY J 118 7.33 -32.62 14.14
C GLY J 118 7.27 -32.52 12.65
N SER J 119 6.21 -33.02 12.04
CA SER J 119 6.09 -32.98 10.60
C SER J 119 4.65 -33.35 10.23
N ALA J 120 4.13 -32.78 9.15
CA ALA J 120 2.76 -33.10 8.74
C ALA J 120 2.52 -32.77 7.28
N ASN J 122 0.66 -31.15 4.21
CA ASN J 122 -0.11 -29.92 4.09
C ASN J 122 -1.52 -30.25 3.63
N GLN J 123 -1.68 -31.43 3.04
CA GLN J 123 -2.97 -31.86 2.54
C GLN J 123 -3.16 -33.34 2.79
N ASP J 124 -4.38 -33.82 2.56
CA ASP J 124 -4.69 -35.23 2.75
C ASP J 124 -4.02 -36.02 1.62
N GLY J 125 -3.54 -37.23 1.93
CA GLY J 125 -2.89 -38.04 0.91
C GLY J 125 -1.77 -38.92 1.45
N PHE J 126 -0.57 -38.77 0.91
CA PHE J 126 0.60 -39.54 1.36
C PHE J 126 1.87 -38.78 1.02
N SER J 127 2.93 -38.99 1.79
CA SER J 127 4.18 -38.31 1.53
C SER J 127 5.37 -39.23 1.66
N LEU J 128 6.22 -39.28 0.64
CA LEU J 128 7.43 -40.08 0.76
C LEU J 128 8.57 -39.06 0.77
N VAL J 129 9.46 -39.24 1.73
CA VAL J 129 10.60 -38.37 1.96
C VAL J 129 11.85 -39.20 2.29
N GLY J 130 13.02 -38.60 2.14
CA GLY J 130 14.24 -39.28 2.50
C GLY J 130 14.86 -38.47 3.64
N CYS J 131 15.51 -39.14 4.59
CA CYS J 131 16.13 -38.40 5.69
C CYS J 131 17.54 -38.88 5.93
N VAL J 133 20.65 -38.23 8.60
CA VAL J 133 21.24 -37.59 9.77
C VAL J 133 22.70 -38.00 9.66
N SER J 134 23.60 -37.02 9.57
CA SER J 134 25.01 -37.34 9.38
C SER J 134 25.63 -38.16 10.48
N PRO J 135 25.72 -37.61 11.70
CA PRO J 135 26.33 -38.58 12.62
C PRO J 135 25.32 -39.72 12.77
N GLY J 136 25.51 -40.76 11.95
CA GLY J 136 24.65 -41.92 11.93
C GLY J 136 23.63 -42.03 13.03
N PHE J 137 22.36 -42.01 12.67
CA PHE J 137 21.33 -42.10 13.67
C PHE J 137 21.35 -43.40 14.46
N THR J 138 21.12 -43.28 15.77
CA THR J 138 21.05 -44.40 16.72
C THR J 138 20.15 -43.81 17.79
N PHE J 139 19.22 -44.59 18.35
CA PHE J 139 18.33 -44.03 19.36
C PHE J 139 18.96 -43.44 20.63
N ASP J 140 20.27 -43.30 20.68
CA ASP J 140 20.89 -42.68 21.84
C ASP J 140 20.93 -41.19 21.48
N ASP J 141 20.47 -40.89 20.27
CA ASP J 141 20.42 -39.53 19.77
C ASP J 141 18.98 -39.22 19.35
N PHE J 142 18.02 -39.86 20.00
CA PHE J 142 16.62 -39.64 19.67
C PHE J 142 15.80 -39.44 20.91
N GLU J 143 15.31 -38.22 21.11
CA GLU J 143 14.47 -37.91 22.26
C GLU J 143 13.03 -37.72 21.80
N LEU J 144 12.12 -38.54 22.34
CA LEU J 144 10.70 -38.45 22.01
C LEU J 144 10.04 -37.87 23.25
N PHE J 145 9.03 -37.02 23.07
CA PHE J 145 8.35 -36.39 24.21
C PHE J 145 6.86 -36.64 24.30
N SER J 146 6.34 -36.59 25.53
CA SER J 146 4.92 -36.81 25.80
C SER J 146 4.13 -35.52 25.66
N GLN J 147 2.88 -35.62 25.21
CA GLN J 147 2.09 -34.43 25.04
C GLN J 147 2.00 -33.57 26.29
N GLU J 148 1.93 -34.21 27.45
CA GLU J 148 1.84 -33.48 28.71
C GLU J 148 3.11 -32.67 28.96
N ALA J 149 4.25 -33.31 28.75
CA ALA J 149 5.52 -32.63 28.95
C ALA J 149 5.65 -31.46 27.97
N LEU J 150 5.00 -31.58 26.82
CA LEU J 150 5.07 -30.56 25.78
C LEU J 150 4.07 -29.42 25.93
N LEU J 151 3.33 -29.41 27.02
CA LEU J 151 2.39 -28.34 27.29
C LEU J 151 2.88 -27.63 28.53
N ALA J 152 3.80 -28.28 29.24
CA ALA J 152 4.38 -27.69 30.44
C ALA J 152 5.40 -26.70 29.90
N TYR J 154 6.41 -24.73 26.53
CA TYR J 154 5.69 -24.31 25.32
C TYR J 154 4.15 -24.38 25.41
N PRO J 155 3.54 -23.75 26.43
CA PRO J 155 2.08 -23.78 26.57
C PRO J 155 1.40 -22.89 25.53
N GLN J 156 2.16 -21.98 24.94
CA GLN J 156 1.62 -21.07 23.92
C GLN J 156 1.35 -21.80 22.62
N HIS J 157 2.15 -22.84 22.35
CA HIS J 157 2.02 -23.63 21.13
C HIS J 157 1.17 -24.89 21.37
N LYS J 158 0.22 -24.76 22.29
CA LYS J 158 -0.66 -25.83 22.66
C LYS J 158 -1.28 -26.53 21.45
N ALA J 159 -1.79 -25.75 20.50
CA ALA J 159 -2.45 -26.31 19.31
C ALA J 159 -1.56 -27.16 18.41
N VAL J 160 -0.35 -26.68 18.16
CA VAL J 160 0.56 -27.42 17.30
C VAL J 160 1.16 -28.62 18.03
N VAL J 161 1.13 -28.58 19.37
CA VAL J 161 1.66 -29.69 20.19
C VAL J 161 0.64 -30.83 20.23
N GLN J 162 -0.64 -30.48 20.20
CA GLN J 162 -1.68 -31.49 20.21
C GLN J 162 -1.81 -32.17 18.85
N LYS J 163 -1.45 -31.46 17.79
CA LYS J 163 -1.54 -32.04 16.45
C LYS J 163 -0.33 -32.92 16.16
N LEU J 164 0.66 -32.89 17.05
CA LEU J 164 1.87 -33.68 16.88
C LEU J 164 2.20 -34.55 18.09
N SER J 165 1.17 -34.99 18.82
CA SER J 165 1.33 -35.83 20.01
C SER J 165 0.05 -36.58 20.37
N ARG J 166 0.17 -37.53 21.30
CA ARG J 166 -0.97 -38.32 21.78
C ARG J 166 -0.96 -38.28 23.30
N PRO J 167 -2.09 -37.91 23.93
CA PRO J 167 -2.15 -37.86 25.39
C PRO J 167 -2.14 -39.25 26.01
N GLU J 168 -2.67 -39.37 27.23
CA GLU J 168 -2.71 -40.66 27.92
C GLU J 168 -1.33 -41.31 28.00
#